data_2RPN
#
_entry.id   2RPN
#
loop_
_entity.id
_entity.type
_entity.pdbx_description
1 polymer 'Actin-binding protein'
2 polymer 'Actin-regulating kinase 1'
#
loop_
_entity_poly.entity_id
_entity_poly.type
_entity_poly.pdbx_seq_one_letter_code
_entity_poly.pdbx_strand_id
1 'polypeptide(L)' APWATAEYDYDAAEDNELTFVENDKIINIEFVDDDWWLGELEKDGSKGLFPSNYVSLGN A
2 'polypeptide(L)' AKKTKPTPPPKPSHLKPK B
#
# COMPACT_ATOMS: atom_id res chain seq x y z
N ALA A 1 -2.48 12.78 -7.70
CA ALA A 1 -1.53 12.36 -6.65
C ALA A 1 -0.48 11.41 -7.21
N PRO A 2 0.65 11.23 -6.49
CA PRO A 2 1.74 10.33 -6.90
C PRO A 2 1.25 8.90 -7.08
N TRP A 3 2.07 8.09 -7.70
CA TRP A 3 1.74 6.70 -7.97
C TRP A 3 2.90 5.78 -7.61
N ALA A 4 2.55 4.51 -7.46
CA ALA A 4 3.57 3.53 -7.11
C ALA A 4 3.26 2.14 -7.62
N THR A 5 4.25 1.29 -7.64
CA THR A 5 4.10 -0.09 -8.08
C THR A 5 4.36 -1.03 -6.92
N ALA A 6 3.67 -2.17 -6.92
CA ALA A 6 3.84 -3.18 -5.87
C ALA A 6 5.05 -4.05 -6.16
N GLU A 7 5.79 -4.36 -5.10
CA GLU A 7 6.98 -5.20 -5.22
C GLU A 7 6.80 -6.55 -4.51
N TYR A 8 5.72 -6.68 -3.74
CA TYR A 8 5.43 -7.89 -2.98
C TYR A 8 3.93 -8.08 -2.84
N ASP A 9 3.46 -9.33 -2.91
CA ASP A 9 2.05 -9.68 -2.80
C ASP A 9 1.55 -9.32 -1.42
N TYR A 10 1.12 -8.08 -1.28
CA TYR A 10 0.67 -7.58 0.01
C TYR A 10 -0.77 -7.98 0.32
N ASP A 11 -0.98 -8.55 1.50
CA ASP A 11 -2.32 -8.95 1.91
C ASP A 11 -2.80 -8.17 3.16
N ALA A 12 -2.91 -6.83 3.02
CA ALA A 12 -3.40 -5.93 4.10
C ALA A 12 -3.49 -6.58 5.48
N ALA A 13 -2.42 -6.44 6.26
CA ALA A 13 -2.36 -7.01 7.61
C ALA A 13 -3.41 -6.46 8.62
N GLU A 14 -3.90 -5.22 8.47
CA GLU A 14 -4.83 -4.65 9.48
C GLU A 14 -6.30 -4.40 9.08
N ASP A 15 -6.67 -4.67 7.84
CA ASP A 15 -8.06 -4.48 7.35
C ASP A 15 -8.11 -3.20 6.55
N ASN A 16 -7.91 -2.02 7.18
CA ASN A 16 -7.93 -0.83 6.32
C ASN A 16 -6.51 -0.53 5.90
N GLU A 17 -5.91 -1.47 5.23
CA GLU A 17 -4.70 -1.32 4.51
C GLU A 17 -5.08 -1.58 3.05
N LEU A 18 -4.23 -1.32 2.10
CA LEU A 18 -4.57 -1.66 0.73
C LEU A 18 -3.98 -3.04 0.53
N THR A 19 -4.34 -3.65 -0.58
CA THR A 19 -3.85 -4.98 -0.87
C THR A 19 -3.50 -5.08 -2.33
N PHE A 20 -2.33 -5.58 -2.61
CA PHE A 20 -1.90 -5.68 -3.98
C PHE A 20 -0.94 -6.84 -4.20
N VAL A 21 -0.78 -7.16 -5.47
CA VAL A 21 0.10 -8.23 -5.87
C VAL A 21 1.17 -7.70 -6.79
N GLU A 22 2.43 -8.05 -6.51
CA GLU A 22 3.58 -7.61 -7.26
C GLU A 22 3.29 -7.10 -8.65
N ASN A 23 4.07 -6.09 -9.02
CA ASN A 23 3.88 -5.47 -10.30
C ASN A 23 2.53 -4.75 -10.37
N ASP A 24 1.80 -4.69 -9.23
CA ASP A 24 0.51 -4.00 -9.19
C ASP A 24 0.79 -2.52 -9.21
N LYS A 25 0.02 -1.84 -10.03
CA LYS A 25 0.15 -0.43 -10.15
C LYS A 25 -0.75 0.28 -9.12
N ILE A 26 -0.23 1.32 -8.51
CA ILE A 26 -0.98 2.10 -7.51
C ILE A 26 -0.91 3.57 -7.90
N ILE A 27 -2.04 4.26 -7.77
CA ILE A 27 -2.13 5.66 -8.17
C ILE A 27 -2.95 6.47 -7.18
N ASN A 28 -2.90 7.78 -7.37
CA ASN A 28 -3.58 8.72 -6.50
C ASN A 28 -3.07 8.52 -5.10
N ILE A 29 -1.77 8.37 -5.03
CA ILE A 29 -1.10 8.15 -3.77
C ILE A 29 -1.10 9.42 -2.95
N GLU A 30 -1.23 9.28 -1.66
CA GLU A 30 -1.18 10.45 -0.80
C GLU A 30 -0.38 10.19 0.45
N PHE A 31 -0.04 11.28 1.11
CA PHE A 31 0.77 11.18 2.31
C PHE A 31 -0.03 11.32 3.58
N VAL A 32 -1.04 10.47 3.69
CA VAL A 32 -1.89 10.41 4.86
C VAL A 32 -1.03 10.15 6.09
N ASP A 33 -0.03 9.29 5.95
CA ASP A 33 0.88 9.00 7.04
C ASP A 33 2.31 8.95 6.49
N ASP A 34 3.29 9.18 7.34
CA ASP A 34 4.69 9.13 6.91
C ASP A 34 4.99 7.73 6.36
N ASP A 35 4.60 6.74 7.15
CA ASP A 35 4.89 5.34 6.85
C ASP A 35 3.86 4.63 5.98
N TRP A 36 2.58 4.92 6.17
CA TRP A 36 1.57 4.31 5.29
C TRP A 36 0.90 5.38 4.46
N TRP A 37 1.07 5.35 3.15
CA TRP A 37 0.45 6.31 2.27
C TRP A 37 -0.85 5.73 1.81
N LEU A 38 -1.69 6.52 1.19
CA LEU A 38 -2.95 6.04 0.73
C LEU A 38 -2.91 5.89 -0.77
N GLY A 39 -3.73 4.99 -1.27
CA GLY A 39 -3.69 4.79 -2.70
C GLY A 39 -5.02 4.75 -3.43
N GLU A 40 -4.87 4.30 -4.65
CA GLU A 40 -5.94 4.08 -5.61
C GLU A 40 -5.31 3.20 -6.68
N LEU A 41 -5.80 1.99 -6.90
CA LEU A 41 -5.15 1.15 -7.91
C LEU A 41 -5.57 1.52 -9.31
N GLU A 42 -4.62 1.85 -10.16
CA GLU A 42 -4.95 2.21 -11.52
C GLU A 42 -5.66 1.05 -12.23
N LYS A 43 -5.25 -0.19 -11.90
CA LYS A 43 -5.83 -1.36 -12.52
C LYS A 43 -7.29 -1.59 -12.09
N ASP A 44 -7.60 -1.46 -10.80
CA ASP A 44 -8.97 -1.72 -10.32
C ASP A 44 -9.60 -0.54 -9.57
N GLY A 45 -8.79 0.45 -9.24
CA GLY A 45 -9.31 1.61 -8.53
C GLY A 45 -9.49 1.39 -7.03
N SER A 46 -8.69 0.53 -6.43
CA SER A 46 -8.80 0.27 -5.00
C SER A 46 -7.96 1.26 -4.21
N LYS A 47 -8.51 1.75 -3.10
CA LYS A 47 -7.81 2.71 -2.24
C LYS A 47 -7.62 2.16 -0.84
N GLY A 48 -6.50 2.53 -0.22
CA GLY A 48 -6.23 2.09 1.13
C GLY A 48 -4.82 2.40 1.57
N LEU A 49 -4.59 2.44 2.87
CA LEU A 49 -3.26 2.73 3.38
C LEU A 49 -2.38 1.51 3.14
N PHE A 50 -1.14 1.72 2.76
CA PHE A 50 -0.22 0.62 2.45
C PHE A 50 1.13 0.91 3.05
N PRO A 51 1.93 -0.11 3.38
CA PRO A 51 3.22 0.17 3.95
C PRO A 51 4.15 0.44 2.80
N SER A 52 4.32 1.72 2.62
CA SER A 52 5.15 2.24 1.53
C SER A 52 6.38 1.36 1.17
N ASN A 53 6.86 0.55 2.14
CA ASN A 53 8.01 -0.33 1.91
C ASN A 53 7.62 -1.59 1.11
N TYR A 54 6.32 -1.87 1.03
CA TYR A 54 5.80 -3.00 0.27
C TYR A 54 5.63 -2.60 -1.20
N VAL A 55 5.86 -1.29 -1.49
CA VAL A 55 5.69 -0.74 -2.82
C VAL A 55 6.76 0.29 -3.16
N SER A 56 7.00 0.47 -4.45
CA SER A 56 7.96 1.45 -4.93
C SER A 56 7.22 2.60 -5.59
N LEU A 57 7.58 3.84 -5.23
CA LEU A 57 6.91 5.00 -5.81
C LEU A 57 7.42 5.27 -7.20
N GLY A 58 6.49 5.40 -8.13
CA GLY A 58 6.86 5.66 -9.51
C GLY A 58 7.17 7.12 -9.76
N ASN A 59 7.20 7.93 -8.70
CA ASN A 59 7.47 9.35 -8.84
C ASN A 59 8.78 9.73 -8.16
N ALA B 1 3.31 -17.45 3.84
CA ALA B 1 2.62 -17.40 2.53
C ALA B 1 3.13 -16.25 1.67
N LYS B 2 3.84 -16.60 0.59
CA LYS B 2 4.46 -15.63 -0.35
C LYS B 2 5.96 -15.87 -0.48
N LYS B 3 6.62 -15.83 0.69
CA LYS B 3 8.06 -16.06 0.81
C LYS B 3 8.86 -15.03 0.01
N THR B 4 9.00 -13.81 0.58
CA THR B 4 9.80 -12.70 -0.02
C THR B 4 9.07 -11.37 -0.04
N LYS B 5 8.28 -11.09 0.99
CA LYS B 5 7.62 -9.78 1.11
C LYS B 5 7.94 -9.17 2.47
N PRO B 6 8.37 -7.90 2.50
CA PRO B 6 8.66 -7.21 3.76
C PRO B 6 7.55 -7.44 4.77
N THR B 7 7.79 -7.15 6.03
CA THR B 7 6.75 -7.30 7.04
C THR B 7 6.03 -5.96 7.20
N PRO B 8 4.73 -5.87 6.83
CA PRO B 8 4.00 -4.59 6.93
C PRO B 8 4.26 -3.91 8.27
N PRO B 9 5.17 -2.92 8.27
CA PRO B 9 5.56 -2.21 9.50
C PRO B 9 4.38 -1.64 10.25
N PRO B 10 4.61 -1.20 11.49
CA PRO B 10 3.59 -0.60 12.34
C PRO B 10 2.63 0.28 11.55
N LYS B 11 1.49 0.58 12.13
CA LYS B 11 0.49 1.42 11.49
C LYS B 11 0.06 2.50 12.45
N PRO B 12 0.05 3.76 12.02
CA PRO B 12 -0.37 4.82 12.91
C PRO B 12 -1.81 4.54 13.32
N SER B 13 -1.97 4.30 14.62
CA SER B 13 -3.23 3.85 15.22
C SER B 13 -4.48 4.69 14.89
N HIS B 14 -4.28 5.84 14.27
CA HIS B 14 -5.39 6.70 13.87
C HIS B 14 -5.96 6.27 12.51
N LEU B 15 -5.34 5.27 11.89
CA LEU B 15 -5.81 4.81 10.57
C LEU B 15 -6.35 3.39 10.57
N LYS B 16 -7.17 3.05 11.56
CA LYS B 16 -7.77 1.72 11.63
C LYS B 16 -9.29 1.83 11.51
N PRO B 17 -9.96 0.77 11.04
CA PRO B 17 -11.42 0.77 10.87
C PRO B 17 -12.15 1.21 12.13
N LYS B 18 -13.36 1.74 11.98
CA LYS B 18 -14.14 2.16 13.14
C LYS B 18 -13.41 3.22 13.95
N ALA A 1 -2.79 12.49 -8.12
CA ALA A 1 -1.73 12.28 -7.10
C ALA A 1 -0.70 11.26 -7.59
N PRO A 2 0.46 11.17 -6.92
CA PRO A 2 1.54 10.24 -7.28
C PRO A 2 1.07 8.79 -7.38
N TRP A 3 1.89 7.96 -8.00
CA TRP A 3 1.55 6.56 -8.22
C TRP A 3 2.69 5.67 -7.77
N ALA A 4 2.35 4.45 -7.37
CA ALA A 4 3.34 3.51 -6.90
C ALA A 4 3.10 2.10 -7.40
N THR A 5 4.15 1.32 -7.41
CA THR A 5 4.08 -0.06 -7.84
C THR A 5 4.41 -0.97 -6.68
N ALA A 6 3.82 -2.15 -6.68
CA ALA A 6 4.06 -3.12 -5.62
C ALA A 6 5.28 -3.94 -5.94
N GLU A 7 6.10 -4.17 -4.93
CA GLU A 7 7.29 -4.97 -5.08
C GLU A 7 7.17 -6.29 -4.32
N TYR A 8 6.08 -6.41 -3.54
CA TYR A 8 5.77 -7.59 -2.77
C TYR A 8 4.26 -7.80 -2.70
N ASP A 9 3.82 -9.03 -2.78
CA ASP A 9 2.40 -9.38 -2.75
C ASP A 9 1.80 -9.06 -1.38
N TYR A 10 1.27 -7.84 -1.21
CA TYR A 10 0.72 -7.45 0.08
C TYR A 10 -0.71 -7.93 0.29
N ASP A 11 -0.93 -8.51 1.47
CA ASP A 11 -2.26 -8.96 1.86
C ASP A 11 -2.78 -8.21 3.13
N ALA A 12 -2.98 -6.87 3.02
CA ALA A 12 -3.49 -5.99 4.10
C ALA A 12 -3.47 -6.63 5.49
N ALA A 13 -2.50 -6.24 6.33
CA ALA A 13 -2.33 -6.78 7.67
C ALA A 13 -3.32 -6.22 8.73
N GLU A 14 -3.86 -5.01 8.55
CA GLU A 14 -4.76 -4.42 9.58
C GLU A 14 -6.24 -4.24 9.24
N ASP A 15 -6.65 -4.56 8.01
CA ASP A 15 -8.06 -4.46 7.55
C ASP A 15 -8.19 -3.22 6.69
N ASN A 16 -8.03 -2.01 7.27
CA ASN A 16 -8.16 -0.87 6.37
C ASN A 16 -6.79 -0.50 5.84
N GLU A 17 -6.19 -1.44 5.14
CA GLU A 17 -5.04 -1.23 4.33
C GLU A 17 -5.51 -1.49 2.91
N LEU A 18 -4.75 -1.13 1.92
CA LEU A 18 -5.10 -1.49 0.56
C LEU A 18 -4.40 -2.83 0.36
N THR A 19 -4.68 -3.51 -0.73
CA THR A 19 -4.08 -4.81 -0.93
C THR A 19 -3.68 -4.99 -2.37
N PHE A 20 -2.47 -5.44 -2.60
CA PHE A 20 -2.00 -5.55 -3.96
C PHE A 20 -0.96 -6.66 -4.13
N VAL A 21 -0.74 -7.00 -5.38
CA VAL A 21 0.22 -8.02 -5.77
C VAL A 21 1.25 -7.40 -6.69
N GLU A 22 2.53 -7.73 -6.46
CA GLU A 22 3.64 -7.18 -7.24
C GLU A 22 3.26 -6.75 -8.65
N ASN A 23 3.99 -5.75 -9.11
CA ASN A 23 3.71 -5.21 -10.43
C ASN A 23 2.33 -4.55 -10.46
N ASP A 24 1.67 -4.44 -9.28
CA ASP A 24 0.36 -3.81 -9.19
C ASP A 24 0.55 -2.31 -9.17
N LYS A 25 -0.21 -1.64 -10.02
CA LYS A 25 -0.13 -0.22 -10.13
C LYS A 25 -0.95 0.46 -9.03
N ILE A 26 -0.39 1.52 -8.48
CA ILE A 26 -1.06 2.30 -7.45
C ILE A 26 -1.05 3.76 -7.89
N ILE A 27 -2.21 4.38 -7.84
CA ILE A 27 -2.33 5.76 -8.29
C ILE A 27 -3.13 6.59 -7.29
N ASN A 28 -3.13 7.89 -7.51
CA ASN A 28 -3.78 8.82 -6.64
C ASN A 28 -3.19 8.68 -5.26
N ILE A 29 -1.87 8.60 -5.23
CA ILE A 29 -1.16 8.43 -3.98
C ILE A 29 -1.20 9.71 -3.17
N GLU A 30 -1.33 9.52 -1.89
CA GLU A 30 -1.33 10.66 -1.00
C GLU A 30 -0.52 10.31 0.22
N PHE A 31 -0.19 11.29 1.03
CA PHE A 31 0.62 11.01 2.20
C PHE A 31 -0.13 11.25 3.49
N VAL A 32 -1.18 10.46 3.67
CA VAL A 32 -2.00 10.51 4.86
C VAL A 32 -1.10 10.32 6.08
N ASP A 33 -0.05 9.52 5.93
CA ASP A 33 0.93 9.33 6.99
C ASP A 33 2.34 9.34 6.39
N ASP A 34 3.38 9.39 7.23
CA ASP A 34 4.77 9.38 6.73
C ASP A 34 5.12 7.99 6.21
N ASP A 35 4.82 6.99 7.00
CA ASP A 35 5.17 5.60 6.71
C ASP A 35 4.14 4.85 5.87
N TRP A 36 2.87 5.12 6.10
CA TRP A 36 1.83 4.53 5.28
C TRP A 36 1.12 5.67 4.54
N TRP A 37 1.22 5.73 3.22
CA TRP A 37 0.58 6.76 2.42
C TRP A 37 -0.67 6.14 1.84
N LEU A 38 -1.52 6.94 1.18
CA LEU A 38 -2.74 6.38 0.66
C LEU A 38 -2.71 6.25 -0.86
N GLY A 39 -3.51 5.30 -1.32
CA GLY A 39 -3.53 5.09 -2.75
C GLY A 39 -4.88 4.99 -3.40
N GLU A 40 -4.81 4.48 -4.62
CA GLU A 40 -5.95 4.20 -5.49
C GLU A 40 -5.37 3.28 -6.56
N LEU A 41 -5.83 2.05 -6.68
CA LEU A 41 -5.21 1.18 -7.69
C LEU A 41 -5.70 1.50 -9.09
N GLU A 42 -4.77 1.84 -9.96
CA GLU A 42 -5.12 2.16 -11.33
C GLU A 42 -5.83 0.97 -11.97
N LYS A 43 -5.35 -0.23 -11.66
CA LYS A 43 -5.91 -1.43 -12.26
C LYS A 43 -7.37 -1.70 -11.84
N ASP A 44 -7.70 -1.54 -10.56
CA ASP A 44 -9.07 -1.83 -10.10
C ASP A 44 -9.73 -0.66 -9.35
N GLY A 45 -8.98 0.40 -9.13
CA GLY A 45 -9.52 1.56 -8.45
C GLY A 45 -9.70 1.37 -6.95
N SER A 46 -8.83 0.58 -6.33
CA SER A 46 -8.94 0.34 -4.89
C SER A 46 -8.12 1.37 -4.13
N LYS A 47 -8.68 1.88 -3.02
CA LYS A 47 -7.99 2.89 -2.21
C LYS A 47 -7.75 2.39 -0.79
N GLY A 48 -6.67 2.87 -0.17
CA GLY A 48 -6.36 2.49 1.19
C GLY A 48 -4.94 2.87 1.57
N LEU A 49 -4.67 2.97 2.87
CA LEU A 49 -3.33 3.34 3.31
C LEU A 49 -2.45 2.15 3.06
N PHE A 50 -1.36 2.34 2.33
CA PHE A 50 -0.48 1.27 1.99
C PHE A 50 0.90 1.52 2.57
N PRO A 51 1.74 0.48 2.58
CA PRO A 51 3.07 0.51 3.15
C PRO A 51 4.18 1.11 2.30
N SER A 52 5.33 1.03 2.95
CA SER A 52 6.60 1.46 2.40
C SER A 52 7.42 0.29 1.90
N ASN A 53 7.75 -0.63 2.79
CA ASN A 53 8.59 -1.75 2.47
C ASN A 53 7.98 -2.69 1.44
N TYR A 54 6.65 -2.87 1.43
CA TYR A 54 6.03 -3.80 0.49
C TYR A 54 5.91 -3.14 -0.91
N VAL A 55 6.04 -1.79 -0.99
CA VAL A 55 5.86 -1.07 -2.28
C VAL A 55 6.89 0.04 -2.55
N SER A 56 7.02 0.37 -3.84
CA SER A 56 7.90 1.43 -4.30
C SER A 56 7.07 2.50 -5.03
N LEU A 57 7.47 3.77 -4.88
CA LEU A 57 6.74 4.88 -5.52
C LEU A 57 7.27 5.13 -6.94
N GLY A 58 6.35 5.22 -7.90
CA GLY A 58 6.72 5.45 -9.27
C GLY A 58 6.97 6.91 -9.58
N ASN A 59 6.99 7.76 -8.54
CA ASN A 59 7.22 9.19 -8.70
C ASN A 59 7.17 9.91 -7.35
N ALA B 1 7.67 -15.48 -9.37
CA ALA B 1 7.57 -14.10 -8.84
C ALA B 1 8.66 -13.83 -7.79
N LYS B 2 8.30 -13.16 -6.69
CA LYS B 2 9.29 -12.83 -5.67
C LYS B 2 9.04 -13.56 -4.36
N LYS B 3 9.09 -14.89 -4.36
CA LYS B 3 8.82 -15.62 -3.11
C LYS B 3 9.60 -15.02 -1.94
N THR B 4 8.84 -14.57 -0.95
CA THR B 4 9.35 -13.87 0.24
C THR B 4 8.84 -12.44 0.16
N LYS B 5 8.18 -11.97 1.21
CA LYS B 5 7.70 -10.60 1.25
C LYS B 5 7.95 -9.99 2.62
N PRO B 6 8.44 -8.75 2.67
CA PRO B 6 8.70 -8.03 3.92
C PRO B 6 7.60 -8.22 4.95
N THR B 7 7.84 -7.78 6.17
CA THR B 7 6.83 -7.82 7.21
C THR B 7 6.28 -6.41 7.39
N PRO B 8 5.00 -6.18 7.06
CA PRO B 8 4.42 -4.84 7.16
C PRO B 8 4.83 -4.11 8.42
N PRO B 9 5.48 -2.94 8.26
CA PRO B 9 5.95 -2.15 9.41
C PRO B 9 4.79 -1.60 10.21
N PRO B 10 5.08 -1.04 11.38
CA PRO B 10 4.07 -0.42 12.23
C PRO B 10 3.04 0.34 11.42
N LYS B 11 1.85 0.51 11.93
CA LYS B 11 0.78 1.23 11.23
C LYS B 11 0.17 2.26 12.15
N PRO B 12 0.10 3.52 11.74
CA PRO B 12 -0.45 4.54 12.59
C PRO B 12 -1.89 4.17 12.93
N SER B 13 -2.15 4.01 14.22
CA SER B 13 -3.43 3.52 14.73
C SER B 13 -4.66 4.38 14.41
N HIS B 14 -4.45 5.51 13.75
CA HIS B 14 -5.55 6.37 13.33
C HIS B 14 -6.06 5.92 11.94
N LEU B 15 -5.34 4.99 11.31
CA LEU B 15 -5.74 4.51 10.00
C LEU B 15 -6.26 3.08 10.05
N LYS B 16 -6.99 2.80 11.13
CA LYS B 16 -7.62 1.51 11.33
C LYS B 16 -9.12 1.67 11.11
N PRO B 17 -9.84 0.61 10.71
CA PRO B 17 -11.26 0.72 10.45
C PRO B 17 -12.08 0.66 11.74
N LYS B 18 -12.84 1.71 12.02
CA LYS B 18 -13.66 1.76 13.23
C LYS B 18 -14.96 2.51 12.98
N ALA A 1 -2.69 12.51 -7.75
CA ALA A 1 -1.62 12.26 -6.76
C ALA A 1 -0.58 11.28 -7.31
N PRO A 2 0.59 11.17 -6.64
CA PRO A 2 1.66 10.26 -7.05
C PRO A 2 1.18 8.82 -7.20
N TRP A 3 1.99 8.00 -7.82
CA TRP A 3 1.63 6.60 -8.07
C TRP A 3 2.77 5.67 -7.72
N ALA A 4 2.43 4.41 -7.43
CA ALA A 4 3.44 3.43 -7.05
C ALA A 4 3.15 2.04 -7.58
N THR A 5 4.17 1.22 -7.59
CA THR A 5 4.08 -0.16 -8.04
C THR A 5 4.37 -1.09 -6.89
N ALA A 6 3.76 -2.26 -6.90
CA ALA A 6 3.96 -3.24 -5.85
C ALA A 6 5.22 -4.04 -6.11
N GLU A 7 5.95 -4.33 -5.04
CA GLU A 7 7.17 -5.10 -5.11
C GLU A 7 7.03 -6.45 -4.40
N TYR A 8 5.94 -6.59 -3.64
CA TYR A 8 5.64 -7.80 -2.89
C TYR A 8 4.13 -7.97 -2.79
N ASP A 9 3.65 -9.21 -2.83
CA ASP A 9 2.23 -9.52 -2.74
C ASP A 9 1.72 -9.09 -1.38
N TYR A 10 1.29 -7.83 -1.27
CA TYR A 10 0.83 -7.30 0.02
C TYR A 10 -0.59 -7.73 0.33
N ASP A 11 -0.79 -8.27 1.52
CA ASP A 11 -2.12 -8.69 1.93
C ASP A 11 -2.64 -7.91 3.16
N ALA A 12 -2.80 -6.57 2.99
CA ALA A 12 -3.34 -5.66 4.04
C ALA A 12 -3.41 -6.28 5.44
N ALA A 13 -2.38 -6.08 6.22
CA ALA A 13 -2.30 -6.61 7.59
C ALA A 13 -3.38 -6.09 8.58
N GLU A 14 -3.91 -4.87 8.45
CA GLU A 14 -4.88 -4.36 9.45
C GLU A 14 -6.34 -4.16 9.02
N ASP A 15 -6.70 -4.45 7.79
CA ASP A 15 -8.09 -4.33 7.28
C ASP A 15 -8.17 -3.06 6.45
N ASN A 16 -7.96 -1.86 7.04
CA ASN A 16 -8.02 -0.71 6.16
C ASN A 16 -6.61 -0.39 5.69
N GLU A 17 -6.02 -1.35 5.02
CA GLU A 17 -4.82 -1.19 4.27
C GLU A 17 -5.20 -1.46 2.83
N LEU A 18 -4.32 -1.23 1.91
CA LEU A 18 -4.61 -1.59 0.54
C LEU A 18 -4.02 -2.96 0.37
N THR A 19 -4.25 -3.55 -0.77
CA THR A 19 -3.81 -4.91 -0.98
C THR A 19 -3.50 -5.11 -2.43
N PHE A 20 -2.32 -5.59 -2.72
CA PHE A 20 -1.93 -5.76 -4.10
C PHE A 20 -0.94 -6.89 -4.29
N VAL A 21 -0.70 -7.20 -5.54
CA VAL A 21 0.21 -8.25 -5.93
C VAL A 21 1.23 -7.71 -6.90
N GLU A 22 2.51 -8.06 -6.67
CA GLU A 22 3.62 -7.60 -7.48
C GLU A 22 3.26 -7.10 -8.86
N ASN A 23 3.99 -6.08 -9.26
CA ASN A 23 3.73 -5.47 -10.55
C ASN A 23 2.35 -4.81 -10.57
N ASP A 24 1.65 -4.77 -9.41
CA ASP A 24 0.34 -4.14 -9.35
C ASP A 24 0.53 -2.65 -9.25
N LYS A 25 -0.21 -1.94 -10.08
CA LYS A 25 -0.11 -0.51 -10.12
C LYS A 25 -0.94 0.17 -9.04
N ILE A 26 -0.38 1.26 -8.49
CA ILE A 26 -1.05 2.05 -7.46
C ILE A 26 -1.00 3.53 -7.85
N ILE A 27 -2.05 4.28 -7.56
CA ILE A 27 -2.10 5.70 -7.93
C ILE A 27 -2.81 6.54 -6.87
N ASN A 28 -2.77 7.85 -7.06
CA ASN A 28 -3.36 8.78 -6.12
C ASN A 28 -2.75 8.56 -4.74
N ILE A 29 -1.43 8.46 -4.72
CA ILE A 29 -0.69 8.16 -3.51
C ILE A 29 -0.64 9.32 -2.54
N GLU A 30 -1.77 9.73 -1.99
CA GLU A 30 -1.71 10.80 -1.02
C GLU A 30 -0.87 10.41 0.16
N PHE A 31 -0.51 11.37 1.01
CA PHE A 31 0.33 11.03 2.15
C PHE A 31 -0.41 11.12 3.47
N VAL A 32 -1.37 10.21 3.62
CA VAL A 32 -2.15 10.11 4.84
C VAL A 32 -1.24 9.91 6.03
N ASP A 33 -0.19 9.09 5.89
CA ASP A 33 0.79 8.90 6.95
C ASP A 33 2.20 8.90 6.35
N ASP A 34 3.19 9.33 7.12
CA ASP A 34 4.58 9.32 6.65
C ASP A 34 4.91 7.94 6.09
N ASP A 35 4.57 6.94 6.89
CA ASP A 35 4.88 5.55 6.59
C ASP A 35 3.83 4.82 5.75
N TRP A 36 2.55 5.09 5.98
CA TRP A 36 1.51 4.50 5.14
C TRP A 36 0.81 5.59 4.36
N TRP A 37 0.98 5.63 3.03
CA TRP A 37 0.35 6.62 2.18
C TRP A 37 -0.93 6.01 1.66
N LEU A 38 -1.80 6.82 1.11
CA LEU A 38 -3.07 6.33 0.62
C LEU A 38 -3.04 6.22 -0.88
N GLY A 39 -3.83 5.29 -1.37
CA GLY A 39 -3.82 5.11 -2.80
C GLY A 39 -5.14 5.03 -3.50
N GLU A 40 -5.02 4.53 -4.71
CA GLU A 40 -6.09 4.27 -5.64
C GLU A 40 -5.45 3.35 -6.67
N LEU A 41 -5.93 2.16 -6.87
CA LEU A 41 -5.26 1.30 -7.83
C LEU A 41 -5.63 1.64 -9.25
N GLU A 42 -4.64 1.98 -10.04
CA GLU A 42 -4.87 2.30 -11.43
C GLU A 42 -5.59 1.13 -12.09
N LYS A 43 -5.20 -0.08 -11.69
CA LYS A 43 -5.78 -1.27 -12.25
C LYS A 43 -7.24 -1.51 -11.80
N ASP A 44 -7.55 -1.36 -10.50
CA ASP A 44 -8.92 -1.63 -10.02
C ASP A 44 -9.58 -0.46 -9.27
N GLY A 45 -8.81 0.56 -8.95
CA GLY A 45 -9.37 1.71 -8.24
C GLY A 45 -9.57 1.51 -6.75
N SER A 46 -8.76 0.66 -6.12
CA SER A 46 -8.90 0.44 -4.68
C SER A 46 -8.12 1.50 -3.91
N LYS A 47 -8.71 2.00 -2.81
CA LYS A 47 -8.06 3.03 -2.00
C LYS A 47 -7.83 2.57 -0.57
N GLY A 48 -6.76 3.05 0.04
CA GLY A 48 -6.46 2.73 1.42
C GLY A 48 -5.02 3.06 1.78
N LEU A 49 -4.71 3.18 3.07
CA LEU A 49 -3.33 3.48 3.43
C LEU A 49 -2.56 2.22 3.19
N PHE A 50 -1.53 2.32 2.40
CA PHE A 50 -0.75 1.17 2.05
C PHE A 50 0.66 1.27 2.57
N PRO A 51 1.35 0.13 2.68
CA PRO A 51 2.70 0.08 3.17
C PRO A 51 3.67 0.85 2.31
N SER A 52 4.90 0.80 2.78
CA SER A 52 5.92 1.45 1.97
C SER A 52 7.11 0.59 1.64
N ASN A 53 7.33 -0.42 2.47
CA ASN A 53 8.38 -1.37 2.26
C ASN A 53 7.89 -2.48 1.33
N TYR A 54 6.55 -2.69 1.29
CA TYR A 54 5.93 -3.70 0.43
C TYR A 54 5.79 -3.16 -1.00
N VAL A 55 5.96 -1.82 -1.16
CA VAL A 55 5.78 -1.16 -2.47
C VAL A 55 6.80 -0.06 -2.75
N SER A 56 7.01 0.22 -4.03
CA SER A 56 7.90 1.27 -4.48
C SER A 56 7.12 2.38 -5.19
N LEU A 57 7.49 3.63 -4.93
CA LEU A 57 6.79 4.77 -5.55
C LEU A 57 7.33 5.06 -6.95
N GLY A 58 6.42 5.18 -7.90
CA GLY A 58 6.82 5.45 -9.27
C GLY A 58 7.08 6.93 -9.52
N ASN A 59 7.11 7.73 -8.44
CA ASN A 59 7.34 9.16 -8.55
C ASN A 59 8.01 9.71 -7.30
N ALA B 1 5.77 -15.49 -7.97
CA ALA B 1 7.17 -15.67 -8.47
C ALA B 1 8.19 -15.46 -7.35
N LYS B 2 7.74 -14.86 -6.24
CA LYS B 2 8.65 -14.59 -5.13
C LYS B 2 8.22 -15.34 -3.88
N LYS B 3 9.10 -15.48 -2.87
CA LYS B 3 8.62 -16.13 -1.65
C LYS B 3 9.08 -15.45 -0.37
N THR B 4 9.45 -14.18 -0.50
CA THR B 4 9.80 -13.38 0.67
C THR B 4 9.25 -11.97 0.50
N LYS B 5 8.46 -11.56 1.48
CA LYS B 5 7.88 -10.22 1.48
C LYS B 5 8.09 -9.57 2.83
N PRO B 6 8.57 -8.31 2.84
CA PRO B 6 8.80 -7.57 4.07
C PRO B 6 7.69 -7.76 5.08
N THR B 7 7.91 -7.30 6.31
CA THR B 7 6.87 -7.37 7.32
C THR B 7 6.25 -5.98 7.44
N PRO B 8 4.95 -5.82 7.13
CA PRO B 8 4.30 -4.51 7.19
C PRO B 8 4.68 -3.76 8.46
N PRO B 9 5.22 -2.53 8.30
CA PRO B 9 5.70 -1.76 9.46
C PRO B 9 4.58 -1.20 10.33
N PRO B 10 4.93 -0.90 11.61
CA PRO B 10 4.01 -0.33 12.61
C PRO B 10 3.05 0.73 12.06
N LYS B 11 2.05 0.43 11.25
CA LYS B 11 1.14 1.41 10.69
C LYS B 11 0.49 2.21 11.80
N PRO B 12 0.28 3.52 11.57
CA PRO B 12 -0.30 4.40 12.58
C PRO B 12 -1.75 4.00 12.90
N SER B 13 -1.97 3.81 14.20
CA SER B 13 -3.24 3.31 14.72
C SER B 13 -4.48 4.18 14.49
N HIS B 14 -4.27 5.41 14.02
CA HIS B 14 -5.40 6.29 13.71
C HIS B 14 -5.98 5.94 12.33
N LEU B 15 -5.32 5.00 11.64
CA LEU B 15 -5.79 4.62 10.31
C LEU B 15 -6.32 3.20 10.26
N LYS B 16 -7.12 2.86 11.26
CA LYS B 16 -7.78 1.56 11.32
C LYS B 16 -9.27 1.77 11.07
N PRO B 17 -10.00 0.75 10.58
CA PRO B 17 -11.41 0.90 10.28
C PRO B 17 -12.26 0.76 11.54
N LYS B 18 -13.03 1.78 11.87
CA LYS B 18 -13.88 1.75 13.05
C LYS B 18 -13.06 1.82 14.33
N ALA A 1 -2.61 12.59 -7.86
CA ALA A 1 -1.56 12.33 -6.84
C ALA A 1 -0.52 11.34 -7.36
N PRO A 2 0.61 11.19 -6.65
CA PRO A 2 1.69 10.28 -7.04
C PRO A 2 1.20 8.84 -7.17
N TRP A 3 2.02 8.01 -7.79
CA TRP A 3 1.68 6.61 -8.02
C TRP A 3 2.83 5.70 -7.63
N ALA A 4 2.50 4.42 -7.45
CA ALA A 4 3.50 3.44 -7.09
C ALA A 4 3.21 2.06 -7.65
N THR A 5 4.24 1.24 -7.69
CA THR A 5 4.12 -0.12 -8.16
C THR A 5 4.43 -1.05 -7.02
N ALA A 6 3.77 -2.19 -6.97
CA ALA A 6 4.02 -3.17 -5.92
C ALA A 6 5.27 -3.98 -6.21
N GLU A 7 6.03 -4.25 -5.17
CA GLU A 7 7.25 -5.04 -5.28
C GLU A 7 7.11 -6.37 -4.54
N TYR A 8 6.06 -6.48 -3.72
CA TYR A 8 5.77 -7.67 -2.94
C TYR A 8 4.26 -7.86 -2.82
N ASP A 9 3.80 -9.10 -2.89
CA ASP A 9 2.39 -9.42 -2.78
C ASP A 9 1.88 -9.02 -1.41
N TYR A 10 1.43 -7.78 -1.29
CA TYR A 10 0.97 -7.26 0.00
C TYR A 10 -0.46 -7.70 0.30
N ASP A 11 -0.65 -8.32 1.47
CA ASP A 11 -1.98 -8.78 1.83
C ASP A 11 -2.52 -8.07 3.10
N ALA A 12 -2.72 -6.74 3.00
CA ALA A 12 -3.28 -5.89 4.08
C ALA A 12 -3.38 -6.58 5.45
N ALA A 13 -2.37 -6.39 6.28
CA ALA A 13 -2.32 -6.97 7.63
C ALA A 13 -3.39 -6.45 8.62
N GLU A 14 -3.91 -5.22 8.49
CA GLU A 14 -4.87 -4.70 9.51
C GLU A 14 -6.34 -4.48 9.09
N ASP A 15 -6.68 -4.68 7.83
CA ASP A 15 -8.06 -4.51 7.32
C ASP A 15 -8.13 -3.20 6.55
N ASN A 16 -7.94 -2.04 7.20
CA ASN A 16 -7.99 -0.84 6.37
C ASN A 16 -6.57 -0.50 5.95
N GLU A 17 -5.96 -1.42 5.26
CA GLU A 17 -4.74 -1.24 4.53
C GLU A 17 -5.11 -1.47 3.08
N LEU A 18 -4.24 -1.19 2.15
CA LEU A 18 -4.53 -1.52 0.77
C LEU A 18 -3.94 -2.90 0.58
N THR A 19 -4.19 -3.50 -0.56
CA THR A 19 -3.77 -4.86 -0.79
C THR A 19 -3.48 -5.06 -2.25
N PHE A 20 -2.32 -5.57 -2.57
CA PHE A 20 -1.95 -5.74 -3.96
C PHE A 20 -0.98 -6.90 -4.14
N VAL A 21 -0.73 -7.19 -5.40
CA VAL A 21 0.18 -8.25 -5.78
C VAL A 21 1.26 -7.70 -6.69
N GLU A 22 2.52 -8.05 -6.43
CA GLU A 22 3.66 -7.57 -7.20
C GLU A 22 3.32 -7.09 -8.60
N ASN A 23 4.07 -6.10 -9.03
CA ASN A 23 3.84 -5.53 -10.34
C ASN A 23 2.46 -4.85 -10.40
N ASP A 24 1.72 -4.82 -9.27
CA ASP A 24 0.41 -4.19 -9.26
C ASP A 24 0.62 -2.71 -9.16
N LYS A 25 -0.14 -1.98 -9.96
CA LYS A 25 -0.01 -0.56 -9.99
C LYS A 25 -0.88 0.11 -8.93
N ILE A 26 -0.35 1.20 -8.36
CA ILE A 26 -1.06 1.99 -7.35
C ILE A 26 -1.00 3.47 -7.76
N ILE A 27 -2.04 4.22 -7.47
CA ILE A 27 -2.07 5.64 -7.85
C ILE A 27 -2.78 6.48 -6.81
N ASN A 28 -2.74 7.79 -7.02
CA ASN A 28 -3.31 8.74 -6.10
C ASN A 28 -2.72 8.53 -4.71
N ILE A 29 -1.39 8.42 -4.70
CA ILE A 29 -0.66 8.13 -3.48
C ILE A 29 -0.60 9.30 -2.53
N GLU A 30 -1.72 9.73 -2.00
CA GLU A 30 -1.67 10.83 -1.04
C GLU A 30 -0.83 10.45 0.16
N PHE A 31 -0.47 11.42 0.97
CA PHE A 31 0.38 11.11 2.12
C PHE A 31 -0.38 11.19 3.43
N VAL A 32 -1.28 10.24 3.61
CA VAL A 32 -2.07 10.12 4.82
C VAL A 32 -1.16 9.91 6.02
N ASP A 33 -0.11 9.12 5.88
CA ASP A 33 0.86 8.91 6.95
C ASP A 33 2.26 8.93 6.36
N ASP A 34 3.26 9.28 7.17
CA ASP A 34 4.64 9.28 6.70
C ASP A 34 4.96 7.90 6.14
N ASP A 35 4.59 6.90 6.93
CA ASP A 35 4.88 5.50 6.60
C ASP A 35 3.84 4.80 5.73
N TRP A 36 2.56 5.08 5.93
CA TRP A 36 1.55 4.51 5.03
C TRP A 36 0.87 5.64 4.27
N TRP A 37 0.99 5.67 2.96
CA TRP A 37 0.35 6.67 2.13
C TRP A 37 -0.95 6.10 1.66
N LEU A 38 -1.80 6.92 1.07
CA LEU A 38 -3.08 6.43 0.62
C LEU A 38 -3.07 6.27 -0.87
N GLY A 39 -3.87 5.34 -1.33
CA GLY A 39 -3.86 5.11 -2.76
C GLY A 39 -5.19 5.04 -3.45
N GLU A 40 -5.06 4.54 -4.67
CA GLU A 40 -6.12 4.27 -5.59
C GLU A 40 -5.48 3.35 -6.61
N LEU A 41 -5.97 2.14 -6.79
CA LEU A 41 -5.30 1.28 -7.75
C LEU A 41 -5.71 1.63 -9.17
N GLU A 42 -4.74 2.01 -9.98
CA GLU A 42 -5.05 2.36 -11.36
C GLU A 42 -5.73 1.16 -12.03
N LYS A 43 -5.33 -0.05 -11.61
CA LYS A 43 -5.90 -1.26 -12.19
C LYS A 43 -7.35 -1.49 -11.76
N ASP A 44 -7.66 -1.36 -10.46
CA ASP A 44 -9.03 -1.64 -9.99
C ASP A 44 -9.69 -0.48 -9.22
N GLY A 45 -8.92 0.54 -8.91
CA GLY A 45 -9.46 1.68 -8.20
C GLY A 45 -9.62 1.50 -6.69
N SER A 46 -8.80 0.66 -6.09
CA SER A 46 -8.89 0.44 -4.64
C SER A 46 -8.10 1.50 -3.88
N LYS A 47 -8.68 2.02 -2.80
CA LYS A 47 -8.03 3.06 -1.99
C LYS A 47 -7.81 2.60 -0.56
N GLY A 48 -6.71 3.06 0.06
CA GLY A 48 -6.43 2.72 1.45
C GLY A 48 -5.01 3.06 1.84
N LEU A 49 -4.74 3.17 3.15
CA LEU A 49 -3.40 3.46 3.59
C LEU A 49 -2.58 2.21 3.36
N PHE A 50 -1.47 2.34 2.67
CA PHE A 50 -0.67 1.19 2.31
C PHE A 50 0.75 1.32 2.77
N PRO A 51 1.44 0.19 2.90
CA PRO A 51 2.81 0.14 3.33
C PRO A 51 3.74 0.87 2.38
N SER A 52 5.00 0.81 2.77
CA SER A 52 5.97 1.43 1.87
C SER A 52 7.14 0.57 1.53
N ASN A 53 7.36 -0.45 2.35
CA ASN A 53 8.42 -1.41 2.12
C ASN A 53 7.92 -2.53 1.20
N TYR A 54 6.58 -2.74 1.16
CA TYR A 54 5.98 -3.76 0.30
C TYR A 54 5.82 -3.20 -1.13
N VAL A 55 5.99 -1.87 -1.29
CA VAL A 55 5.81 -1.20 -2.60
C VAL A 55 6.83 -0.08 -2.86
N SER A 56 7.04 0.20 -4.14
CA SER A 56 7.94 1.26 -4.57
C SER A 56 7.16 2.39 -5.26
N LEU A 57 7.53 3.65 -4.97
CA LEU A 57 6.84 4.79 -5.57
C LEU A 57 7.38 5.10 -6.97
N GLY A 58 6.49 5.23 -7.93
CA GLY A 58 6.89 5.51 -9.29
C GLY A 58 7.16 7.00 -9.52
N ASN A 59 7.19 7.78 -8.44
CA ASN A 59 7.44 9.22 -8.56
C ASN A 59 8.40 9.69 -7.48
N ALA B 1 7.76 -16.98 -9.94
CA ALA B 1 7.48 -15.63 -9.40
C ALA B 1 8.31 -15.34 -8.16
N LYS B 2 8.58 -14.03 -7.99
CA LYS B 2 9.35 -13.61 -6.82
C LYS B 2 8.94 -14.32 -5.52
N LYS B 3 9.88 -14.46 -4.58
CA LYS B 3 9.51 -15.06 -3.31
C LYS B 3 10.26 -14.46 -2.12
N THR B 4 9.48 -14.10 -1.12
CA THR B 4 9.94 -13.44 0.11
C THR B 4 9.42 -12.02 0.07
N LYS B 5 8.62 -11.65 1.05
CA LYS B 5 8.07 -10.31 1.09
C LYS B 5 8.20 -9.71 2.49
N PRO B 6 8.69 -8.46 2.58
CA PRO B 6 8.85 -7.75 3.85
C PRO B 6 7.67 -7.96 4.79
N THR B 7 7.81 -7.50 6.03
CA THR B 7 6.71 -7.56 6.97
C THR B 7 6.08 -6.18 7.06
N PRO B 8 4.77 -6.05 6.75
CA PRO B 8 4.10 -4.74 6.78
C PRO B 8 4.45 -3.97 8.05
N PRO B 9 5.22 -2.88 7.92
CA PRO B 9 5.66 -2.10 9.07
C PRO B 9 4.51 -1.51 9.86
N PRO B 10 4.80 -1.03 11.09
CA PRO B 10 3.81 -0.42 11.96
C PRO B 10 2.79 0.42 11.18
N LYS B 11 1.66 0.71 11.79
CA LYS B 11 0.62 1.50 11.15
C LYS B 11 0.05 2.50 12.13
N PRO B 12 0.02 3.79 11.74
CA PRO B 12 -0.49 4.80 12.65
C PRO B 12 -1.93 4.46 13.03
N SER B 13 -2.14 4.30 14.33
CA SER B 13 -3.42 3.85 14.89
C SER B 13 -4.65 4.73 14.62
N HIS B 14 -4.46 5.84 13.92
CA HIS B 14 -5.57 6.71 13.57
C HIS B 14 -6.14 6.34 12.18
N LEU B 15 -5.47 5.39 11.52
CA LEU B 15 -5.92 4.99 10.17
C LEU B 15 -6.40 3.55 10.10
N LYS B 16 -7.18 3.13 11.09
CA LYS B 16 -7.73 1.79 11.11
C LYS B 16 -9.26 1.85 11.04
N PRO B 17 -9.94 0.72 10.83
CA PRO B 17 -11.39 0.67 10.72
C PRO B 17 -12.07 1.13 12.01
N LYS B 18 -13.28 1.68 11.90
CA LYS B 18 -14.02 2.11 13.09
C LYS B 18 -14.56 0.91 13.87
N ALA A 1 -2.59 12.72 -7.52
CA ALA A 1 -1.58 12.34 -6.49
C ALA A 1 -0.53 11.40 -7.08
N PRO A 2 0.59 11.21 -6.36
CA PRO A 2 1.67 10.32 -6.80
C PRO A 2 1.19 8.88 -6.94
N TRP A 3 2.00 8.07 -7.59
CA TRP A 3 1.63 6.67 -7.83
C TRP A 3 2.79 5.73 -7.54
N ALA A 4 2.45 4.46 -7.33
CA ALA A 4 3.46 3.46 -7.01
C ALA A 4 3.18 2.08 -7.60
N THR A 5 4.21 1.28 -7.62
CA THR A 5 4.12 -0.10 -8.11
C THR A 5 4.44 -1.04 -6.98
N ALA A 6 3.81 -2.22 -7.00
CA ALA A 6 4.04 -3.23 -5.98
C ALA A 6 5.31 -4.01 -6.28
N GLU A 7 6.05 -4.30 -5.22
CA GLU A 7 7.29 -5.07 -5.33
C GLU A 7 7.16 -6.43 -4.64
N TYR A 8 6.10 -6.57 -3.83
CA TYR A 8 5.81 -7.79 -3.10
C TYR A 8 4.31 -7.98 -3.01
N ASP A 9 3.85 -9.21 -3.09
CA ASP A 9 2.44 -9.55 -3.02
C ASP A 9 1.90 -9.17 -1.64
N TYR A 10 1.45 -7.93 -1.51
CA TYR A 10 0.99 -7.43 -0.21
C TYR A 10 -0.43 -7.88 0.12
N ASP A 11 -0.58 -8.47 1.31
CA ASP A 11 -1.90 -8.92 1.72
C ASP A 11 -2.39 -8.22 3.01
N ALA A 12 -2.59 -6.89 2.95
CA ALA A 12 -3.11 -6.06 4.06
C ALA A 12 -3.17 -6.78 5.40
N ALA A 13 -2.21 -6.51 6.27
CA ALA A 13 -2.12 -7.12 7.60
C ALA A 13 -3.19 -6.63 8.62
N GLU A 14 -3.73 -5.41 8.52
CA GLU A 14 -4.68 -4.92 9.55
C GLU A 14 -6.15 -4.71 9.15
N ASP A 15 -6.52 -4.93 7.90
CA ASP A 15 -7.92 -4.78 7.42
C ASP A 15 -8.02 -3.46 6.67
N ASN A 16 -7.85 -2.29 7.32
CA ASN A 16 -7.94 -1.09 6.50
C ASN A 16 -6.55 -0.70 6.04
N GLU A 17 -5.94 -1.61 5.33
CA GLU A 17 -4.76 -1.39 4.57
C GLU A 17 -5.14 -1.61 3.13
N LEU A 18 -4.29 -1.32 2.18
CA LEU A 18 -4.61 -1.64 0.80
C LEU A 18 -3.99 -3.01 0.59
N THR A 19 -4.23 -3.60 -0.56
CA THR A 19 -3.76 -4.94 -0.80
C THR A 19 -3.49 -5.12 -2.27
N PHE A 20 -2.32 -5.61 -2.60
CA PHE A 20 -1.97 -5.77 -4.00
C PHE A 20 -1.00 -6.91 -4.22
N VAL A 21 -0.79 -7.22 -5.48
CA VAL A 21 0.12 -8.27 -5.89
C VAL A 21 1.15 -7.70 -6.83
N GLU A 22 2.42 -8.06 -6.61
CA GLU A 22 3.54 -7.60 -7.41
C GLU A 22 3.18 -7.09 -8.78
N ASN A 23 3.91 -6.07 -9.19
CA ASN A 23 3.66 -5.47 -10.48
C ASN A 23 2.28 -4.80 -10.51
N ASP A 24 1.55 -4.80 -9.38
CA ASP A 24 0.24 -4.18 -9.34
C ASP A 24 0.43 -2.70 -9.24
N LYS A 25 -0.30 -2.00 -10.08
CA LYS A 25 -0.21 -0.57 -10.16
C LYS A 25 -0.97 0.12 -9.02
N ILE A 26 -0.36 1.18 -8.46
CA ILE A 26 -0.99 1.95 -7.39
C ILE A 26 -0.93 3.43 -7.75
N ILE A 27 -1.98 4.18 -7.45
CA ILE A 27 -2.01 5.60 -7.78
C ILE A 27 -2.76 6.41 -6.74
N ASN A 28 -2.74 7.73 -6.92
CA ASN A 28 -3.36 8.63 -5.99
C ASN A 28 -2.79 8.41 -4.60
N ILE A 29 -1.46 8.32 -4.57
CA ILE A 29 -0.73 8.03 -3.34
C ILE A 29 -0.67 9.21 -2.40
N GLU A 30 -1.79 9.64 -1.86
CA GLU A 30 -1.73 10.74 -0.92
C GLU A 30 -0.87 10.38 0.27
N PHE A 31 -0.51 11.38 1.06
CA PHE A 31 0.36 11.10 2.20
C PHE A 31 -0.36 11.27 3.53
N VAL A 32 -1.44 10.53 3.68
CA VAL A 32 -2.23 10.52 4.90
C VAL A 32 -1.30 10.29 6.10
N ASP A 33 -0.29 9.46 5.92
CA ASP A 33 0.71 9.20 6.96
C ASP A 33 2.11 9.23 6.34
N ASP A 34 3.13 9.26 7.20
CA ASP A 34 4.52 9.24 6.71
C ASP A 34 4.84 7.86 6.15
N ASP A 35 4.51 6.85 6.95
CA ASP A 35 4.82 5.46 6.64
C ASP A 35 3.75 4.73 5.83
N TRP A 36 2.48 5.00 6.09
CA TRP A 36 1.42 4.39 5.27
C TRP A 36 0.72 5.47 4.47
N TRP A 37 0.90 5.52 3.16
CA TRP A 37 0.27 6.51 2.31
C TRP A 37 -1.01 5.91 1.81
N LEU A 38 -1.88 6.72 1.24
CA LEU A 38 -3.14 6.22 0.74
C LEU A 38 -3.14 6.11 -0.76
N GLY A 39 -3.91 5.18 -1.26
CA GLY A 39 -3.89 4.99 -2.69
C GLY A 39 -5.21 4.92 -3.41
N GLU A 40 -5.05 4.48 -4.64
CA GLU A 40 -6.10 4.24 -5.60
C GLU A 40 -5.45 3.39 -6.67
N LEU A 41 -5.93 2.19 -6.94
CA LEU A 41 -5.24 1.39 -7.95
C LEU A 41 -5.65 1.76 -9.35
N GLU A 42 -4.68 2.13 -10.17
CA GLU A 42 -4.96 2.49 -11.54
C GLU A 42 -5.66 1.34 -12.25
N LYS A 43 -5.23 0.11 -11.93
CA LYS A 43 -5.79 -1.06 -12.59
C LYS A 43 -7.24 -1.35 -12.20
N ASP A 44 -7.60 -1.23 -10.92
CA ASP A 44 -8.98 -1.54 -10.50
C ASP A 44 -9.65 -0.41 -9.70
N GLY A 45 -8.89 0.63 -9.42
CA GLY A 45 -9.44 1.76 -8.68
C GLY A 45 -9.64 1.48 -7.20
N SER A 46 -8.81 0.63 -6.60
CA SER A 46 -8.95 0.33 -5.18
C SER A 46 -8.17 1.34 -4.36
N LYS A 47 -8.77 1.79 -3.25
CA LYS A 47 -8.12 2.76 -2.38
C LYS A 47 -7.93 2.19 -0.99
N GLY A 48 -6.91 2.67 -0.29
CA GLY A 48 -6.64 2.22 1.07
C GLY A 48 -5.25 2.60 1.52
N LEU A 49 -5.05 2.64 2.83
CA LEU A 49 -3.74 2.99 3.37
C LEU A 49 -2.83 1.82 3.09
N PHE A 50 -1.62 2.06 2.62
CA PHE A 50 -0.74 0.97 2.28
C PHE A 50 0.67 1.17 2.81
N PRO A 51 1.39 0.06 2.94
CA PRO A 51 2.76 0.05 3.41
C PRO A 51 3.69 0.83 2.52
N SER A 52 4.94 0.78 2.93
CA SER A 52 5.91 1.46 2.08
C SER A 52 7.11 0.63 1.71
N ASN A 53 7.35 -0.42 2.49
CA ASN A 53 8.42 -1.34 2.23
C ASN A 53 7.93 -2.45 1.29
N TYR A 54 6.60 -2.68 1.26
CA TYR A 54 6.00 -3.69 0.39
C TYR A 54 5.84 -3.15 -1.04
N VAL A 55 6.02 -1.82 -1.22
CA VAL A 55 5.85 -1.17 -2.54
C VAL A 55 6.87 -0.07 -2.81
N SER A 56 7.07 0.20 -4.09
CA SER A 56 7.98 1.25 -4.54
C SER A 56 7.19 2.38 -5.21
N LEU A 57 7.54 3.63 -4.89
CA LEU A 57 6.83 4.77 -5.49
C LEU A 57 7.37 5.09 -6.88
N GLY A 58 6.47 5.23 -7.83
CA GLY A 58 6.86 5.52 -9.19
C GLY A 58 7.12 7.00 -9.42
N ASN A 59 7.17 7.78 -8.35
CA ASN A 59 7.40 9.22 -8.45
C ASN A 59 8.31 9.71 -7.33
N ALA B 1 5.02 -14.53 -8.58
CA ALA B 1 4.60 -15.44 -7.49
C ALA B 1 5.42 -15.19 -6.23
N LYS B 2 6.75 -15.30 -6.32
CA LYS B 2 7.62 -14.99 -5.18
C LYS B 2 7.25 -15.79 -3.92
N LYS B 3 8.19 -15.93 -2.99
CA LYS B 3 7.80 -16.60 -1.75
C LYS B 3 8.32 -15.92 -0.49
N THR B 4 8.72 -14.65 -0.67
CA THR B 4 9.14 -13.82 0.47
C THR B 4 8.66 -12.40 0.26
N LYS B 5 8.15 -11.80 1.33
CA LYS B 5 7.71 -10.41 1.28
C LYS B 5 8.00 -9.73 2.61
N PRO B 6 8.49 -8.49 2.58
CA PRO B 6 8.79 -7.72 3.79
C PRO B 6 7.70 -7.88 4.85
N THR B 7 7.97 -7.41 6.05
CA THR B 7 6.97 -7.42 7.11
C THR B 7 6.32 -6.06 7.19
N PRO B 8 5.00 -5.94 6.92
CA PRO B 8 4.32 -4.65 6.93
C PRO B 8 4.71 -3.84 8.17
N PRO B 9 5.43 -2.72 7.97
CA PRO B 9 5.92 -1.88 9.07
C PRO B 9 4.80 -1.30 9.92
N PRO B 10 5.15 -0.82 11.14
CA PRO B 10 4.20 -0.20 12.05
C PRO B 10 3.18 0.64 11.31
N LYS B 11 2.03 0.90 11.91
CA LYS B 11 0.99 1.69 11.28
C LYS B 11 0.40 2.67 12.27
N PRO B 12 0.21 3.93 11.87
CA PRO B 12 -0.33 4.93 12.78
C PRO B 12 -1.77 4.57 13.16
N SER B 13 -1.98 4.43 14.45
CA SER B 13 -3.25 3.97 15.01
C SER B 13 -4.47 4.87 14.81
N HIS B 14 -4.30 5.98 14.09
CA HIS B 14 -5.41 6.87 13.79
C HIS B 14 -6.00 6.52 12.42
N LEU B 15 -5.37 5.58 11.72
CA LEU B 15 -5.85 5.21 10.39
C LEU B 15 -6.39 3.78 10.35
N LYS B 16 -7.20 3.44 11.34
CA LYS B 16 -7.84 2.15 11.42
C LYS B 16 -9.34 2.30 11.15
N PRO B 17 -10.07 1.19 10.99
CA PRO B 17 -11.52 1.22 10.71
C PRO B 17 -12.32 1.52 11.98
N LYS B 18 -13.55 2.01 11.82
CA LYS B 18 -14.40 2.29 12.97
C LYS B 18 -13.73 3.30 13.90
N ALA A 1 -2.80 12.44 -7.91
CA ALA A 1 -1.73 12.24 -6.90
C ALA A 1 -0.67 11.24 -7.40
N PRO A 2 0.49 11.19 -6.72
CA PRO A 2 1.58 10.28 -7.09
C PRO A 2 1.12 8.84 -7.25
N TRP A 3 1.94 8.02 -7.86
CA TRP A 3 1.62 6.63 -8.12
C TRP A 3 2.77 5.72 -7.71
N ALA A 4 2.43 4.46 -7.46
CA ALA A 4 3.43 3.50 -7.04
C ALA A 4 3.19 2.11 -7.61
N THR A 5 4.24 1.31 -7.61
CA THR A 5 4.17 -0.05 -8.08
C THR A 5 4.43 -1.00 -6.94
N ALA A 6 3.82 -2.18 -6.99
CA ALA A 6 4.02 -3.18 -5.95
C ALA A 6 5.28 -3.98 -6.23
N GLU A 7 6.02 -4.24 -5.16
CA GLU A 7 7.25 -5.02 -5.26
C GLU A 7 7.11 -6.36 -4.54
N TYR A 8 6.04 -6.49 -3.76
CA TYR A 8 5.74 -7.70 -3.00
C TYR A 8 4.24 -7.88 -2.90
N ASP A 9 3.79 -9.11 -3.02
CA ASP A 9 2.36 -9.44 -2.95
C ASP A 9 1.82 -9.04 -1.58
N TYR A 10 1.37 -7.80 -1.45
CA TYR A 10 0.89 -7.30 -0.16
C TYR A 10 -0.53 -7.75 0.15
N ASP A 11 -0.70 -8.33 1.33
CA ASP A 11 -2.02 -8.79 1.73
C ASP A 11 -2.55 -8.09 3.01
N ALA A 12 -2.75 -6.75 2.92
CA ALA A 12 -3.29 -5.90 4.00
C ALA A 12 -3.38 -6.59 5.37
N ALA A 13 -2.38 -6.37 6.20
CA ALA A 13 -2.30 -6.94 7.56
C ALA A 13 -3.33 -6.37 8.58
N GLU A 14 -3.85 -5.15 8.40
CA GLU A 14 -4.77 -4.57 9.43
C GLU A 14 -6.24 -4.37 9.07
N ASP A 15 -6.65 -4.65 7.85
CA ASP A 15 -8.06 -4.51 7.39
C ASP A 15 -8.14 -3.23 6.58
N ASN A 16 -7.95 -2.05 7.19
CA ASN A 16 -8.03 -0.88 6.33
C ASN A 16 -6.62 -0.55 5.85
N GLU A 17 -6.03 -1.49 5.18
CA GLU A 17 -4.83 -1.31 4.42
C GLU A 17 -5.23 -1.56 2.98
N LEU A 18 -4.39 -1.27 2.02
CA LEU A 18 -4.72 -1.60 0.65
C LEU A 18 -4.10 -2.97 0.45
N THR A 19 -4.35 -3.56 -0.70
CA THR A 19 -3.87 -4.90 -0.93
C THR A 19 -3.60 -5.11 -2.39
N PHE A 20 -2.43 -5.61 -2.69
CA PHE A 20 -2.05 -5.79 -4.07
C PHE A 20 -1.08 -6.93 -4.24
N VAL A 21 -0.82 -7.25 -5.49
CA VAL A 21 0.12 -8.29 -5.85
C VAL A 21 1.21 -7.69 -6.67
N GLU A 22 2.47 -8.03 -6.38
CA GLU A 22 3.63 -7.51 -7.08
C GLU A 22 3.33 -7.04 -8.50
N ASN A 23 4.11 -6.06 -8.93
CA ASN A 23 3.92 -5.49 -10.27
C ASN A 23 2.55 -4.82 -10.41
N ASP A 24 1.79 -4.72 -9.30
CA ASP A 24 0.48 -4.08 -9.33
C ASP A 24 0.68 -2.58 -9.26
N LYS A 25 -0.09 -1.87 -10.08
CA LYS A 25 0.02 -0.44 -10.15
C LYS A 25 -0.84 0.23 -9.08
N ILE A 26 -0.30 1.31 -8.52
CA ILE A 26 -1.01 2.11 -7.51
C ILE A 26 -0.97 3.57 -7.92
N ILE A 27 -2.07 4.27 -7.73
CA ILE A 27 -2.16 5.68 -8.14
C ILE A 27 -2.97 6.50 -7.15
N ASN A 28 -2.95 7.80 -7.38
CA ASN A 28 -3.63 8.75 -6.52
C ASN A 28 -3.09 8.61 -5.12
N ILE A 29 -1.77 8.51 -5.07
CA ILE A 29 -1.08 8.34 -3.82
C ILE A 29 -1.10 9.64 -3.04
N GLU A 30 -1.28 9.51 -1.76
CA GLU A 30 -1.27 10.67 -0.90
C GLU A 30 -0.47 10.34 0.34
N PHE A 31 -0.12 11.35 1.12
CA PHE A 31 0.69 11.08 2.30
C PHE A 31 -0.07 11.33 3.58
N VAL A 32 -1.16 10.60 3.73
CA VAL A 32 -1.99 10.66 4.92
C VAL A 32 -1.12 10.41 6.15
N ASP A 33 -0.10 9.56 6.00
CA ASP A 33 0.85 9.29 7.06
C ASP A 33 2.26 9.30 6.48
N ASP A 34 3.28 9.30 7.34
CA ASP A 34 4.66 9.26 6.88
C ASP A 34 4.96 7.86 6.36
N ASP A 35 4.60 6.87 7.19
CA ASP A 35 4.92 5.47 6.91
C ASP A 35 3.87 4.73 6.09
N TRP A 36 2.59 5.00 6.32
CA TRP A 36 1.56 4.38 5.48
C TRP A 36 0.85 5.46 4.68
N TRP A 37 1.10 5.57 3.38
CA TRP A 37 0.47 6.58 2.56
C TRP A 37 -0.78 5.97 1.97
N LEU A 38 -1.62 6.78 1.33
CA LEU A 38 -2.85 6.27 0.79
C LEU A 38 -2.79 6.16 -0.72
N GLY A 39 -3.59 5.24 -1.23
CA GLY A 39 -3.57 5.07 -2.66
C GLY A 39 -4.91 4.99 -3.35
N GLU A 40 -4.80 4.47 -4.56
CA GLU A 40 -5.91 4.20 -5.47
C GLU A 40 -5.31 3.27 -6.51
N LEU A 41 -5.80 2.05 -6.66
CA LEU A 41 -5.15 1.17 -7.64
C LEU A 41 -5.57 1.50 -9.06
N GLU A 42 -4.61 1.86 -9.87
CA GLU A 42 -4.88 2.19 -11.26
C GLU A 42 -5.56 1.02 -11.96
N LYS A 43 -5.13 -0.20 -11.61
CA LYS A 43 -5.67 -1.38 -12.26
C LYS A 43 -7.15 -1.64 -11.93
N ASP A 44 -7.56 -1.47 -10.66
CA ASP A 44 -8.96 -1.75 -10.27
C ASP A 44 -9.63 -0.58 -9.55
N GLY A 45 -8.88 0.48 -9.31
CA GLY A 45 -9.42 1.64 -8.62
C GLY A 45 -9.67 1.42 -7.14
N SER A 46 -8.84 0.61 -6.49
CA SER A 46 -9.01 0.36 -5.06
C SER A 46 -8.25 1.39 -4.25
N LYS A 47 -8.87 1.88 -3.17
CA LYS A 47 -8.23 2.89 -2.33
C LYS A 47 -8.04 2.36 -0.92
N GLY A 48 -6.95 2.79 -0.29
CA GLY A 48 -6.67 2.38 1.06
C GLY A 48 -5.27 2.74 1.50
N LEU A 49 -5.03 2.79 2.79
CA LEU A 49 -3.71 3.11 3.28
C LEU A 49 -2.82 1.93 3.02
N PHE A 50 -1.72 2.14 2.32
CA PHE A 50 -0.86 1.04 1.96
C PHE A 50 0.54 1.21 2.51
N PRO A 51 1.26 0.09 2.63
CA PRO A 51 2.62 0.07 3.12
C PRO A 51 3.58 0.88 2.28
N SER A 52 4.80 0.82 2.76
CA SER A 52 5.81 1.50 1.98
C SER A 52 7.02 0.65 1.67
N ASN A 53 7.22 -0.38 2.47
CA ASN A 53 8.29 -1.32 2.26
C ASN A 53 7.83 -2.45 1.33
N TYR A 54 6.49 -2.68 1.27
CA TYR A 54 5.92 -3.70 0.40
C TYR A 54 5.78 -3.16 -1.04
N VAL A 55 5.94 -1.83 -1.21
CA VAL A 55 5.78 -1.17 -2.52
C VAL A 55 6.79 -0.04 -2.75
N SER A 56 7.00 0.26 -4.02
CA SER A 56 7.90 1.33 -4.43
C SER A 56 7.12 2.45 -5.13
N LEU A 57 7.47 3.70 -4.86
CA LEU A 57 6.77 4.84 -5.47
C LEU A 57 7.34 5.16 -6.85
N GLY A 58 6.44 5.28 -7.81
CA GLY A 58 6.84 5.58 -9.17
C GLY A 58 7.11 7.06 -9.40
N ASN A 59 7.11 7.84 -8.32
CA ASN A 59 7.34 9.28 -8.42
C ASN A 59 8.33 9.76 -7.36
N ALA B 1 6.12 -13.98 -8.61
CA ALA B 1 7.58 -14.05 -8.87
C ALA B 1 8.34 -13.75 -7.58
N LYS B 2 9.67 -13.86 -7.57
CA LYS B 2 10.50 -13.50 -6.40
C LYS B 2 10.18 -14.21 -5.06
N LYS B 3 8.93 -14.11 -4.65
CA LYS B 3 8.57 -14.65 -3.34
C LYS B 3 9.18 -13.88 -2.17
N THR B 4 8.91 -14.32 -0.95
CA THR B 4 9.33 -13.55 0.23
C THR B 4 8.82 -12.12 0.12
N LYS B 5 8.10 -11.71 1.15
CA LYS B 5 7.58 -10.37 1.19
C LYS B 5 7.87 -9.73 2.55
N PRO B 6 8.36 -8.48 2.55
CA PRO B 6 8.66 -7.76 3.79
C PRO B 6 7.57 -7.94 4.83
N THR B 7 7.83 -7.49 6.05
CA THR B 7 6.81 -7.54 7.08
C THR B 7 6.18 -6.16 7.21
N PRO B 8 4.88 -6.01 6.92
CA PRO B 8 4.22 -4.70 6.98
C PRO B 8 4.62 -3.93 8.23
N PRO B 9 5.29 -2.78 8.06
CA PRO B 9 5.77 -1.99 9.20
C PRO B 9 4.65 -1.33 9.99
N PRO B 10 4.96 -0.91 11.23
CA PRO B 10 4.01 -0.24 12.11
C PRO B 10 3.06 0.65 11.34
N LYS B 11 1.85 0.86 11.84
CA LYS B 11 0.88 1.72 11.19
C LYS B 11 0.25 2.65 12.21
N PRO B 12 0.15 3.93 11.89
CA PRO B 12 -0.43 4.88 12.81
C PRO B 12 -1.86 4.48 13.12
N SER B 13 -2.11 4.25 14.40
CA SER B 13 -3.39 3.72 14.88
C SER B 13 -4.63 4.57 14.59
N HIS B 14 -4.42 5.77 14.08
CA HIS B 14 -5.53 6.64 13.72
C HIS B 14 -6.07 6.25 12.34
N LEU B 15 -5.41 5.29 11.69
CA LEU B 15 -5.84 4.87 10.37
C LEU B 15 -6.30 3.42 10.33
N LYS B 16 -7.04 3.02 11.36
CA LYS B 16 -7.58 1.66 11.44
C LYS B 16 -9.11 1.71 11.42
N PRO B 17 -9.76 0.60 11.04
CA PRO B 17 -11.22 0.54 10.96
C PRO B 17 -11.90 0.99 12.26
N LYS B 18 -13.11 1.52 12.17
CA LYS B 18 -13.83 1.95 13.37
C LYS B 18 -13.17 3.17 13.99
N ALA A 1 -2.42 12.78 -7.71
CA ALA A 1 -1.52 12.30 -6.62
C ALA A 1 -0.45 11.37 -7.18
N PRO A 2 0.67 11.23 -6.44
CA PRO A 2 1.77 10.33 -6.84
C PRO A 2 1.28 8.91 -7.02
N TRP A 3 2.12 8.08 -7.62
CA TRP A 3 1.75 6.70 -7.88
C TRP A 3 2.89 5.76 -7.55
N ALA A 4 2.55 4.48 -7.41
CA ALA A 4 3.55 3.51 -7.06
C ALA A 4 3.23 2.10 -7.54
N THR A 5 4.24 1.26 -7.56
CA THR A 5 4.09 -0.13 -7.97
C THR A 5 4.34 -1.05 -6.80
N ALA A 6 3.69 -2.21 -6.80
CA ALA A 6 3.86 -3.20 -5.74
C ALA A 6 5.08 -4.07 -6.02
N GLU A 7 5.81 -4.38 -4.96
CA GLU A 7 7.00 -5.22 -5.07
C GLU A 7 6.81 -6.56 -4.33
N TYR A 8 5.72 -6.68 -3.57
CA TYR A 8 5.41 -7.87 -2.80
C TYR A 8 3.92 -8.07 -2.72
N ASP A 9 3.46 -9.33 -2.72
CA ASP A 9 2.04 -9.68 -2.65
C ASP A 9 1.51 -9.32 -1.29
N TYR A 10 1.08 -8.09 -1.15
CA TYR A 10 0.60 -7.58 0.12
C TYR A 10 -0.85 -7.97 0.40
N ASP A 11 -1.08 -8.53 1.58
CA ASP A 11 -2.43 -8.91 1.96
C ASP A 11 -2.92 -8.11 3.19
N ALA A 12 -3.03 -6.77 3.03
CA ALA A 12 -3.52 -5.84 4.07
C ALA A 12 -3.62 -6.48 5.46
N ALA A 13 -2.56 -6.34 6.25
CA ALA A 13 -2.52 -6.89 7.60
C ALA A 13 -3.61 -6.37 8.58
N GLU A 14 -4.11 -5.14 8.44
CA GLU A 14 -5.09 -4.61 9.43
C GLU A 14 -6.54 -4.36 8.98
N ASP A 15 -6.91 -4.68 7.75
CA ASP A 15 -8.28 -4.50 7.24
C ASP A 15 -8.32 -3.20 6.45
N ASN A 16 -8.14 -2.04 7.09
CA ASN A 16 -8.15 -0.85 6.24
C ASN A 16 -6.72 -0.52 5.87
N GLU A 17 -6.09 -1.46 5.21
CA GLU A 17 -4.86 -1.31 4.52
C GLU A 17 -5.22 -1.57 3.07
N LEU A 18 -4.35 -1.30 2.12
CA LEU A 18 -4.68 -1.65 0.75
C LEU A 18 -4.07 -3.01 0.54
N THR A 19 -4.43 -3.62 -0.57
CA THR A 19 -3.93 -4.93 -0.87
C THR A 19 -3.56 -5.03 -2.33
N PHE A 20 -2.37 -5.51 -2.58
CA PHE A 20 -1.90 -5.60 -3.95
C PHE A 20 -0.92 -6.75 -4.14
N VAL A 21 -0.75 -7.09 -5.40
CA VAL A 21 0.15 -8.17 -5.79
C VAL A 21 1.22 -7.61 -6.71
N GLU A 22 2.46 -7.99 -6.47
CA GLU A 22 3.61 -7.54 -7.24
C GLU A 22 3.28 -7.06 -8.64
N ASN A 23 4.05 -6.07 -9.04
CA ASN A 23 3.85 -5.49 -10.35
C ASN A 23 2.47 -4.80 -10.45
N ASP A 24 1.70 -4.77 -9.35
CA ASP A 24 0.40 -4.13 -9.36
C ASP A 24 0.61 -2.63 -9.24
N LYS A 25 -0.07 -1.91 -10.10
CA LYS A 25 0.04 -0.49 -10.13
C LYS A 25 -0.83 0.19 -9.07
N ILE A 26 -0.28 1.21 -8.42
CA ILE A 26 -0.98 1.99 -7.42
C ILE A 26 -0.91 3.46 -7.81
N ILE A 27 -2.02 4.18 -7.66
CA ILE A 27 -2.10 5.58 -8.07
C ILE A 27 -2.90 6.42 -7.09
N ASN A 28 -2.84 7.72 -7.31
CA ASN A 28 -3.51 8.67 -6.46
C ASN A 28 -3.02 8.49 -5.06
N ILE A 29 -1.71 8.36 -4.96
CA ILE A 29 -1.06 8.16 -3.70
C ILE A 29 -1.07 9.45 -2.91
N GLU A 30 -1.19 9.32 -1.61
CA GLU A 30 -1.15 10.50 -0.78
C GLU A 30 -0.35 10.25 0.47
N PHE A 31 0.00 11.35 1.11
CA PHE A 31 0.81 11.25 2.32
C PHE A 31 -0.01 11.40 3.58
N VAL A 32 -1.03 10.56 3.69
CA VAL A 32 -1.88 10.51 4.85
C VAL A 32 -1.01 10.28 6.09
N ASP A 33 -0.01 9.41 5.95
CA ASP A 33 0.94 9.17 7.04
C ASP A 33 2.35 9.09 6.46
N ASP A 34 3.36 9.23 7.32
CA ASP A 34 4.75 9.14 6.88
C ASP A 34 5.05 7.75 6.35
N ASP A 35 4.66 6.76 7.14
CA ASP A 35 4.96 5.35 6.85
C ASP A 35 3.93 4.63 5.98
N TRP A 36 2.65 4.92 6.18
CA TRP A 36 1.63 4.34 5.31
C TRP A 36 0.94 5.41 4.51
N TRP A 37 1.05 5.37 3.19
CA TRP A 37 0.42 6.34 2.32
C TRP A 37 -0.90 5.77 1.87
N LEU A 38 -1.73 6.57 1.24
CA LEU A 38 -3.01 6.09 0.78
C LEU A 38 -2.97 5.93 -0.72
N GLY A 39 -3.79 5.03 -1.21
CA GLY A 39 -3.75 4.82 -2.64
C GLY A 39 -5.06 4.79 -3.39
N GLU A 40 -4.89 4.31 -4.61
CA GLU A 40 -5.94 4.09 -5.59
C GLU A 40 -5.30 3.18 -6.63
N LEU A 41 -5.79 1.98 -6.83
CA LEU A 41 -5.12 1.12 -7.80
C LEU A 41 -5.46 1.49 -9.22
N GLU A 42 -4.45 1.81 -9.99
CA GLU A 42 -4.67 2.16 -11.38
C GLU A 42 -5.35 1.00 -12.09
N LYS A 43 -4.98 -0.22 -11.71
CA LYS A 43 -5.53 -1.40 -12.36
C LYS A 43 -7.01 -1.64 -12.03
N ASP A 44 -7.40 -1.48 -10.75
CA ASP A 44 -8.81 -1.75 -10.37
C ASP A 44 -9.48 -0.58 -9.64
N GLY A 45 -8.70 0.43 -9.29
CA GLY A 45 -9.26 1.58 -8.60
C GLY A 45 -9.47 1.36 -7.11
N SER A 46 -8.68 0.49 -6.49
CA SER A 46 -8.82 0.24 -5.06
C SER A 46 -7.99 1.23 -4.25
N LYS A 47 -8.56 1.71 -3.16
CA LYS A 47 -7.88 2.68 -2.31
C LYS A 47 -7.71 2.15 -0.90
N GLY A 48 -6.60 2.51 -0.28
CA GLY A 48 -6.33 2.09 1.08
C GLY A 48 -4.93 2.40 1.53
N LEU A 49 -4.71 2.46 2.83
CA LEU A 49 -3.39 2.76 3.36
C LEU A 49 -2.50 1.54 3.15
N PHE A 50 -1.24 1.74 2.81
CA PHE A 50 -0.32 0.65 2.54
C PHE A 50 1.04 0.96 3.12
N PRO A 51 1.86 -0.06 3.42
CA PRO A 51 3.15 0.24 3.98
C PRO A 51 4.09 0.51 2.84
N SER A 52 4.26 1.79 2.65
CA SER A 52 5.10 2.31 1.57
C SER A 52 6.33 1.44 1.22
N ASN A 53 6.81 0.63 2.19
CA ASN A 53 7.96 -0.24 1.96
C ASN A 53 7.59 -1.50 1.17
N TYR A 54 6.29 -1.77 1.06
CA TYR A 54 5.77 -2.91 0.31
C TYR A 54 5.60 -2.51 -1.16
N VAL A 55 5.84 -1.23 -1.46
CA VAL A 55 5.66 -0.69 -2.80
C VAL A 55 6.73 0.34 -3.15
N SER A 56 6.99 0.49 -4.45
CA SER A 56 7.94 1.47 -4.93
C SER A 56 7.19 2.63 -5.60
N LEU A 57 7.53 3.85 -5.24
CA LEU A 57 6.84 5.01 -5.81
C LEU A 57 7.31 5.27 -7.23
N GLY A 58 6.34 5.40 -8.12
CA GLY A 58 6.63 5.64 -9.51
C GLY A 58 6.92 7.11 -9.77
N ASN A 59 6.88 7.94 -8.72
CA ASN A 59 7.13 9.37 -8.85
C ASN A 59 6.90 10.08 -7.52
N ALA B 1 1.26 -16.43 6.43
CA ALA B 1 2.70 -16.56 6.13
C ALA B 1 3.21 -15.32 5.38
N LYS B 2 4.10 -15.55 4.37
CA LYS B 2 4.76 -14.47 3.60
C LYS B 2 6.28 -14.63 3.70
N LYS B 3 6.95 -15.22 2.72
CA LYS B 3 8.39 -15.40 2.86
C LYS B 3 9.13 -14.23 2.21
N THR B 4 9.57 -14.40 0.97
CA THR B 4 10.35 -13.36 0.27
C THR B 4 9.66 -12.01 0.06
N LYS B 5 9.12 -11.42 1.12
CA LYS B 5 8.54 -10.09 1.03
C LYS B 5 8.67 -9.40 2.40
N PRO B 6 8.69 -8.06 2.42
CA PRO B 6 8.80 -7.31 3.67
C PRO B 6 7.58 -7.54 4.56
N THR B 7 7.71 -7.27 5.85
CA THR B 7 6.57 -7.42 6.76
C THR B 7 5.91 -6.07 6.98
N PRO B 8 4.61 -5.94 6.67
CA PRO B 8 3.92 -4.65 6.82
C PRO B 8 4.23 -4.01 8.17
N PRO B 9 5.16 -3.05 8.18
CA PRO B 9 5.59 -2.38 9.42
C PRO B 9 4.42 -1.79 10.20
N PRO B 10 4.70 -1.33 11.43
CA PRO B 10 3.69 -0.72 12.30
C PRO B 10 2.72 0.15 11.50
N LYS B 11 1.58 0.44 12.08
CA LYS B 11 0.57 1.26 11.43
C LYS B 11 0.11 2.34 12.38
N PRO B 12 0.16 3.61 11.98
CA PRO B 12 -0.26 4.67 12.87
C PRO B 12 -1.71 4.41 13.27
N SER B 13 -1.89 4.24 14.58
CA SER B 13 -3.17 3.84 15.17
C SER B 13 -4.40 4.69 14.82
N HIS B 14 -4.18 5.82 14.16
CA HIS B 14 -5.26 6.69 13.73
C HIS B 14 -5.77 6.28 12.34
N LEU B 15 -5.12 5.29 11.72
CA LEU B 15 -5.54 4.86 10.39
C LEU B 15 -6.10 3.44 10.36
N LYS B 16 -6.95 3.13 11.32
CA LYS B 16 -7.63 1.84 11.37
C LYS B 16 -9.11 2.07 11.09
N PRO B 17 -9.84 1.03 10.65
CA PRO B 17 -11.25 1.20 10.32
C PRO B 17 -12.12 1.17 11.57
N LYS B 18 -12.86 2.24 11.82
CA LYS B 18 -13.73 2.33 12.98
C LYS B 18 -12.92 2.25 14.27
N ALA A 1 -2.68 12.50 -7.94
CA ALA A 1 -1.62 12.28 -6.92
C ALA A 1 -0.58 11.27 -7.42
N PRO A 2 0.58 11.20 -6.75
CA PRO A 2 1.67 10.27 -7.12
C PRO A 2 1.18 8.84 -7.27
N TRP A 3 2.01 8.01 -7.88
CA TRP A 3 1.65 6.62 -8.14
C TRP A 3 2.80 5.69 -7.75
N ALA A 4 2.44 4.44 -7.47
CA ALA A 4 3.44 3.46 -7.06
C ALA A 4 3.16 2.07 -7.60
N THR A 5 4.18 1.24 -7.59
CA THR A 5 4.07 -0.13 -8.04
C THR A 5 4.34 -1.08 -6.89
N ALA A 6 3.74 -2.26 -6.96
CA ALA A 6 3.93 -3.27 -5.94
C ALA A 6 5.15 -4.12 -6.24
N GLU A 7 5.93 -4.40 -5.21
CA GLU A 7 7.13 -5.21 -5.34
C GLU A 7 6.97 -6.56 -4.65
N TYR A 8 5.89 -6.70 -3.89
CA TYR A 8 5.58 -7.92 -3.15
C TYR A 8 4.08 -8.12 -3.04
N ASP A 9 3.62 -9.36 -3.07
CA ASP A 9 2.19 -9.67 -2.95
C ASP A 9 1.71 -9.24 -1.57
N TYR A 10 1.29 -7.98 -1.47
CA TYR A 10 0.86 -7.43 -0.17
C TYR A 10 -0.55 -7.84 0.19
N ASP A 11 -0.71 -8.35 1.41
CA ASP A 11 -2.03 -8.77 1.87
C ASP A 11 -2.50 -8.00 3.13
N ALA A 12 -2.68 -6.66 3.00
CA ALA A 12 -3.19 -5.77 4.08
C ALA A 12 -3.28 -6.43 5.47
N ALA A 13 -2.26 -6.23 6.28
CA ALA A 13 -2.20 -6.78 7.64
C ALA A 13 -3.24 -6.20 8.66
N GLU A 14 -3.74 -4.97 8.48
CA GLU A 14 -4.66 -4.39 9.49
C GLU A 14 -6.14 -4.17 9.12
N ASP A 15 -6.55 -4.51 7.91
CA ASP A 15 -7.96 -4.37 7.47
C ASP A 15 -8.05 -3.08 6.67
N ASN A 16 -7.87 -1.90 7.29
CA ASN A 16 -7.94 -0.72 6.43
C ASN A 16 -6.54 -0.39 5.96
N GLU A 17 -5.94 -1.34 5.28
CA GLU A 17 -4.76 -1.17 4.53
C GLU A 17 -5.14 -1.42 3.08
N LEU A 18 -4.29 -1.15 2.14
CA LEU A 18 -4.59 -1.50 0.76
C LEU A 18 -4.00 -2.88 0.58
N THR A 19 -4.27 -3.47 -0.56
CA THR A 19 -3.83 -4.84 -0.77
C THR A 19 -3.58 -5.07 -2.24
N PHE A 20 -2.44 -5.60 -2.57
CA PHE A 20 -2.11 -5.80 -3.97
C PHE A 20 -1.17 -6.97 -4.16
N VAL A 21 -0.93 -7.26 -5.41
CA VAL A 21 -0.02 -8.33 -5.80
C VAL A 21 1.08 -7.75 -6.65
N GLU A 22 2.33 -8.09 -6.33
CA GLU A 22 3.50 -7.60 -7.04
C GLU A 22 3.21 -7.10 -8.46
N ASN A 23 3.99 -6.11 -8.86
CA ASN A 23 3.80 -5.51 -10.18
C ASN A 23 2.45 -4.81 -10.28
N ASP A 24 1.71 -4.69 -9.16
CA ASP A 24 0.42 -4.01 -9.16
C ASP A 24 0.68 -2.52 -9.19
N LYS A 25 -0.12 -1.86 -9.99
CA LYS A 25 -0.01 -0.44 -10.11
C LYS A 25 -0.86 0.27 -9.05
N ILE A 26 -0.32 1.36 -8.51
CA ILE A 26 -1.01 2.15 -7.51
C ILE A 26 -0.96 3.62 -7.92
N ILE A 27 -2.06 4.32 -7.75
CA ILE A 27 -2.15 5.72 -8.17
C ILE A 27 -2.93 6.55 -7.17
N ASN A 28 -2.92 7.85 -7.40
CA ASN A 28 -3.58 8.81 -6.53
C ASN A 28 -3.02 8.65 -5.14
N ILE A 29 -1.71 8.54 -5.10
CA ILE A 29 -1.02 8.37 -3.86
C ILE A 29 -1.03 9.66 -3.08
N GLU A 30 -1.21 9.53 -1.79
CA GLU A 30 -1.19 10.69 -0.93
C GLU A 30 -0.41 10.38 0.31
N PHE A 31 -0.06 11.41 1.05
CA PHE A 31 0.74 11.18 2.25
C PHE A 31 -0.04 11.45 3.52
N VAL A 32 -1.16 10.73 3.63
CA VAL A 32 -2.01 10.80 4.80
C VAL A 32 -1.15 10.54 6.04
N ASP A 33 -0.15 9.68 5.90
CA ASP A 33 0.79 9.39 6.98
C ASP A 33 2.22 9.35 6.42
N ASP A 34 3.21 9.40 7.30
CA ASP A 34 4.61 9.32 6.87
C ASP A 34 4.93 7.92 6.35
N ASP A 35 4.58 6.93 7.16
CA ASP A 35 4.90 5.52 6.89
C ASP A 35 3.88 4.79 6.04
N TRP A 36 2.61 5.06 6.25
CA TRP A 36 1.58 4.45 5.41
C TRP A 36 0.91 5.54 4.60
N TRP A 37 1.08 5.56 3.29
CA TRP A 37 0.48 6.56 2.42
C TRP A 37 -0.81 5.96 1.89
N LEU A 38 -1.63 6.76 1.24
CA LEU A 38 -2.89 6.26 0.73
C LEU A 38 -2.84 6.13 -0.78
N GLY A 39 -3.65 5.23 -1.28
CA GLY A 39 -3.63 5.03 -2.71
C GLY A 39 -4.96 4.96 -3.42
N GLU A 40 -4.83 4.44 -4.63
CA GLU A 40 -5.91 4.17 -5.57
C GLU A 40 -5.29 3.24 -6.60
N LEU A 41 -5.77 2.01 -6.76
CA LEU A 41 -5.09 1.15 -7.72
C LEU A 41 -5.45 1.50 -9.15
N GLU A 42 -4.45 1.85 -9.92
CA GLU A 42 -4.66 2.20 -11.31
C GLU A 42 -5.36 1.05 -12.03
N LYS A 43 -4.96 -0.16 -11.68
CA LYS A 43 -5.52 -1.33 -12.33
C LYS A 43 -7.02 -1.57 -12.01
N ASP A 44 -7.45 -1.39 -10.75
CA ASP A 44 -8.86 -1.66 -10.40
C ASP A 44 -9.54 -0.50 -9.66
N GLY A 45 -8.78 0.54 -9.37
CA GLY A 45 -9.33 1.69 -8.67
C GLY A 45 -9.56 1.46 -7.19
N SER A 46 -8.76 0.62 -6.57
CA SER A 46 -8.93 0.35 -5.14
C SER A 46 -8.16 1.38 -4.33
N LYS A 47 -8.79 1.88 -3.28
CA LYS A 47 -8.17 2.89 -2.42
C LYS A 47 -7.98 2.37 -1.01
N GLY A 48 -6.90 2.79 -0.36
CA GLY A 48 -6.64 2.38 1.00
C GLY A 48 -5.23 2.75 1.44
N LEU A 49 -5.03 2.81 2.74
CA LEU A 49 -3.70 3.15 3.26
C LEU A 49 -2.81 1.98 3.00
N PHE A 50 -1.69 2.19 2.34
CA PHE A 50 -0.83 1.09 1.99
C PHE A 50 0.58 1.28 2.53
N PRO A 51 1.30 0.17 2.68
CA PRO A 51 2.66 0.15 3.17
C PRO A 51 3.61 0.95 2.29
N SER A 52 4.85 0.91 2.73
CA SER A 52 5.84 1.60 1.90
C SER A 52 7.04 0.77 1.56
N ASN A 53 7.28 -0.27 2.34
CA ASN A 53 8.36 -1.16 2.07
C ASN A 53 7.89 -2.37 1.24
N TYR A 54 6.54 -2.58 1.18
CA TYR A 54 5.94 -3.65 0.38
C TYR A 54 5.78 -3.15 -1.09
N VAL A 55 5.97 -1.83 -1.30
CA VAL A 55 5.79 -1.20 -2.62
C VAL A 55 6.80 -0.08 -2.88
N SER A 56 7.01 0.22 -4.16
CA SER A 56 7.90 1.28 -4.59
C SER A 56 7.12 2.40 -5.27
N LEU A 57 7.48 3.66 -4.98
CA LEU A 57 6.77 4.81 -5.58
C LEU A 57 7.28 5.11 -6.98
N GLY A 58 6.36 5.23 -7.91
CA GLY A 58 6.72 5.52 -9.28
C GLY A 58 6.98 7.00 -9.51
N ASN A 59 6.98 7.79 -8.43
CA ASN A 59 7.23 9.22 -8.54
C ASN A 59 7.80 9.77 -7.24
N ALA B 1 9.02 -18.91 -5.54
CA ALA B 1 7.62 -18.78 -5.04
C ALA B 1 7.43 -17.43 -4.32
N LYS B 2 7.37 -17.41 -2.98
CA LYS B 2 7.13 -16.15 -2.27
C LYS B 2 7.81 -14.92 -2.87
N LYS B 3 9.04 -15.18 -3.38
CA LYS B 3 9.83 -14.06 -3.83
C LYS B 3 10.09 -13.09 -2.67
N THR B 4 9.87 -13.59 -1.44
CA THR B 4 10.10 -12.86 -0.18
C THR B 4 9.47 -11.49 -0.18
N LYS B 5 8.59 -11.27 0.79
CA LYS B 5 7.93 -10.00 0.96
C LYS B 5 8.12 -9.48 2.38
N PRO B 6 8.64 -8.25 2.52
CA PRO B 6 8.86 -7.61 3.82
C PRO B 6 7.72 -7.86 4.80
N THR B 7 7.91 -7.46 6.04
CA THR B 7 6.85 -7.57 7.03
C THR B 7 6.20 -6.20 7.20
N PRO B 8 4.88 -6.07 6.91
CA PRO B 8 4.19 -4.79 7.00
C PRO B 8 4.57 -4.04 8.29
N PRO B 9 5.24 -2.89 8.15
CA PRO B 9 5.71 -2.12 9.29
C PRO B 9 4.59 -1.56 10.14
N PRO B 10 4.90 -1.13 11.38
CA PRO B 10 3.93 -0.53 12.29
C PRO B 10 2.96 0.37 11.53
N LYS B 11 1.80 0.63 12.10
CA LYS B 11 0.83 1.49 11.44
C LYS B 11 0.28 2.49 12.42
N PRO B 12 0.11 3.75 11.99
CA PRO B 12 -0.42 4.76 12.88
C PRO B 12 -1.87 4.39 13.21
N SER B 13 -2.06 4.09 14.50
CA SER B 13 -3.33 3.57 14.99
C SER B 13 -4.57 4.42 14.76
N HIS B 14 -4.37 5.64 14.28
CA HIS B 14 -5.50 6.51 13.96
C HIS B 14 -6.10 6.10 12.61
N LEU B 15 -5.48 5.10 11.96
CA LEU B 15 -5.96 4.64 10.67
C LEU B 15 -6.50 3.21 10.73
N LYS B 16 -7.26 2.91 11.77
CA LYS B 16 -7.86 1.60 11.95
C LYS B 16 -9.37 1.68 11.68
N PRO B 17 -9.96 0.60 11.13
CA PRO B 17 -11.40 0.59 10.83
C PRO B 17 -12.23 0.93 12.05
N LYS B 18 -13.44 1.44 11.86
CA LYS B 18 -14.30 1.76 12.99
C LYS B 18 -13.62 2.75 13.93
N ALA A 1 -2.67 12.32 -7.55
CA ALA A 1 -1.55 12.09 -6.60
C ALA A 1 -0.55 11.08 -7.16
N PRO A 2 0.65 10.99 -6.56
CA PRO A 2 1.71 10.06 -6.99
C PRO A 2 1.21 8.63 -7.14
N TRP A 3 2.01 7.82 -7.80
CA TRP A 3 1.67 6.44 -8.07
C TRP A 3 2.83 5.51 -7.72
N ALA A 4 2.52 4.22 -7.61
CA ALA A 4 3.52 3.25 -7.25
C ALA A 4 3.23 1.84 -7.77
N THR A 5 4.27 1.02 -7.82
CA THR A 5 4.15 -0.37 -8.24
C THR A 5 4.58 -1.22 -7.08
N ALA A 6 3.73 -2.10 -6.63
CA ALA A 6 4.06 -2.95 -5.51
C ALA A 6 5.42 -3.64 -5.71
N GLU A 7 5.85 -4.26 -4.64
CA GLU A 7 7.12 -4.98 -4.65
C GLU A 7 6.99 -6.41 -4.10
N TYR A 8 5.86 -6.66 -3.44
CA TYR A 8 5.57 -7.95 -2.83
C TYR A 8 4.08 -8.15 -2.74
N ASP A 9 3.62 -9.38 -2.87
CA ASP A 9 2.19 -9.69 -2.78
C ASP A 9 1.69 -9.25 -1.42
N TYR A 10 1.29 -7.98 -1.33
CA TYR A 10 0.85 -7.42 -0.05
C TYR A 10 -0.58 -7.85 0.27
N ASP A 11 -0.76 -8.41 1.46
CA ASP A 11 -2.09 -8.83 1.87
C ASP A 11 -2.59 -8.07 3.12
N ALA A 12 -2.76 -6.75 2.99
CA ALA A 12 -3.30 -5.85 4.04
C ALA A 12 -3.37 -6.50 5.43
N ALA A 13 -2.33 -6.33 6.23
CA ALA A 13 -2.25 -6.90 7.57
C ALA A 13 -3.34 -6.41 8.59
N GLU A 14 -3.87 -5.19 8.49
CA GLU A 14 -4.85 -4.72 9.51
C GLU A 14 -6.31 -4.51 9.08
N ASP A 15 -6.64 -4.73 7.81
CA ASP A 15 -8.02 -4.59 7.29
C ASP A 15 -8.11 -3.30 6.50
N ASN A 16 -7.87 -2.12 7.13
CA ASN A 16 -7.95 -0.95 6.28
C ASN A 16 -6.56 -0.60 5.77
N GLU A 17 -5.99 -1.55 5.07
CA GLU A 17 -4.82 -1.36 4.29
C GLU A 17 -5.24 -1.62 2.85
N LEU A 18 -4.39 -1.36 1.89
CA LEU A 18 -4.70 -1.71 0.53
C LEU A 18 -4.08 -3.07 0.34
N THR A 19 -4.29 -3.68 -0.80
CA THR A 19 -3.80 -5.01 -1.03
C THR A 19 -3.45 -5.19 -2.48
N PHE A 20 -2.24 -5.63 -2.74
CA PHE A 20 -1.79 -5.74 -4.11
C PHE A 20 -0.73 -6.82 -4.30
N VAL A 21 -0.32 -6.92 -5.54
CA VAL A 21 0.75 -7.82 -5.95
C VAL A 21 1.86 -6.96 -6.52
N GLU A 22 3.12 -7.30 -6.27
CA GLU A 22 4.28 -6.51 -6.70
C GLU A 22 4.13 -5.79 -8.05
N ASN A 23 3.38 -6.37 -8.91
CA ASN A 23 3.20 -5.78 -10.24
C ASN A 23 1.87 -5.04 -10.36
N ASP A 24 1.19 -4.87 -9.25
CA ASP A 24 -0.06 -4.16 -9.25
C ASP A 24 0.22 -2.67 -9.17
N LYS A 25 -0.38 -1.94 -10.06
CA LYS A 25 -0.21 -0.52 -10.13
C LYS A 25 -0.98 0.16 -9.01
N ILE A 26 -0.41 1.25 -8.48
CA ILE A 26 -1.05 2.02 -7.42
C ILE A 26 -0.99 3.51 -7.79
N ILE A 27 -2.04 4.26 -7.48
CA ILE A 27 -2.08 5.67 -7.82
C ILE A 27 -2.79 6.48 -6.75
N ASN A 28 -2.75 7.79 -6.92
CA ASN A 28 -3.33 8.69 -5.96
C ASN A 28 -2.71 8.46 -4.60
N ILE A 29 -1.37 8.35 -4.61
CA ILE A 29 -0.63 8.05 -3.40
C ILE A 29 -0.55 9.23 -2.46
N GLU A 30 -1.65 9.65 -1.88
CA GLU A 30 -1.56 10.74 -0.94
C GLU A 30 -0.70 10.36 0.24
N PHE A 31 -0.33 11.32 1.07
CA PHE A 31 0.52 11.00 2.21
C PHE A 31 -0.19 11.24 3.53
N VAL A 32 -1.31 10.56 3.70
CA VAL A 32 -2.08 10.65 4.92
C VAL A 32 -1.17 10.39 6.12
N ASP A 33 -0.15 9.57 5.94
CA ASP A 33 0.83 9.33 7.00
C ASP A 33 2.24 9.30 6.42
N ASP A 34 3.26 9.28 7.28
CA ASP A 34 4.64 9.21 6.83
C ASP A 34 4.94 7.80 6.29
N ASP A 35 4.59 6.80 7.09
CA ASP A 35 4.89 5.41 6.78
C ASP A 35 3.83 4.69 5.96
N TRP A 36 2.56 4.97 6.23
CA TRP A 36 1.50 4.38 5.41
C TRP A 36 0.80 5.49 4.65
N TRP A 37 0.96 5.55 3.33
CA TRP A 37 0.33 6.55 2.49
C TRP A 37 -0.95 5.94 1.94
N LEU A 38 -1.80 6.75 1.35
CA LEU A 38 -3.05 6.24 0.83
C LEU A 38 -3.02 6.15 -0.68
N GLY A 39 -3.80 5.22 -1.19
CA GLY A 39 -3.78 5.05 -2.62
C GLY A 39 -5.11 4.99 -3.33
N GLU A 40 -4.97 4.51 -4.56
CA GLU A 40 -6.04 4.28 -5.50
C GLU A 40 -5.42 3.39 -6.56
N LEU A 41 -5.91 2.19 -6.79
CA LEU A 41 -5.25 1.37 -7.81
C LEU A 41 -5.70 1.74 -9.21
N GLU A 42 -4.77 2.14 -10.05
CA GLU A 42 -5.13 2.52 -11.40
C GLU A 42 -5.80 1.35 -12.12
N LYS A 43 -5.34 0.13 -11.84
CA LYS A 43 -5.88 -1.04 -12.53
C LYS A 43 -7.34 -1.33 -12.16
N ASP A 44 -7.72 -1.22 -10.88
CA ASP A 44 -9.10 -1.51 -10.48
C ASP A 44 -9.77 -0.37 -9.71
N GLY A 45 -9.00 0.67 -9.42
CA GLY A 45 -9.54 1.81 -8.68
C GLY A 45 -9.76 1.54 -7.21
N SER A 46 -8.92 0.70 -6.61
CA SER A 46 -9.07 0.40 -5.19
C SER A 46 -8.30 1.41 -4.36
N LYS A 47 -8.92 1.86 -3.26
CA LYS A 47 -8.29 2.85 -2.40
C LYS A 47 -8.09 2.29 -0.99
N GLY A 48 -7.00 2.69 -0.37
CA GLY A 48 -6.71 2.26 0.98
C GLY A 48 -5.29 2.60 1.39
N LEU A 49 -5.03 2.61 2.67
CA LEU A 49 -3.70 2.92 3.13
C LEU A 49 -2.81 1.74 2.80
N PHE A 50 -1.63 2.00 2.33
CA PHE A 50 -0.74 0.93 1.96
C PHE A 50 0.65 1.13 2.49
N PRO A 51 1.36 0.02 2.68
CA PRO A 51 2.73 0.03 3.17
C PRO A 51 3.66 0.86 2.34
N SER A 52 4.89 0.82 2.79
CA SER A 52 5.88 1.54 2.00
C SER A 52 7.10 0.73 1.64
N ASN A 53 7.31 -0.35 2.38
CA ASN A 53 8.40 -1.25 2.12
C ASN A 53 7.92 -2.40 1.23
N TYR A 54 6.59 -2.63 1.19
CA TYR A 54 5.99 -3.68 0.36
C TYR A 54 5.81 -3.17 -1.09
N VAL A 55 6.00 -1.85 -1.30
CA VAL A 55 5.82 -1.24 -2.63
C VAL A 55 6.87 -0.19 -2.95
N SER A 56 7.06 0.07 -4.24
CA SER A 56 7.99 1.08 -4.72
C SER A 56 7.22 2.22 -5.37
N LEU A 57 7.55 3.47 -5.00
CA LEU A 57 6.84 4.61 -5.58
C LEU A 57 7.36 4.96 -6.95
N GLY A 58 6.44 5.11 -7.89
CA GLY A 58 6.82 5.45 -9.25
C GLY A 58 7.08 6.93 -9.45
N ASN A 59 7.09 7.69 -8.34
CA ASN A 59 7.32 9.12 -8.41
C ASN A 59 7.93 9.64 -7.11
N ALA B 1 -1.19 -15.33 -1.88
CA ALA B 1 -0.41 -15.32 -0.62
C ALA B 1 1.08 -15.39 -0.88
N LYS B 2 1.86 -15.16 0.18
CA LYS B 2 3.31 -15.23 0.06
C LYS B 2 3.99 -15.22 1.44
N LYS B 3 5.30 -15.44 1.43
CA LYS B 3 6.09 -15.45 2.66
C LYS B 3 7.53 -14.94 2.46
N THR B 4 7.82 -14.51 1.23
CA THR B 4 9.06 -13.84 0.87
C THR B 4 8.65 -12.44 0.47
N LYS B 5 8.23 -11.71 1.50
CA LYS B 5 7.84 -10.31 1.40
C LYS B 5 8.20 -9.61 2.70
N PRO B 6 8.53 -8.32 2.64
CA PRO B 6 8.84 -7.54 3.84
C PRO B 6 7.75 -7.70 4.88
N THR B 7 7.97 -7.14 6.07
CA THR B 7 6.93 -7.14 7.09
C THR B 7 6.23 -5.79 7.09
N PRO B 8 4.92 -5.75 6.81
CA PRO B 8 4.18 -4.48 6.73
C PRO B 8 4.51 -3.58 7.92
N PRO B 9 5.24 -2.48 7.67
CA PRO B 9 5.67 -1.55 8.70
C PRO B 9 4.61 -1.28 9.74
N PRO B 10 5.04 -0.69 10.87
CA PRO B 10 4.10 -0.27 11.90
C PRO B 10 3.11 0.66 11.23
N LYS B 11 1.91 0.80 11.74
CA LYS B 11 0.93 1.67 11.13
C LYS B 11 0.34 2.60 12.16
N PRO B 12 0.43 3.92 11.93
CA PRO B 12 -0.09 4.88 12.88
C PRO B 12 -1.53 4.50 13.27
N SER B 13 -1.71 4.27 14.57
CA SER B 13 -2.97 3.77 15.12
C SER B 13 -4.23 4.63 14.92
N HIS B 14 -4.09 5.75 14.22
CA HIS B 14 -5.24 6.60 13.92
C HIS B 14 -5.86 6.24 12.56
N LEU B 15 -5.24 5.27 11.88
CA LEU B 15 -5.76 4.87 10.56
C LEU B 15 -6.29 3.45 10.52
N LYS B 16 -7.11 3.10 11.51
CA LYS B 16 -7.74 1.79 11.56
C LYS B 16 -9.23 1.93 11.24
N PRO B 17 -9.90 0.82 10.89
CA PRO B 17 -11.33 0.84 10.54
C PRO B 17 -12.23 1.01 11.76
N LYS B 18 -13.44 1.49 11.56
CA LYS B 18 -14.38 1.67 12.67
C LYS B 18 -13.87 2.74 13.63
N ALA A 1 -2.63 12.61 -7.78
CA ALA A 1 -1.57 12.32 -6.79
C ALA A 1 -0.54 11.33 -7.35
N PRO A 2 0.61 11.18 -6.67
CA PRO A 2 1.67 10.26 -7.09
C PRO A 2 1.18 8.82 -7.22
N TRP A 3 1.97 7.99 -7.87
CA TRP A 3 1.61 6.60 -8.11
C TRP A 3 2.76 5.66 -7.79
N ALA A 4 2.43 4.38 -7.63
CA ALA A 4 3.45 3.40 -7.31
C ALA A 4 3.14 2.01 -7.84
N THR A 5 4.18 1.19 -7.88
CA THR A 5 4.06 -0.20 -8.29
C THR A 5 4.47 -1.02 -7.12
N ALA A 6 3.66 -1.95 -6.73
CA ALA A 6 3.98 -2.79 -5.60
C ALA A 6 5.32 -3.48 -5.78
N GLU A 7 5.81 -4.01 -4.67
CA GLU A 7 7.08 -4.72 -4.66
C GLU A 7 6.95 -6.11 -4.02
N TYR A 8 5.85 -6.31 -3.30
CA TYR A 8 5.58 -7.56 -2.60
C TYR A 8 4.07 -7.75 -2.49
N ASP A 9 3.61 -8.98 -2.61
CA ASP A 9 2.19 -9.33 -2.52
C ASP A 9 1.67 -9.02 -1.12
N TYR A 10 1.22 -7.79 -0.91
CA TYR A 10 0.70 -7.41 0.40
C TYR A 10 -0.74 -7.86 0.60
N ASP A 11 -0.98 -8.59 1.67
CA ASP A 11 -2.33 -9.03 1.98
C ASP A 11 -2.85 -8.25 3.21
N ALA A 12 -2.97 -6.91 3.06
CA ALA A 12 -3.49 -6.00 4.09
C ALA A 12 -3.52 -6.60 5.50
N ALA A 13 -2.44 -6.40 6.22
CA ALA A 13 -2.31 -6.92 7.58
C ALA A 13 -3.37 -6.39 8.59
N GLU A 14 -3.90 -5.17 8.46
CA GLU A 14 -4.85 -4.64 9.48
C GLU A 14 -6.32 -4.42 9.07
N ASP A 15 -6.71 -4.75 7.85
CA ASP A 15 -8.12 -4.62 7.39
C ASP A 15 -8.23 -3.35 6.57
N ASN A 16 -8.07 -2.15 7.19
CA ASN A 16 -8.18 -0.99 6.32
C ASN A 16 -6.80 -0.65 5.79
N GLU A 17 -6.23 -1.59 5.08
CA GLU A 17 -5.07 -1.39 4.28
C GLU A 17 -5.46 -1.61 2.84
N LEU A 18 -4.55 -1.35 1.93
CA LEU A 18 -4.76 -1.64 0.54
C LEU A 18 -4.13 -3.00 0.34
N THR A 19 -4.28 -3.59 -0.82
CA THR A 19 -3.77 -4.93 -1.02
C THR A 19 -3.30 -5.08 -2.44
N PHE A 20 -2.07 -5.51 -2.60
CA PHE A 20 -1.52 -5.59 -3.94
C PHE A 20 -0.41 -6.63 -4.10
N VAL A 21 0.05 -6.69 -5.33
CA VAL A 21 1.14 -7.55 -5.74
C VAL A 21 2.20 -6.71 -6.43
N GLU A 22 3.45 -7.13 -6.35
CA GLU A 22 4.60 -6.40 -6.92
C GLU A 22 4.34 -5.77 -8.29
N ASN A 23 3.44 -6.38 -8.99
CA ASN A 23 3.14 -5.93 -10.34
C ASN A 23 1.81 -5.18 -10.45
N ASP A 24 1.10 -5.05 -9.33
CA ASP A 24 -0.16 -4.29 -9.34
C ASP A 24 0.13 -2.81 -9.25
N LYS A 25 -0.53 -2.05 -10.09
CA LYS A 25 -0.34 -0.62 -10.13
C LYS A 25 -1.09 0.10 -9.01
N ILE A 26 -0.49 1.17 -8.49
CA ILE A 26 -1.11 1.97 -7.44
C ILE A 26 -1.03 3.46 -7.83
N ILE A 27 -2.08 4.22 -7.52
CA ILE A 27 -2.11 5.63 -7.89
C ILE A 27 -2.79 6.48 -6.83
N ASN A 28 -2.74 7.79 -7.02
CA ASN A 28 -3.30 8.73 -6.09
C ASN A 28 -2.68 8.52 -4.71
N ILE A 29 -1.36 8.41 -4.71
CA ILE A 29 -0.62 8.11 -3.50
C ILE A 29 -0.56 9.28 -2.54
N GLU A 30 -1.68 9.70 -2.00
CA GLU A 30 -1.62 10.78 -1.04
C GLU A 30 -0.78 10.39 0.16
N PHE A 31 -0.42 11.35 1.00
CA PHE A 31 0.43 11.03 2.14
C PHE A 31 -0.31 11.12 3.46
N VAL A 32 -1.20 10.15 3.66
CA VAL A 32 -1.97 10.03 4.88
C VAL A 32 -1.04 9.83 6.08
N ASP A 33 0.01 9.03 5.93
CA ASP A 33 0.98 8.86 7.01
C ASP A 33 2.40 8.84 6.43
N ASP A 34 3.39 9.35 7.19
CA ASP A 34 4.78 9.35 6.71
C ASP A 34 5.14 7.99 6.15
N ASP A 35 4.80 6.97 6.93
CA ASP A 35 5.12 5.58 6.61
C ASP A 35 4.08 4.89 5.76
N TRP A 36 2.80 5.19 6.01
CA TRP A 36 1.75 4.64 5.16
C TRP A 36 1.07 5.75 4.39
N TRP A 37 1.12 5.72 3.06
CA TRP A 37 0.49 6.71 2.21
C TRP A 37 -0.81 6.12 1.73
N LEU A 38 -1.68 6.92 1.13
CA LEU A 38 -2.94 6.41 0.67
C LEU A 38 -2.93 6.25 -0.82
N GLY A 39 -3.74 5.31 -1.27
CA GLY A 39 -3.73 5.08 -2.70
C GLY A 39 -5.08 5.01 -3.38
N GLU A 40 -4.96 4.50 -4.59
CA GLU A 40 -6.04 4.24 -5.51
C GLU A 40 -5.45 3.31 -6.54
N LEU A 41 -5.95 2.10 -6.69
CA LEU A 41 -5.32 1.21 -7.67
C LEU A 41 -5.73 1.56 -9.08
N GLU A 42 -4.75 1.91 -9.89
CA GLU A 42 -5.02 2.24 -11.27
C GLU A 42 -5.75 1.09 -11.94
N LYS A 43 -5.36 -0.12 -11.57
CA LYS A 43 -5.96 -1.30 -12.18
C LYS A 43 -7.44 -1.52 -11.79
N ASP A 44 -7.79 -1.36 -10.52
CA ASP A 44 -9.19 -1.61 -10.09
C ASP A 44 -9.82 -0.44 -9.33
N GLY A 45 -9.05 0.59 -9.07
CA GLY A 45 -9.56 1.74 -8.35
C GLY A 45 -9.73 1.53 -6.85
N SER A 46 -8.91 0.70 -6.25
CA SER A 46 -9.01 0.46 -4.82
C SER A 46 -8.19 1.50 -4.04
N LYS A 47 -8.73 2.01 -2.94
CA LYS A 47 -8.04 3.03 -2.13
C LYS A 47 -7.82 2.56 -0.71
N GLY A 48 -6.74 3.01 -0.09
CA GLY A 48 -6.43 2.68 1.28
C GLY A 48 -4.99 3.00 1.65
N LEU A 49 -4.68 3.06 2.95
CA LEU A 49 -3.32 3.34 3.34
C LEU A 49 -2.49 2.13 3.01
N PHE A 50 -1.21 2.34 2.76
CA PHE A 50 -0.34 1.25 2.38
C PHE A 50 1.10 1.50 2.77
N PRO A 51 1.86 0.42 2.88
CA PRO A 51 3.25 0.45 3.26
C PRO A 51 4.12 1.26 2.35
N SER A 52 5.38 1.22 2.72
CA SER A 52 6.32 1.89 1.85
C SER A 52 7.50 1.04 1.45
N ASN A 53 7.69 -0.04 2.20
CA ASN A 53 8.72 -0.98 1.92
C ASN A 53 8.16 -2.16 1.10
N TYR A 54 6.82 -2.34 1.15
CA TYR A 54 6.13 -3.40 0.40
C TYR A 54 5.89 -2.95 -1.06
N VAL A 55 6.10 -1.63 -1.34
CA VAL A 55 5.88 -1.06 -2.68
C VAL A 55 6.91 0.00 -3.06
N SER A 56 7.06 0.22 -4.36
CA SER A 56 7.97 1.24 -4.88
C SER A 56 7.18 2.37 -5.55
N LEU A 57 7.52 3.62 -5.24
CA LEU A 57 6.80 4.76 -5.82
C LEU A 57 7.28 5.05 -7.23
N GLY A 58 6.32 5.19 -8.14
CA GLY A 58 6.63 5.47 -9.52
C GLY A 58 6.90 6.94 -9.77
N ASN A 59 6.93 7.74 -8.70
CA ASN A 59 7.17 9.17 -8.82
C ASN A 59 7.35 9.81 -7.45
N ALA B 1 6.33 -13.33 -9.21
CA ALA B 1 5.85 -14.29 -8.19
C ALA B 1 6.60 -14.11 -6.87
N LYS B 2 7.93 -14.22 -6.90
CA LYS B 2 8.72 -14.01 -5.71
C LYS B 2 8.27 -14.98 -4.59
N LYS B 3 7.51 -14.44 -3.61
CA LYS B 3 6.93 -15.24 -2.50
C LYS B 3 7.36 -14.66 -1.16
N THR B 4 8.67 -14.50 -0.94
CA THR B 4 9.11 -13.90 0.31
C THR B 4 8.59 -12.47 0.31
N LYS B 5 7.86 -12.10 1.36
CA LYS B 5 7.35 -10.74 1.45
C LYS B 5 7.70 -10.10 2.79
N PRO B 6 8.24 -8.87 2.76
CA PRO B 6 8.60 -8.13 3.97
C PRO B 6 7.52 -8.24 5.03
N THR B 7 7.82 -7.81 6.24
CA THR B 7 6.83 -7.80 7.30
C THR B 7 6.25 -6.39 7.41
N PRO B 8 5.00 -6.17 6.95
CA PRO B 8 4.39 -4.84 6.97
C PRO B 8 4.72 -4.06 8.24
N PRO B 9 5.46 -2.95 8.10
CA PRO B 9 5.87 -2.13 9.24
C PRO B 9 4.69 -1.63 10.05
N PRO B 10 4.96 -1.15 11.27
CA PRO B 10 3.93 -0.60 12.15
C PRO B 10 2.92 0.22 11.38
N LYS B 11 1.77 0.48 11.97
CA LYS B 11 0.72 1.24 11.31
C LYS B 11 0.19 2.29 12.25
N PRO B 12 0.12 3.56 11.83
CA PRO B 12 -0.38 4.59 12.71
C PRO B 12 -1.83 4.25 13.04
N SER B 13 -2.08 4.07 14.33
CA SER B 13 -3.36 3.60 14.84
C SER B 13 -4.61 4.45 14.55
N HIS B 14 -4.43 5.52 13.77
CA HIS B 14 -5.57 6.37 13.39
C HIS B 14 -6.11 5.98 12.01
N LEU B 15 -5.46 5.01 11.36
CA LEU B 15 -5.92 4.58 10.03
C LEU B 15 -6.44 3.16 10.00
N LYS B 16 -7.25 2.79 10.98
CA LYS B 16 -7.87 1.47 11.02
C LYS B 16 -9.36 1.64 10.83
N PRO B 17 -10.11 0.55 10.61
CA PRO B 17 -11.55 0.65 10.38
C PRO B 17 -12.30 0.77 11.71
N LYS B 18 -12.99 1.88 11.93
CA LYS B 18 -13.72 2.09 13.17
C LYS B 18 -14.88 3.06 12.96
N ALA A 1 -2.58 12.51 -8.09
CA ALA A 1 -1.54 12.29 -7.05
C ALA A 1 -0.51 11.27 -7.51
N PRO A 2 0.64 11.18 -6.80
CA PRO A 2 1.72 10.24 -7.13
C PRO A 2 1.23 8.81 -7.28
N TRP A 3 2.06 7.97 -7.89
CA TRP A 3 1.70 6.59 -8.15
C TRP A 3 2.82 5.65 -7.72
N ALA A 4 2.45 4.41 -7.39
CA ALA A 4 3.43 3.43 -6.96
C ALA A 4 3.13 2.02 -7.45
N THR A 5 4.17 1.19 -7.42
CA THR A 5 4.06 -0.20 -7.83
C THR A 5 4.35 -1.13 -6.67
N ALA A 6 3.74 -2.31 -6.70
CA ALA A 6 3.93 -3.30 -5.65
C ALA A 6 5.16 -4.15 -5.93
N GLU A 7 5.88 -4.48 -4.87
CA GLU A 7 7.07 -5.30 -4.98
C GLU A 7 6.91 -6.65 -4.27
N TYR A 8 5.80 -6.79 -3.54
CA TYR A 8 5.45 -8.01 -2.82
C TYR A 8 3.94 -8.18 -2.78
N ASP A 9 3.46 -9.41 -2.86
CA ASP A 9 2.04 -9.72 -2.83
C ASP A 9 1.49 -9.38 -1.45
N TYR A 10 1.05 -8.14 -1.27
CA TYR A 10 0.56 -7.69 0.03
C TYR A 10 -0.89 -8.12 0.28
N ASP A 11 -1.13 -8.66 1.48
CA ASP A 11 -2.47 -9.03 1.89
C ASP A 11 -2.93 -8.21 3.14
N ALA A 12 -3.07 -6.87 2.97
CA ALA A 12 -3.51 -5.93 4.03
C ALA A 12 -3.51 -6.53 5.45
N ALA A 13 -2.48 -6.22 6.24
CA ALA A 13 -2.31 -6.77 7.59
C ALA A 13 -3.34 -6.24 8.62
N GLU A 14 -3.85 -5.02 8.49
CA GLU A 14 -4.79 -4.48 9.50
C GLU A 14 -6.25 -4.26 9.09
N ASP A 15 -6.60 -4.51 7.83
CA ASP A 15 -7.99 -4.37 7.31
C ASP A 15 -8.05 -3.09 6.49
N ASN A 16 -7.78 -1.92 7.08
CA ASN A 16 -7.84 -0.75 6.21
C ASN A 16 -6.44 -0.45 5.73
N GLU A 17 -5.87 -1.41 5.06
CA GLU A 17 -4.69 -1.28 4.28
C GLU A 17 -5.12 -1.52 2.86
N LEU A 18 -4.28 -1.28 1.90
CA LEU A 18 -4.64 -1.63 0.54
C LEU A 18 -4.07 -3.02 0.37
N THR A 19 -4.35 -3.61 -0.77
CA THR A 19 -3.94 -4.98 -0.99
C THR A 19 -3.60 -5.16 -2.44
N PHE A 20 -2.41 -5.64 -2.70
CA PHE A 20 -1.99 -5.76 -4.08
C PHE A 20 -1.00 -6.89 -4.29
N VAL A 21 -0.78 -7.16 -5.56
CA VAL A 21 0.14 -8.20 -5.99
C VAL A 21 1.17 -7.58 -6.89
N GLU A 22 2.44 -7.92 -6.67
CA GLU A 22 3.57 -7.38 -7.44
C GLU A 22 3.19 -6.91 -8.83
N ASN A 23 3.95 -5.90 -9.26
CA ASN A 23 3.70 -5.33 -10.58
C ASN A 23 2.34 -4.62 -10.62
N ASP A 24 1.64 -4.54 -9.46
CA ASP A 24 0.35 -3.86 -9.41
C ASP A 24 0.60 -2.37 -9.44
N LYS A 25 -0.22 -1.69 -10.23
CA LYS A 25 -0.11 -0.27 -10.38
C LYS A 25 -0.93 0.44 -9.30
N ILE A 26 -0.34 1.45 -8.66
CA ILE A 26 -1.02 2.23 -7.63
C ILE A 26 -0.98 3.71 -8.03
N ILE A 27 -2.12 4.37 -7.92
CA ILE A 27 -2.21 5.77 -8.33
C ILE A 27 -2.99 6.60 -7.33
N ASN A 28 -2.96 7.91 -7.55
CA ASN A 28 -3.61 8.86 -6.68
C ASN A 28 -3.06 8.70 -5.29
N ILE A 29 -1.75 8.59 -5.21
CA ILE A 29 -1.08 8.41 -3.95
C ILE A 29 -1.13 9.68 -3.13
N GLU A 30 -1.32 9.50 -1.86
CA GLU A 30 -1.33 10.61 -0.95
C GLU A 30 -0.58 10.24 0.30
N PHE A 31 -0.25 11.22 1.11
CA PHE A 31 0.53 10.92 2.31
C PHE A 31 -0.27 11.07 3.59
N VAL A 32 -1.27 10.20 3.71
CA VAL A 32 -2.12 10.14 4.88
C VAL A 32 -1.23 9.95 6.12
N ASP A 33 -0.16 9.19 6.00
CA ASP A 33 0.79 9.04 7.10
C ASP A 33 2.21 9.02 6.54
N ASP A 34 3.22 9.17 7.41
CA ASP A 34 4.62 9.14 6.95
C ASP A 34 4.96 7.77 6.37
N ASP A 35 4.61 6.76 7.14
CA ASP A 35 4.94 5.37 6.81
C ASP A 35 3.91 4.67 5.93
N TRP A 36 2.63 4.96 6.15
CA TRP A 36 1.60 4.41 5.29
C TRP A 36 0.93 5.55 4.53
N TRP A 37 1.10 5.62 3.21
CA TRP A 37 0.50 6.64 2.37
C TRP A 37 -0.77 6.06 1.80
N LEU A 38 -1.60 6.86 1.14
CA LEU A 38 -2.83 6.34 0.60
C LEU A 38 -2.77 6.21 -0.90
N GLY A 39 -3.57 5.28 -1.39
CA GLY A 39 -3.55 5.07 -2.81
C GLY A 39 -4.91 5.01 -3.49
N GLU A 40 -4.81 4.52 -4.72
CA GLU A 40 -5.92 4.30 -5.62
C GLU A 40 -5.36 3.38 -6.68
N LEU A 41 -5.84 2.17 -6.82
CA LEU A 41 -5.24 1.29 -7.82
C LEU A 41 -5.72 1.63 -9.22
N GLU A 42 -4.79 1.97 -10.09
CA GLU A 42 -5.15 2.30 -11.46
C GLU A 42 -5.88 1.13 -12.10
N LYS A 43 -5.46 -0.08 -11.76
CA LYS A 43 -6.08 -1.28 -12.34
C LYS A 43 -7.52 -1.49 -11.87
N ASP A 44 -7.80 -1.31 -10.57
CA ASP A 44 -9.18 -1.56 -10.07
C ASP A 44 -9.79 -0.38 -9.32
N GLY A 45 -9.00 0.64 -9.06
CA GLY A 45 -9.50 1.81 -8.35
C GLY A 45 -9.68 1.62 -6.85
N SER A 46 -8.84 0.79 -6.23
CA SER A 46 -8.95 0.57 -4.79
C SER A 46 -8.11 1.59 -4.03
N LYS A 47 -8.66 2.11 -2.92
CA LYS A 47 -7.95 3.12 -2.13
C LYS A 47 -7.75 2.65 -0.70
N GLY A 48 -6.65 3.09 -0.08
CA GLY A 48 -6.36 2.75 1.30
C GLY A 48 -4.94 3.09 1.69
N LEU A 49 -4.67 3.19 2.99
CA LEU A 49 -3.33 3.49 3.44
C LEU A 49 -2.50 2.25 3.21
N PHE A 50 -1.43 2.38 2.46
CA PHE A 50 -0.60 1.25 2.12
C PHE A 50 0.81 1.45 2.67
N PRO A 51 1.58 0.36 2.78
CA PRO A 51 2.93 0.39 3.31
C PRO A 51 3.91 1.09 2.40
N SER A 52 5.15 1.03 2.85
CA SER A 52 6.15 1.66 1.99
C SER A 52 7.32 0.79 1.64
N ASN A 53 7.52 -0.27 2.41
CA ASN A 53 8.59 -1.22 2.14
C ASN A 53 8.06 -2.39 1.28
N TYR A 54 6.72 -2.60 1.27
CA TYR A 54 6.12 -3.66 0.45
C TYR A 54 5.93 -3.15 -1.00
N VAL A 55 6.08 -1.82 -1.19
CA VAL A 55 5.87 -1.18 -2.50
C VAL A 55 6.86 -0.06 -2.79
N SER A 56 7.04 0.23 -4.07
CA SER A 56 7.92 1.30 -4.52
C SER A 56 7.11 2.41 -5.20
N LEU A 57 7.50 3.67 -4.95
CA LEU A 57 6.78 4.80 -5.54
C LEU A 57 7.29 5.07 -6.96
N GLY A 58 6.35 5.19 -7.88
CA GLY A 58 6.68 5.43 -9.26
C GLY A 58 6.97 6.89 -9.56
N ASN A 59 6.97 7.73 -8.51
CA ASN A 59 7.22 9.17 -8.64
C ASN A 59 6.89 9.89 -7.35
N ALA B 1 2.04 -13.21 8.94
CA ALA B 1 3.49 -13.06 8.64
C ALA B 1 3.98 -14.13 7.67
N LYS B 2 4.31 -13.72 6.45
CA LYS B 2 4.83 -14.67 5.48
C LYS B 2 6.37 -14.69 5.49
N LYS B 3 7.01 -15.23 4.43
CA LYS B 3 8.46 -15.31 4.38
C LYS B 3 9.09 -14.20 3.51
N THR B 4 9.33 -14.50 2.21
CA THR B 4 9.99 -13.56 1.26
C THR B 4 9.33 -12.19 0.97
N LYS B 5 8.81 -11.52 1.99
CA LYS B 5 8.30 -10.16 1.82
C LYS B 5 8.47 -9.43 3.14
N PRO B 6 8.84 -8.15 3.10
CA PRO B 6 9.01 -7.36 4.32
C PRO B 6 7.85 -7.57 5.28
N THR B 7 8.02 -7.19 6.53
CA THR B 7 6.94 -7.28 7.49
C THR B 7 6.29 -5.92 7.59
N PRO B 8 4.99 -5.78 7.24
CA PRO B 8 4.34 -4.48 7.29
C PRO B 8 4.64 -3.78 8.60
N PRO B 9 5.11 -2.52 8.54
CA PRO B 9 5.52 -1.79 9.73
C PRO B 9 4.37 -1.27 10.59
N PRO B 10 4.71 -0.81 11.80
CA PRO B 10 3.76 -0.24 12.77
C PRO B 10 2.83 0.82 12.16
N LYS B 11 1.93 0.51 11.22
CA LYS B 11 1.09 1.50 10.60
C LYS B 11 0.31 2.28 11.66
N PRO B 12 0.47 3.62 11.67
CA PRO B 12 -0.18 4.47 12.65
C PRO B 12 -1.62 4.06 12.91
N SER B 13 -1.91 3.84 14.20
CA SER B 13 -3.19 3.33 14.66
C SER B 13 -4.42 4.23 14.44
N HIS B 14 -4.21 5.38 13.82
CA HIS B 14 -5.30 6.29 13.49
C HIS B 14 -5.89 5.93 12.13
N LEU B 15 -5.24 4.98 11.45
CA LEU B 15 -5.71 4.58 10.12
C LEU B 15 -6.24 3.16 10.09
N LYS B 16 -7.04 2.81 11.10
CA LYS B 16 -7.65 1.49 11.17
C LYS B 16 -9.17 1.63 11.09
N PRO B 17 -9.87 0.53 10.77
CA PRO B 17 -11.33 0.54 10.64
C PRO B 17 -12.01 1.00 11.93
N LYS B 18 -13.22 1.55 11.84
CA LYS B 18 -13.92 2.00 13.03
C LYS B 18 -14.18 0.83 13.98
N ALA A 1 -2.73 12.40 -7.79
CA ALA A 1 -1.65 12.14 -6.80
C ALA A 1 -0.63 11.15 -7.37
N PRO A 2 0.54 11.02 -6.70
CA PRO A 2 1.60 10.11 -7.13
C PRO A 2 1.13 8.67 -7.26
N TRP A 3 1.95 7.85 -7.88
CA TRP A 3 1.61 6.45 -8.12
C TRP A 3 2.78 5.54 -7.79
N ALA A 4 2.48 4.24 -7.66
CA ALA A 4 3.51 3.28 -7.33
C ALA A 4 3.24 1.89 -7.86
N THR A 5 4.29 1.08 -7.87
CA THR A 5 4.20 -0.31 -8.29
C THR A 5 4.65 -1.13 -7.11
N ALA A 6 3.80 -2.00 -6.63
CA ALA A 6 4.17 -2.82 -5.50
C ALA A 6 5.50 -3.53 -5.73
N GLU A 7 6.05 -4.03 -4.64
CA GLU A 7 7.32 -4.75 -4.68
C GLU A 7 7.22 -6.15 -4.06
N TYR A 8 6.14 -6.39 -3.34
CA TYR A 8 5.91 -7.64 -2.65
C TYR A 8 4.42 -7.85 -2.55
N ASP A 9 4.00 -9.09 -2.66
CA ASP A 9 2.60 -9.43 -2.59
C ASP A 9 2.03 -8.98 -1.25
N TYR A 10 1.60 -7.73 -1.18
CA TYR A 10 1.09 -7.19 0.07
C TYR A 10 -0.34 -7.65 0.27
N ASP A 11 -0.58 -8.34 1.37
CA ASP A 11 -1.91 -8.83 1.63
C ASP A 11 -2.54 -8.20 2.88
N ALA A 12 -2.74 -6.87 2.84
CA ALA A 12 -3.39 -6.08 3.90
C ALA A 12 -3.48 -6.80 5.25
N ALA A 13 -2.65 -6.38 6.22
CA ALA A 13 -2.60 -6.97 7.57
C ALA A 13 -3.67 -6.43 8.58
N GLU A 14 -4.19 -5.20 8.42
CA GLU A 14 -5.15 -4.63 9.40
C GLU A 14 -6.63 -4.43 8.96
N ASP A 15 -6.91 -4.34 7.66
CA ASP A 15 -8.28 -4.15 7.09
C ASP A 15 -8.34 -2.88 6.24
N ASN A 16 -8.24 -1.68 6.83
CA ASN A 16 -8.32 -0.51 5.94
C ASN A 16 -6.92 -0.12 5.49
N GLU A 17 -6.28 -1.03 4.81
CA GLU A 17 -5.08 -0.81 4.08
C GLU A 17 -5.40 -1.06 2.62
N LEU A 18 -4.47 -0.85 1.75
CA LEU A 18 -4.66 -1.23 0.36
C LEU A 18 -4.02 -2.61 0.26
N THR A 19 -4.21 -3.30 -0.86
CA THR A 19 -3.67 -4.63 -1.03
C THR A 19 -3.17 -4.76 -2.44
N PHE A 20 -1.94 -5.17 -2.59
CA PHE A 20 -1.37 -5.22 -3.91
C PHE A 20 -0.29 -6.26 -4.02
N VAL A 21 0.10 -6.42 -5.25
CA VAL A 21 1.13 -7.34 -5.62
C VAL A 21 2.23 -6.57 -6.35
N GLU A 22 3.46 -7.07 -6.30
CA GLU A 22 4.64 -6.41 -6.88
C GLU A 22 4.42 -5.79 -8.25
N ASN A 23 3.55 -6.39 -8.96
CA ASN A 23 3.28 -5.91 -10.32
C ASN A 23 1.95 -5.20 -10.43
N ASP A 24 1.28 -5.01 -9.29
CA ASP A 24 0.02 -4.30 -9.27
C ASP A 24 0.29 -2.81 -9.21
N LYS A 25 -0.37 -2.08 -10.09
CA LYS A 25 -0.19 -0.66 -10.18
C LYS A 25 -1.01 0.05 -9.09
N ILE A 26 -0.43 1.09 -8.50
CA ILE A 26 -1.13 1.87 -7.48
C ILE A 26 -1.06 3.36 -7.85
N ILE A 27 -2.11 4.11 -7.57
CA ILE A 27 -2.14 5.53 -7.91
C ILE A 27 -2.85 6.35 -6.86
N ASN A 28 -2.80 7.67 -7.03
CA ASN A 28 -3.38 8.58 -6.09
C ASN A 28 -2.76 8.38 -4.72
N ILE A 29 -1.43 8.26 -4.72
CA ILE A 29 -0.68 7.97 -3.50
C ILE A 29 -0.61 9.16 -2.57
N GLU A 30 -1.73 9.60 -2.03
CA GLU A 30 -1.66 10.71 -1.10
C GLU A 30 -0.82 10.35 0.10
N PHE A 31 -0.46 11.33 0.92
CA PHE A 31 0.37 11.02 2.07
C PHE A 31 -0.37 11.22 3.38
N VAL A 32 -1.35 10.38 3.59
CA VAL A 32 -2.14 10.38 4.81
C VAL A 32 -1.21 10.18 6.02
N ASP A 33 -0.18 9.35 5.87
CA ASP A 33 0.79 9.15 6.93
C ASP A 33 2.20 9.11 6.35
N ASP A 34 3.22 9.26 7.20
CA ASP A 34 4.61 9.21 6.74
C ASP A 34 4.94 7.83 6.19
N ASP A 35 4.59 6.82 6.99
CA ASP A 35 4.91 5.43 6.68
C ASP A 35 3.90 4.72 5.80
N TRP A 36 2.61 5.00 6.01
CA TRP A 36 1.60 4.43 5.14
C TRP A 36 0.90 5.55 4.39
N TRP A 37 0.91 5.52 3.06
CA TRP A 37 0.28 6.51 2.22
C TRP A 37 -1.03 5.92 1.74
N LEU A 38 -1.89 6.73 1.15
CA LEU A 38 -3.16 6.24 0.69
C LEU A 38 -3.16 6.07 -0.81
N GLY A 39 -3.97 5.15 -1.28
CA GLY A 39 -3.96 4.93 -2.71
C GLY A 39 -5.29 4.89 -3.42
N GLU A 40 -5.15 4.47 -4.66
CA GLU A 40 -6.22 4.27 -5.62
C GLU A 40 -5.57 3.39 -6.69
N LEU A 41 -6.08 2.22 -6.96
CA LEU A 41 -5.42 1.39 -7.95
C LEU A 41 -5.85 1.73 -9.36
N GLU A 42 -4.89 2.06 -10.19
CA GLU A 42 -5.17 2.38 -11.58
C GLU A 42 -5.83 1.21 -12.28
N LYS A 43 -5.40 -0.01 -11.94
CA LYS A 43 -5.93 -1.20 -12.60
C LYS A 43 -7.41 -1.47 -12.23
N ASP A 44 -7.77 -1.35 -10.95
CA ASP A 44 -9.16 -1.64 -10.54
C ASP A 44 -9.83 -0.49 -9.79
N GLY A 45 -9.06 0.54 -9.50
CA GLY A 45 -9.62 1.70 -8.79
C GLY A 45 -9.82 1.48 -7.30
N SER A 46 -8.99 0.66 -6.68
CA SER A 46 -9.13 0.41 -5.26
C SER A 46 -8.31 1.43 -4.46
N LYS A 47 -8.87 1.94 -3.38
CA LYS A 47 -8.19 2.94 -2.56
C LYS A 47 -7.98 2.43 -1.15
N GLY A 48 -6.90 2.85 -0.53
CA GLY A 48 -6.62 2.45 0.83
C GLY A 48 -5.24 2.85 1.30
N LEU A 49 -5.08 2.91 2.61
CA LEU A 49 -3.83 3.27 3.21
C LEU A 49 -2.89 2.10 3.00
N PHE A 50 -1.62 2.32 2.72
CA PHE A 50 -0.75 1.20 2.44
C PHE A 50 0.68 1.40 2.90
N PRO A 51 1.35 0.27 3.17
CA PRO A 51 2.74 0.24 3.59
C PRO A 51 3.66 0.94 2.62
N SER A 52 4.93 0.86 2.98
CA SER A 52 5.88 1.46 2.03
C SER A 52 7.07 0.61 1.69
N ASN A 53 7.28 -0.42 2.48
CA ASN A 53 8.35 -1.36 2.24
C ASN A 53 7.89 -2.47 1.29
N TYR A 54 6.55 -2.69 1.22
CA TYR A 54 5.98 -3.70 0.35
C TYR A 54 5.86 -3.17 -1.10
N VAL A 55 6.06 -1.83 -1.30
CA VAL A 55 5.92 -1.20 -2.65
C VAL A 55 6.97 -0.14 -2.95
N SER A 56 7.15 0.12 -4.24
CA SER A 56 8.06 1.15 -4.73
C SER A 56 7.26 2.27 -5.42
N LEU A 57 7.59 3.52 -5.11
CA LEU A 57 6.86 4.65 -5.72
C LEU A 57 7.39 4.96 -7.12
N GLY A 58 6.45 5.08 -8.05
CA GLY A 58 6.81 5.35 -9.43
C GLY A 58 7.08 6.83 -9.67
N ASN A 59 7.11 7.63 -8.61
CA ASN A 59 7.35 9.06 -8.73
C ASN A 59 8.22 9.57 -7.59
N ALA B 1 7.89 -15.44 -9.61
CA ALA B 1 7.57 -16.32 -8.46
C ALA B 1 8.58 -16.12 -7.33
N LYS B 2 8.12 -15.55 -6.22
CA LYS B 2 9.00 -15.31 -5.09
C LYS B 2 8.65 -16.25 -3.92
N LYS B 3 8.16 -15.65 -2.81
CA LYS B 3 7.74 -16.39 -1.59
C LYS B 3 8.27 -15.74 -0.31
N THR B 4 8.71 -14.48 -0.46
CA THR B 4 9.14 -13.70 0.69
C THR B 4 8.64 -12.28 0.49
N LYS B 5 7.99 -11.77 1.51
CA LYS B 5 7.50 -10.41 1.46
C LYS B 5 7.69 -9.76 2.83
N PRO B 6 8.25 -8.54 2.86
CA PRO B 6 8.49 -7.80 4.11
C PRO B 6 7.35 -7.96 5.08
N THR B 7 7.56 -7.57 6.33
CA THR B 7 6.48 -7.61 7.30
C THR B 7 5.85 -6.24 7.32
N PRO B 8 4.57 -6.09 6.92
CA PRO B 8 3.92 -4.77 6.88
C PRO B 8 4.25 -3.96 8.12
N PRO B 9 5.17 -2.98 7.99
CA PRO B 9 5.64 -2.19 9.11
C PRO B 9 4.51 -1.58 9.91
N PRO B 10 4.82 -1.11 11.12
CA PRO B 10 3.85 -0.46 11.99
C PRO B 10 2.85 0.38 11.21
N LYS B 11 1.71 0.64 11.80
CA LYS B 11 0.68 1.45 11.15
C LYS B 11 0.19 2.46 12.15
N PRO B 12 0.43 3.76 11.90
CA PRO B 12 0.01 4.80 12.83
C PRO B 12 -1.41 4.49 13.33
N SER B 13 -1.47 4.22 14.64
CA SER B 13 -2.68 3.75 15.31
C SER B 13 -3.95 4.52 15.01
N HIS B 14 -3.81 5.71 14.43
CA HIS B 14 -4.96 6.51 14.04
C HIS B 14 -5.54 6.02 12.71
N LEU B 15 -4.93 4.98 12.13
CA LEU B 15 -5.43 4.44 10.86
C LEU B 15 -5.94 3.02 10.98
N LYS B 16 -6.69 2.75 12.05
CA LYS B 16 -7.28 1.44 12.27
C LYS B 16 -8.81 1.54 12.16
N PRO B 17 -9.45 0.55 11.52
CA PRO B 17 -10.90 0.55 11.34
C PRO B 17 -11.65 0.94 12.60
N LYS B 18 -12.87 1.46 12.46
CA LYS B 18 -13.65 1.84 13.62
C LYS B 18 -15.14 1.91 13.28
N ALA A 1 -2.20 12.98 -7.62
CA ALA A 1 -1.28 12.48 -6.55
C ALA A 1 -0.21 11.57 -7.14
N PRO A 2 0.80 11.21 -6.33
CA PRO A 2 1.89 10.33 -6.76
C PRO A 2 1.42 8.90 -6.93
N TRP A 3 2.25 8.07 -7.53
CA TRP A 3 1.90 6.68 -7.78
C TRP A 3 3.08 5.77 -7.51
N ALA A 4 2.76 4.49 -7.37
CA ALA A 4 3.78 3.50 -7.07
C ALA A 4 3.51 2.14 -7.68
N THR A 5 4.54 1.34 -7.72
CA THR A 5 4.47 -0.02 -8.22
C THR A 5 4.70 -0.98 -7.08
N ALA A 6 4.14 -2.17 -7.19
CA ALA A 6 4.28 -3.16 -6.16
C ALA A 6 5.58 -3.93 -6.32
N GLU A 7 6.17 -4.27 -5.18
CA GLU A 7 7.42 -5.01 -5.15
C GLU A 7 7.23 -6.40 -4.56
N TYR A 8 6.12 -6.58 -3.84
CA TYR A 8 5.75 -7.86 -3.23
C TYR A 8 4.26 -8.07 -3.44
N ASP A 9 3.66 -9.01 -2.72
CA ASP A 9 2.23 -9.29 -2.71
C ASP A 9 1.74 -8.83 -1.34
N TYR A 10 0.57 -8.21 -1.26
CA TYR A 10 0.12 -7.67 0.00
C TYR A 10 -1.31 -8.04 0.33
N ASP A 11 -1.51 -8.60 1.52
CA ASP A 11 -2.86 -8.96 1.94
C ASP A 11 -3.31 -8.11 3.13
N ALA A 12 -3.41 -6.78 2.89
CA ALA A 12 -3.87 -5.78 3.89
C ALA A 12 -3.92 -6.34 5.33
N ALA A 13 -2.83 -6.17 6.06
CA ALA A 13 -2.73 -6.67 7.43
C ALA A 13 -3.79 -6.13 8.44
N GLU A 14 -4.29 -4.90 8.31
CA GLU A 14 -5.24 -4.38 9.34
C GLU A 14 -6.71 -4.13 8.91
N ASP A 15 -7.08 -4.42 7.67
CA ASP A 15 -8.46 -4.24 7.17
C ASP A 15 -8.50 -2.99 6.30
N ASN A 16 -8.15 -1.81 6.84
CA ASN A 16 -8.20 -0.67 5.94
C ASN A 16 -6.80 -0.41 5.41
N GLU A 17 -6.26 -1.41 4.77
CA GLU A 17 -5.11 -1.34 3.94
C GLU A 17 -5.59 -1.67 2.56
N LEU A 18 -4.79 -1.49 1.55
CA LEU A 18 -5.19 -1.89 0.23
C LEU A 18 -4.63 -3.30 0.07
N THR A 19 -5.05 -3.97 -0.99
CA THR A 19 -4.59 -5.31 -1.23
C THR A 19 -4.16 -5.43 -2.66
N PHE A 20 -2.93 -5.84 -2.84
CA PHE A 20 -2.40 -5.85 -4.18
C PHE A 20 -1.36 -6.94 -4.37
N VAL A 21 -0.83 -7.00 -5.59
CA VAL A 21 0.20 -7.97 -5.95
C VAL A 21 1.25 -7.33 -6.81
N GLU A 22 2.50 -7.72 -6.60
CA GLU A 22 3.64 -7.17 -7.34
C GLU A 22 3.29 -6.75 -8.76
N ASN A 23 4.07 -5.81 -9.26
CA ASN A 23 3.86 -5.28 -10.61
C ASN A 23 2.50 -4.57 -10.73
N ASP A 24 1.73 -4.48 -9.63
CA ASP A 24 0.44 -3.83 -9.67
C ASP A 24 0.64 -2.34 -9.48
N LYS A 25 -0.24 -1.61 -10.11
CA LYS A 25 -0.18 -0.17 -10.06
C LYS A 25 -0.97 0.41 -8.91
N ILE A 26 -0.28 1.24 -8.13
CA ILE A 26 -0.90 1.93 -7.02
C ILE A 26 -0.82 3.40 -7.36
N ILE A 27 -1.97 4.01 -7.47
CA ILE A 27 -1.99 5.41 -7.86
C ILE A 27 -2.77 6.25 -6.88
N ASN A 28 -2.70 7.55 -7.08
CA ASN A 28 -3.32 8.50 -6.19
C ASN A 28 -2.76 8.31 -4.79
N ILE A 29 -1.43 8.17 -4.74
CA ILE A 29 -0.72 7.90 -3.49
C ILE A 29 -0.70 9.09 -2.55
N GLU A 30 -1.84 9.50 -2.05
CA GLU A 30 -1.80 10.61 -1.11
C GLU A 30 -0.99 10.29 0.12
N PHE A 31 -0.66 11.33 0.88
CA PHE A 31 0.15 11.12 2.08
C PHE A 31 -0.66 11.22 3.35
N VAL A 32 -1.55 10.26 3.52
CA VAL A 32 -2.38 10.17 4.71
C VAL A 32 -1.51 9.93 5.95
N ASP A 33 -0.48 9.10 5.83
CA ASP A 33 0.44 8.86 6.94
C ASP A 33 1.89 8.86 6.42
N ASP A 34 2.85 9.12 7.29
CA ASP A 34 4.25 9.10 6.88
C ASP A 34 4.59 7.71 6.32
N ASP A 35 4.23 6.71 7.12
CA ASP A 35 4.53 5.32 6.82
C ASP A 35 3.52 4.60 5.94
N TRP A 36 2.23 4.88 6.12
CA TRP A 36 1.24 4.27 5.25
C TRP A 36 0.54 5.35 4.42
N TRP A 37 0.76 5.38 3.10
CA TRP A 37 0.14 6.36 2.22
C TRP A 37 -1.13 5.75 1.70
N LEU A 38 -1.95 6.54 1.04
CA LEU A 38 -3.19 6.04 0.53
C LEU A 38 -3.13 5.82 -0.95
N GLY A 39 -3.95 4.90 -1.42
CA GLY A 39 -3.87 4.63 -2.82
C GLY A 39 -5.18 4.59 -3.59
N GLU A 40 -4.98 4.15 -4.82
CA GLU A 40 -6.01 3.93 -5.81
C GLU A 40 -5.35 3.04 -6.85
N LEU A 41 -5.84 1.84 -7.07
CA LEU A 41 -5.16 0.98 -8.03
C LEU A 41 -5.54 1.33 -9.45
N GLU A 42 -4.55 1.67 -10.27
CA GLU A 42 -4.81 2.02 -11.65
C GLU A 42 -5.52 0.86 -12.36
N LYS A 43 -5.15 -0.37 -12.01
CA LYS A 43 -5.73 -1.54 -12.66
C LYS A 43 -7.21 -1.76 -12.31
N ASP A 44 -7.61 -1.60 -11.05
CA ASP A 44 -9.01 -1.86 -10.66
C ASP A 44 -9.65 -0.67 -9.92
N GLY A 45 -8.86 0.36 -9.67
CA GLY A 45 -9.37 1.52 -8.97
C GLY A 45 -9.63 1.26 -7.49
N SER A 46 -8.84 0.40 -6.87
CA SER A 46 -9.02 0.10 -5.45
C SER A 46 -8.22 1.08 -4.62
N LYS A 47 -8.81 1.54 -3.52
CA LYS A 47 -8.12 2.48 -2.65
C LYS A 47 -7.94 1.90 -1.26
N GLY A 48 -6.83 2.26 -0.64
CA GLY A 48 -6.52 1.80 0.70
C GLY A 48 -5.09 2.10 1.06
N LEU A 49 -4.81 2.15 2.36
CA LEU A 49 -3.45 2.45 2.80
C LEU A 49 -2.56 1.25 2.54
N PHE A 50 -1.26 1.49 2.49
CA PHE A 50 -0.28 0.44 2.22
C PHE A 50 1.04 0.75 2.91
N PRO A 51 1.85 -0.27 3.25
CA PRO A 51 3.09 0.01 3.92
C PRO A 51 4.12 0.41 2.91
N SER A 52 4.27 1.70 2.90
CA SER A 52 5.18 2.35 2.00
C SER A 52 6.48 1.57 1.69
N ASN A 53 6.90 0.65 2.59
CA ASN A 53 8.11 -0.16 2.37
C ASN A 53 7.82 -1.45 1.56
N TYR A 54 6.54 -1.77 1.40
CA TYR A 54 6.11 -2.94 0.63
C TYR A 54 6.01 -2.56 -0.87
N VAL A 55 6.20 -1.26 -1.18
CA VAL A 55 6.05 -0.76 -2.55
C VAL A 55 7.09 0.29 -2.93
N SER A 56 7.29 0.44 -4.23
CA SER A 56 8.21 1.43 -4.77
C SER A 56 7.42 2.57 -5.43
N LEU A 57 7.78 3.81 -5.11
CA LEU A 57 7.07 4.96 -5.70
C LEU A 57 7.55 5.25 -7.10
N GLY A 58 6.59 5.39 -8.01
CA GLY A 58 6.90 5.67 -9.40
C GLY A 58 7.20 7.15 -9.64
N ASN A 59 7.23 7.94 -8.57
CA ASN A 59 7.49 9.37 -8.67
C ASN A 59 8.41 9.84 -7.56
N ALA B 1 13.39 -10.89 -8.33
CA ALA B 1 13.02 -11.84 -7.25
C ALA B 1 11.58 -11.58 -6.78
N LYS B 2 11.33 -11.60 -5.45
CA LYS B 2 9.99 -11.34 -4.88
C LYS B 2 9.71 -12.13 -3.61
N LYS B 3 9.71 -13.47 -3.70
CA LYS B 3 9.39 -14.29 -2.53
C LYS B 3 10.14 -13.80 -1.29
N THR B 4 9.33 -13.38 -0.33
CA THR B 4 9.76 -12.77 0.93
C THR B 4 9.24 -11.35 0.90
N LYS B 5 8.38 -11.02 1.83
CA LYS B 5 7.82 -9.68 1.88
C LYS B 5 7.95 -9.09 3.27
N PRO B 6 8.37 -7.82 3.34
CA PRO B 6 8.52 -7.13 4.62
C PRO B 6 7.31 -7.34 5.51
N THR B 7 7.40 -6.95 6.76
CA THR B 7 6.25 -7.04 7.64
C THR B 7 5.56 -5.70 7.62
N PRO B 8 4.32 -5.61 7.07
CA PRO B 8 3.60 -4.33 6.96
C PRO B 8 3.82 -3.44 8.18
N PRO B 9 4.83 -2.54 8.08
CA PRO B 9 5.24 -1.63 9.14
C PRO B 9 4.14 -1.25 10.13
N PRO B 10 4.54 -0.96 11.39
CA PRO B 10 3.63 -0.50 12.45
C PRO B 10 2.68 0.60 11.98
N LYS B 11 1.68 0.34 11.14
CA LYS B 11 0.82 1.40 10.64
C LYS B 11 0.24 2.19 11.81
N PRO B 12 0.56 3.50 11.88
CA PRO B 12 0.15 4.37 12.97
C PRO B 12 -1.24 4.05 13.53
N SER B 13 -1.27 3.93 14.85
CA SER B 13 -2.48 3.54 15.59
C SER B 13 -3.70 4.42 15.33
N HIS B 14 -3.45 5.71 15.07
CA HIS B 14 -4.53 6.62 14.69
C HIS B 14 -4.98 6.29 13.26
N LEU B 15 -4.23 5.39 12.62
CA LEU B 15 -4.50 4.99 11.25
C LEU B 15 -5.03 3.57 11.20
N LYS B 16 -5.84 3.22 12.20
CA LYS B 16 -6.48 1.92 12.31
C LYS B 16 -7.96 2.04 11.95
N PRO B 17 -8.65 0.92 11.73
CA PRO B 17 -10.07 0.92 11.39
C PRO B 17 -10.94 1.26 12.59
N LYS B 18 -12.14 1.77 12.36
CA LYS B 18 -13.05 2.10 13.45
C LYS B 18 -12.34 2.94 14.52
N ALA A 1 -2.61 12.63 -8.12
CA ALA A 1 -1.58 12.35 -7.08
C ALA A 1 -0.55 11.35 -7.58
N PRO A 2 0.59 11.23 -6.87
CA PRO A 2 1.68 10.30 -7.24
C PRO A 2 1.19 8.86 -7.37
N TRP A 3 2.01 8.03 -7.97
CA TRP A 3 1.65 6.64 -8.22
C TRP A 3 2.79 5.72 -7.81
N ALA A 4 2.45 4.46 -7.59
CA ALA A 4 3.45 3.50 -7.18
C ALA A 4 3.18 2.08 -7.67
N THR A 5 4.22 1.27 -7.66
CA THR A 5 4.12 -0.12 -8.03
C THR A 5 4.53 -0.94 -6.85
N ALA A 6 3.81 -2.00 -6.59
CA ALA A 6 4.12 -2.85 -5.47
C ALA A 6 5.45 -3.57 -5.68
N GLU A 7 5.98 -4.06 -4.58
CA GLU A 7 7.26 -4.78 -4.59
C GLU A 7 7.12 -6.18 -3.97
N TYR A 8 6.00 -6.41 -3.29
CA TYR A 8 5.70 -7.66 -2.63
C TYR A 8 4.21 -7.90 -2.66
N ASP A 9 3.79 -9.14 -2.82
CA ASP A 9 2.38 -9.49 -2.80
C ASP A 9 1.83 -9.09 -1.45
N TYR A 10 1.42 -7.83 -1.32
CA TYR A 10 0.93 -7.32 -0.05
C TYR A 10 -0.49 -7.77 0.23
N ASP A 11 -0.69 -8.34 1.40
CA ASP A 11 -2.03 -8.80 1.76
C ASP A 11 -2.57 -8.09 3.02
N ALA A 12 -2.75 -6.76 2.91
CA ALA A 12 -3.31 -5.90 3.98
C ALA A 12 -3.40 -6.58 5.36
N ALA A 13 -2.38 -6.37 6.18
CA ALA A 13 -2.31 -6.94 7.53
C ALA A 13 -3.39 -6.40 8.53
N GLU A 14 -3.90 -5.18 8.38
CA GLU A 14 -4.87 -4.65 9.37
C GLU A 14 -6.33 -4.43 8.94
N ASP A 15 -6.66 -4.71 7.68
CA ASP A 15 -8.04 -4.55 7.15
C ASP A 15 -8.10 -3.25 6.37
N ASN A 16 -7.92 -2.08 7.02
CA ASN A 16 -7.96 -0.89 6.18
C ASN A 16 -6.54 -0.54 5.78
N GLU A 17 -5.91 -1.47 5.10
CA GLU A 17 -4.69 -1.28 4.39
C GLU A 17 -5.04 -1.52 2.94
N LEU A 18 -4.17 -1.23 2.01
CA LEU A 18 -4.47 -1.55 0.63
C LEU A 18 -3.87 -2.91 0.43
N THR A 19 -4.10 -3.49 -0.74
CA THR A 19 -3.64 -4.83 -0.99
C THR A 19 -3.27 -4.98 -2.45
N PHE A 20 -2.06 -5.42 -2.69
CA PHE A 20 -1.60 -5.52 -4.06
C PHE A 20 -0.50 -6.57 -4.25
N VAL A 21 -0.07 -6.65 -5.49
CA VAL A 21 1.00 -7.51 -5.91
C VAL A 21 2.08 -6.64 -6.54
N GLU A 22 3.34 -7.06 -6.45
CA GLU A 22 4.49 -6.31 -6.97
C GLU A 22 4.28 -5.65 -8.33
N ASN A 23 3.43 -6.25 -9.06
CA ASN A 23 3.16 -5.76 -10.42
C ASN A 23 1.83 -5.01 -10.52
N ASP A 24 1.25 -4.69 -9.38
CA ASP A 24 0.00 -3.94 -9.35
C ASP A 24 0.32 -2.44 -9.41
N LYS A 25 -0.43 -1.76 -10.26
CA LYS A 25 -0.25 -0.34 -10.42
C LYS A 25 -1.06 0.40 -9.35
N ILE A 26 -0.44 1.40 -8.71
CA ILE A 26 -1.12 2.19 -7.69
C ILE A 26 -1.08 3.66 -8.09
N ILE A 27 -2.21 4.34 -7.97
CA ILE A 27 -2.30 5.74 -8.38
C ILE A 27 -3.06 6.58 -7.38
N ASN A 28 -3.03 7.89 -7.61
CA ASN A 28 -3.68 8.84 -6.74
C ASN A 28 -3.13 8.67 -5.35
N ILE A 29 -1.81 8.56 -5.29
CA ILE A 29 -1.13 8.35 -4.04
C ILE A 29 -1.16 9.63 -3.22
N GLU A 30 -1.35 9.45 -1.94
CA GLU A 30 -1.36 10.59 -1.04
C GLU A 30 -0.59 10.25 0.21
N PHE A 31 -0.26 11.25 1.00
CA PHE A 31 0.52 10.98 2.19
C PHE A 31 -0.28 11.10 3.47
N VAL A 32 -1.27 10.23 3.59
CA VAL A 32 -2.11 10.14 4.77
C VAL A 32 -1.23 9.94 6.00
N ASP A 33 -0.19 9.14 5.88
CA ASP A 33 0.75 8.92 6.97
C ASP A 33 2.17 8.92 6.42
N ASP A 34 3.15 9.30 7.24
CA ASP A 34 4.54 9.28 6.80
C ASP A 34 4.88 7.90 6.27
N ASP A 35 4.50 6.91 7.08
CA ASP A 35 4.82 5.52 6.79
C ASP A 35 3.81 4.80 5.89
N TRP A 36 2.52 5.08 6.05
CA TRP A 36 1.55 4.50 5.14
C TRP A 36 0.88 5.60 4.34
N TRP A 37 1.07 5.62 3.02
CA TRP A 37 0.47 6.62 2.16
C TRP A 37 -0.82 6.02 1.64
N LEU A 38 -1.66 6.82 1.01
CA LEU A 38 -2.92 6.30 0.53
C LEU A 38 -2.88 6.15 -0.97
N GLY A 39 -3.69 5.22 -1.46
CA GLY A 39 -3.69 5.00 -2.88
C GLY A 39 -5.03 4.94 -3.56
N GLU A 40 -4.93 4.48 -4.78
CA GLU A 40 -6.04 4.25 -5.69
C GLU A 40 -5.48 3.34 -6.76
N LEU A 41 -5.97 2.13 -6.90
CA LEU A 41 -5.38 1.25 -7.90
C LEU A 41 -5.86 1.57 -9.29
N GLU A 42 -4.93 1.89 -10.17
CA GLU A 42 -5.27 2.19 -11.54
C GLU A 42 -6.01 1.01 -12.15
N LYS A 43 -5.60 -0.20 -11.76
CA LYS A 43 -6.21 -1.40 -12.29
C LYS A 43 -7.64 -1.63 -11.79
N ASP A 44 -7.91 -1.44 -10.49
CA ASP A 44 -9.26 -1.69 -9.97
C ASP A 44 -9.88 -0.49 -9.22
N GLY A 45 -9.07 0.52 -8.94
CA GLY A 45 -9.56 1.69 -8.24
C GLY A 45 -9.70 1.52 -6.73
N SER A 46 -8.84 0.70 -6.12
CA SER A 46 -8.92 0.50 -4.67
C SER A 46 -8.09 1.54 -3.94
N LYS A 47 -8.63 2.07 -2.82
CA LYS A 47 -7.93 3.10 -2.04
C LYS A 47 -7.73 2.65 -0.60
N GLY A 48 -6.65 3.10 0.03
CA GLY A 48 -6.38 2.78 1.41
C GLY A 48 -4.96 3.12 1.83
N LEU A 49 -4.72 3.22 3.14
CA LEU A 49 -3.39 3.53 3.61
C LEU A 49 -2.55 2.29 3.38
N PHE A 50 -1.45 2.43 2.69
CA PHE A 50 -0.65 1.28 2.32
C PHE A 50 0.78 1.40 2.80
N PRO A 51 1.46 0.26 2.91
CA PRO A 51 2.83 0.21 3.36
C PRO A 51 3.78 0.93 2.44
N SER A 52 5.03 0.86 2.86
CA SER A 52 6.02 1.48 1.97
C SER A 52 7.19 0.60 1.66
N ASN A 53 7.39 -0.41 2.48
CA ASN A 53 8.42 -1.39 2.29
C ASN A 53 7.92 -2.48 1.34
N TYR A 54 6.58 -2.69 1.30
CA TYR A 54 5.96 -3.69 0.44
C TYR A 54 5.82 -3.14 -1.01
N VAL A 55 6.00 -1.80 -1.17
CA VAL A 55 5.84 -1.14 -2.49
C VAL A 55 6.85 -0.02 -2.76
N SER A 56 7.03 0.28 -4.04
CA SER A 56 7.93 1.34 -4.49
C SER A 56 7.13 2.44 -5.22
N LEU A 57 7.52 3.70 -5.02
CA LEU A 57 6.81 4.82 -5.66
C LEU A 57 7.34 5.08 -7.07
N GLY A 58 6.41 5.21 -8.01
CA GLY A 58 6.77 5.45 -9.38
C GLY A 58 7.05 6.93 -9.66
N ASN A 59 7.06 7.74 -8.60
CA ASN A 59 7.30 9.18 -8.73
C ASN A 59 7.26 9.87 -7.36
N ALA B 1 8.48 -9.58 -3.90
CA ALA B 1 7.44 -9.94 -4.91
C ALA B 1 7.37 -11.44 -5.11
N LYS B 2 6.93 -12.15 -4.05
CA LYS B 2 6.89 -13.62 -4.12
C LYS B 2 6.52 -14.21 -2.75
N LYS B 3 6.49 -15.54 -2.64
CA LYS B 3 6.08 -16.18 -1.39
C LYS B 3 6.59 -15.50 -0.12
N THR B 4 7.91 -15.34 0.07
CA THR B 4 8.38 -14.66 1.29
C THR B 4 7.88 -13.21 1.24
N LYS B 5 7.26 -12.73 2.32
CA LYS B 5 6.78 -11.36 2.37
C LYS B 5 7.32 -10.58 3.58
N PRO B 6 7.85 -9.36 3.35
CA PRO B 6 8.33 -8.49 4.43
C PRO B 6 7.31 -8.44 5.56
N THR B 7 7.66 -7.82 6.65
CA THR B 7 6.71 -7.64 7.74
C THR B 7 6.15 -6.22 7.68
N PRO B 8 4.90 -6.04 7.20
CA PRO B 8 4.28 -4.71 7.09
C PRO B 8 4.62 -3.82 8.28
N PRO B 9 5.23 -2.64 8.01
CA PRO B 9 5.67 -1.71 9.05
C PRO B 9 4.59 -1.34 10.08
N PRO B 10 5.06 -0.82 11.25
CA PRO B 10 4.18 -0.37 12.35
C PRO B 10 3.20 0.72 11.90
N LYS B 11 2.20 0.45 11.10
CA LYS B 11 1.29 1.48 10.64
C LYS B 11 0.68 2.22 11.83
N PRO B 12 0.33 3.50 11.61
CA PRO B 12 -0.24 4.33 12.65
C PRO B 12 -1.69 3.96 12.93
N SER B 13 -2.01 3.82 14.21
CA SER B 13 -3.34 3.37 14.59
C SER B 13 -4.40 4.46 14.58
N HIS B 14 -4.04 5.67 14.15
CA HIS B 14 -5.08 6.68 13.98
C HIS B 14 -5.91 6.27 12.75
N LEU B 15 -5.42 5.22 12.07
CA LEU B 15 -6.12 4.69 10.95
C LEU B 15 -6.75 3.37 11.39
N LYS B 16 -6.97 2.46 10.47
CA LYS B 16 -7.60 1.17 10.75
C LYS B 16 -9.12 1.33 10.77
N PRO B 17 -9.86 0.22 10.56
CA PRO B 17 -11.33 0.24 10.53
C PRO B 17 -11.94 0.76 11.83
N LYS B 18 -13.14 1.32 11.76
CA LYS B 18 -13.80 1.81 12.97
C LYS B 18 -12.97 2.89 13.65
N ALA A 1 -2.67 12.62 -8.02
CA ALA A 1 -1.66 12.37 -6.97
C ALA A 1 -0.59 11.39 -7.45
N PRO A 2 0.54 11.30 -6.73
CA PRO A 2 1.64 10.39 -7.07
C PRO A 2 1.17 8.95 -7.25
N TRP A 3 2.03 8.14 -7.84
CA TRP A 3 1.69 6.74 -8.11
C TRP A 3 2.82 5.83 -7.69
N ALA A 4 2.45 4.60 -7.36
CA ALA A 4 3.43 3.62 -6.94
C ALA A 4 3.12 2.22 -7.45
N THR A 5 4.13 1.40 -7.47
CA THR A 5 3.99 0.03 -7.91
C THR A 5 4.18 -0.91 -6.75
N ALA A 6 3.48 -2.04 -6.79
CA ALA A 6 3.58 -3.03 -5.72
C ALA A 6 4.76 -3.94 -5.97
N GLU A 7 5.41 -4.29 -4.88
CA GLU A 7 6.56 -5.16 -4.95
C GLU A 7 6.33 -6.50 -4.23
N TYR A 8 5.15 -6.62 -3.59
CA TYR A 8 4.73 -7.81 -2.88
C TYR A 8 3.19 -7.95 -2.87
N ASP A 9 2.68 -9.16 -3.07
CA ASP A 9 1.21 -9.41 -3.10
C ASP A 9 0.54 -8.83 -1.86
N TYR A 10 1.20 -9.04 -0.80
CA TYR A 10 0.72 -8.53 0.50
C TYR A 10 -0.73 -8.90 0.82
N ASP A 11 -0.96 -9.27 2.05
CA ASP A 11 -2.32 -9.57 2.48
C ASP A 11 -2.75 -8.62 3.60
N ALA A 12 -2.83 -7.30 3.28
CA ALA A 12 -3.28 -6.23 4.21
C ALA A 12 -3.39 -6.72 5.67
N ALA A 13 -2.33 -6.53 6.43
CA ALA A 13 -2.27 -6.97 7.83
C ALA A 13 -3.34 -6.38 8.80
N GLU A 14 -3.85 -5.17 8.59
CA GLU A 14 -4.80 -4.57 9.58
C GLU A 14 -6.27 -4.35 9.14
N ASP A 15 -6.60 -4.60 7.88
CA ASP A 15 -7.98 -4.45 7.36
C ASP A 15 -8.03 -3.20 6.50
N ASN A 16 -7.82 -1.99 7.09
CA ASN A 16 -7.85 -0.85 6.20
C ASN A 16 -6.43 -0.56 5.77
N GLU A 17 -5.82 -1.53 5.13
CA GLU A 17 -4.59 -1.38 4.43
C GLU A 17 -4.90 -1.65 2.97
N LEU A 18 -3.99 -1.39 2.07
CA LEU A 18 -4.22 -1.74 0.68
C LEU A 18 -3.59 -3.11 0.50
N THR A 19 -3.79 -3.68 -0.65
CA THR A 19 -3.31 -5.01 -0.93
C THR A 19 -3.03 -5.10 -2.40
N PHE A 20 -1.86 -5.56 -2.75
CA PHE A 20 -1.50 -5.59 -4.16
C PHE A 20 -0.48 -6.65 -4.47
N VAL A 21 -0.51 -7.08 -5.71
CA VAL A 21 0.39 -8.12 -6.18
C VAL A 21 1.46 -7.53 -7.05
N GLU A 22 2.72 -7.85 -6.71
CA GLU A 22 3.89 -7.35 -7.43
C GLU A 22 3.61 -6.85 -8.83
N ASN A 23 4.34 -5.82 -9.19
CA ASN A 23 4.13 -5.22 -10.49
C ASN A 23 2.75 -4.54 -10.56
N ASP A 24 2.01 -4.53 -9.42
CA ASP A 24 0.69 -3.91 -9.39
C ASP A 24 0.91 -2.42 -9.39
N LYS A 25 0.04 -1.75 -10.12
CA LYS A 25 0.13 -0.32 -10.24
C LYS A 25 -0.79 0.36 -9.22
N ILE A 26 -0.26 1.41 -8.59
CA ILE A 26 -1.02 2.19 -7.61
C ILE A 26 -0.98 3.65 -8.02
N ILE A 27 -2.11 4.33 -7.88
CA ILE A 27 -2.20 5.74 -8.30
C ILE A 27 -3.01 6.56 -7.31
N ASN A 28 -2.97 7.87 -7.52
CA ASN A 28 -3.65 8.83 -6.67
C ASN A 28 -3.12 8.67 -5.26
N ILE A 29 -1.81 8.57 -5.18
CA ILE A 29 -1.14 8.39 -3.92
C ILE A 29 -1.17 9.69 -3.12
N GLU A 30 -1.33 9.53 -1.84
CA GLU A 30 -1.31 10.69 -0.97
C GLU A 30 -0.52 10.40 0.28
N PHE A 31 -0.18 11.45 1.00
CA PHE A 31 0.63 11.25 2.19
C PHE A 31 -0.17 11.42 3.46
N VAL A 32 -1.22 10.62 3.57
CA VAL A 32 -2.07 10.59 4.75
C VAL A 32 -1.20 10.35 5.97
N ASP A 33 -0.21 9.47 5.84
CA ASP A 33 0.74 9.19 6.91
C ASP A 33 2.16 9.20 6.34
N ASP A 34 3.15 9.27 7.22
CA ASP A 34 4.54 9.23 6.79
C ASP A 34 4.86 7.83 6.26
N ASP A 35 4.49 6.84 7.07
CA ASP A 35 4.80 5.44 6.77
C ASP A 35 3.78 4.73 5.89
N TRP A 36 2.49 5.00 6.06
CA TRP A 36 1.50 4.41 5.15
C TRP A 36 0.83 5.49 4.34
N TRP A 37 1.04 5.53 3.04
CA TRP A 37 0.43 6.53 2.19
C TRP A 37 -0.85 5.94 1.68
N LEU A 38 -1.70 6.76 1.08
CA LEU A 38 -2.96 6.26 0.61
C LEU A 38 -2.92 6.13 -0.89
N GLY A 39 -3.73 5.22 -1.38
CA GLY A 39 -3.70 5.02 -2.81
C GLY A 39 -5.03 4.95 -3.52
N GLU A 40 -4.89 4.44 -4.72
CA GLU A 40 -5.96 4.18 -5.65
C GLU A 40 -5.34 3.26 -6.69
N LEU A 41 -5.80 2.03 -6.83
CA LEU A 41 -5.14 1.17 -7.81
C LEU A 41 -5.54 1.51 -9.22
N GLU A 42 -4.58 1.88 -10.03
CA GLU A 42 -4.85 2.22 -11.41
C GLU A 42 -5.56 1.06 -12.10
N LYS A 43 -5.13 -0.16 -11.79
CA LYS A 43 -5.70 -1.35 -12.40
C LYS A 43 -7.17 -1.59 -12.03
N ASP A 44 -7.53 -1.44 -10.75
CA ASP A 44 -8.93 -1.72 -10.33
C ASP A 44 -9.59 -0.55 -9.59
N GLY A 45 -8.83 0.48 -9.30
CA GLY A 45 -9.38 1.64 -8.61
C GLY A 45 -9.57 1.44 -7.12
N SER A 46 -8.75 0.61 -6.50
CA SER A 46 -8.87 0.37 -5.06
C SER A 46 -8.07 1.39 -4.27
N LYS A 47 -8.65 1.90 -3.18
CA LYS A 47 -7.99 2.88 -2.34
C LYS A 47 -7.81 2.36 -0.93
N GLY A 48 -6.74 2.79 -0.28
CA GLY A 48 -6.47 2.38 1.09
C GLY A 48 -5.08 2.75 1.53
N LEU A 49 -4.86 2.82 2.83
CA LEU A 49 -3.55 3.16 3.34
C LEU A 49 -2.66 1.98 3.07
N PHE A 50 -1.45 2.20 2.60
CA PHE A 50 -0.57 1.14 2.24
C PHE A 50 0.83 1.36 2.73
N PRO A 51 1.57 0.27 2.86
CA PRO A 51 2.95 0.29 3.34
C PRO A 51 3.86 1.14 2.48
N SER A 52 5.08 1.12 2.94
CA SER A 52 6.08 1.83 2.15
C SER A 52 7.28 0.99 1.81
N ASN A 53 7.48 -0.05 2.60
CA ASN A 53 8.53 -1.00 2.38
C ASN A 53 8.03 -2.13 1.48
N TYR A 54 6.69 -2.31 1.45
CA TYR A 54 6.06 -3.35 0.62
C TYR A 54 5.88 -2.85 -0.83
N VAL A 55 6.07 -1.53 -1.05
CA VAL A 55 5.88 -0.92 -2.37
C VAL A 55 6.88 0.19 -2.68
N SER A 56 7.07 0.45 -3.96
CA SER A 56 7.95 1.51 -4.44
C SER A 56 7.15 2.60 -5.14
N LEU A 57 7.51 3.87 -4.89
CA LEU A 57 6.80 4.99 -5.50
C LEU A 57 7.29 5.26 -6.92
N GLY A 58 6.35 5.37 -7.82
CA GLY A 58 6.66 5.61 -9.21
C GLY A 58 6.95 7.07 -9.52
N ASN A 59 6.92 7.91 -8.48
CA ASN A 59 7.17 9.36 -8.64
C ASN A 59 6.85 10.10 -7.34
N ALA B 1 13.43 -11.80 -6.88
CA ALA B 1 13.26 -12.74 -5.74
C ALA B 1 11.94 -12.51 -5.00
N LYS B 2 10.83 -12.56 -5.71
CA LYS B 2 9.53 -12.36 -5.08
C LYS B 2 9.26 -13.24 -3.87
N LYS B 3 9.35 -14.57 -4.03
CA LYS B 3 9.06 -15.47 -2.92
C LYS B 3 9.74 -14.98 -1.64
N THR B 4 8.88 -14.58 -0.70
CA THR B 4 9.24 -13.98 0.58
C THR B 4 8.69 -12.56 0.54
N LYS B 5 7.87 -12.21 1.51
CA LYS B 5 7.29 -10.88 1.54
C LYS B 5 7.61 -10.14 2.84
N PRO B 6 8.17 -8.92 2.73
CA PRO B 6 8.51 -8.10 3.90
C PRO B 6 7.43 -8.17 4.97
N THR B 7 7.76 -7.71 6.16
CA THR B 7 6.78 -7.66 7.25
C THR B 7 6.18 -6.26 7.29
N PRO B 8 4.90 -6.09 6.93
CA PRO B 8 4.26 -4.78 6.92
C PRO B 8 4.62 -3.96 8.16
N PRO B 9 5.38 -2.86 7.98
CA PRO B 9 5.83 -2.04 9.09
C PRO B 9 4.67 -1.43 9.87
N PRO B 10 4.94 -0.98 11.11
CA PRO B 10 3.93 -0.35 11.96
C PRO B 10 2.94 0.50 11.17
N LYS B 11 1.78 0.77 11.74
CA LYS B 11 0.77 1.58 11.09
C LYS B 11 0.18 2.55 12.11
N PRO B 12 0.34 3.87 11.88
CA PRO B 12 -0.17 4.85 12.82
C PRO B 12 -1.60 4.51 13.24
N SER B 13 -1.76 4.31 14.54
CA SER B 13 -3.02 3.84 15.14
C SER B 13 -4.27 4.68 14.87
N HIS B 14 -4.10 5.84 14.26
CA HIS B 14 -5.24 6.69 13.91
C HIS B 14 -5.80 6.30 12.55
N LEU B 15 -5.18 5.29 11.91
CA LEU B 15 -5.63 4.87 10.59
C LEU B 15 -6.12 3.43 10.55
N LYS B 16 -6.93 3.05 11.53
CA LYS B 16 -7.52 1.70 11.58
C LYS B 16 -9.04 1.79 11.48
N PRO B 17 -9.69 0.73 10.98
CA PRO B 17 -11.15 0.71 10.83
C PRO B 17 -11.87 1.17 12.09
N LYS B 18 -13.09 1.70 11.96
CA LYS B 18 -13.85 2.13 13.12
C LYS B 18 -15.06 1.24 13.33
N ALA A 1 -2.47 12.53 -7.77
CA ALA A 1 -1.39 12.27 -6.78
C ALA A 1 -0.39 11.24 -7.32
N PRO A 2 0.78 11.10 -6.66
CA PRO A 2 1.83 10.16 -7.07
C PRO A 2 1.30 8.73 -7.17
N TRP A 3 2.09 7.88 -7.80
CA TRP A 3 1.72 6.49 -8.03
C TRP A 3 2.86 5.55 -7.66
N ALA A 4 2.50 4.31 -7.35
CA ALA A 4 3.50 3.32 -6.97
C ALA A 4 3.21 1.93 -7.48
N THR A 5 4.25 1.11 -7.48
CA THR A 5 4.14 -0.27 -7.90
C THR A 5 4.44 -1.19 -6.74
N ALA A 6 3.83 -2.37 -6.74
CA ALA A 6 4.05 -3.34 -5.68
C ALA A 6 5.21 -4.24 -6.04
N GLU A 7 6.04 -4.51 -5.06
CA GLU A 7 7.19 -5.37 -5.25
C GLU A 7 7.03 -6.68 -4.49
N TYR A 8 5.91 -6.80 -3.75
CA TYR A 8 5.58 -7.98 -2.97
C TYR A 8 4.07 -8.13 -2.84
N ASP A 9 3.58 -9.36 -2.87
CA ASP A 9 2.15 -9.65 -2.76
C ASP A 9 1.66 -9.20 -1.38
N TYR A 10 1.25 -7.93 -1.29
CA TYR A 10 0.82 -7.37 -0.01
C TYR A 10 -0.61 -7.76 0.32
N ASP A 11 -0.81 -8.31 1.51
CA ASP A 11 -2.15 -8.71 1.91
C ASP A 11 -2.67 -7.93 3.15
N ALA A 12 -2.84 -6.60 2.98
CA ALA A 12 -3.36 -5.68 4.03
C ALA A 12 -3.42 -6.28 5.43
N ALA A 13 -2.34 -6.10 6.18
CA ALA A 13 -2.24 -6.61 7.56
C ALA A 13 -3.26 -6.03 8.57
N GLU A 14 -3.76 -4.80 8.42
CA GLU A 14 -4.68 -4.24 9.44
C GLU A 14 -6.15 -4.01 9.06
N ASP A 15 -6.53 -4.24 7.81
CA ASP A 15 -7.93 -4.07 7.33
C ASP A 15 -8.01 -2.80 6.51
N ASN A 16 -7.77 -1.61 7.10
CA ASN A 16 -7.86 -0.45 6.21
C ASN A 16 -6.48 -0.15 5.66
N GLU A 17 -5.93 -1.12 4.98
CA GLU A 17 -4.79 -1.00 4.15
C GLU A 17 -5.26 -1.33 2.75
N LEU A 18 -4.43 -1.13 1.75
CA LEU A 18 -4.78 -1.55 0.42
C LEU A 18 -4.18 -2.92 0.30
N THR A 19 -4.43 -3.57 -0.80
CA THR A 19 -3.94 -4.91 -0.98
C THR A 19 -3.58 -5.08 -2.41
N PHE A 20 -2.37 -5.54 -2.66
CA PHE A 20 -1.94 -5.67 -4.03
C PHE A 20 -0.94 -6.79 -4.21
N VAL A 21 -0.73 -7.10 -5.47
CA VAL A 21 0.18 -8.14 -5.87
C VAL A 21 1.20 -7.55 -6.81
N GLU A 22 2.47 -7.91 -6.59
CA GLU A 22 3.60 -7.43 -7.37
C GLU A 22 3.22 -6.92 -8.75
N ASN A 23 3.96 -5.91 -9.16
CA ASN A 23 3.70 -5.30 -10.44
C ASN A 23 2.33 -4.59 -10.45
N ASP A 24 1.65 -4.54 -9.29
CA ASP A 24 0.36 -3.89 -9.19
C ASP A 24 0.58 -2.39 -9.13
N LYS A 25 -0.21 -1.69 -9.94
CA LYS A 25 -0.12 -0.26 -10.02
C LYS A 25 -0.94 0.41 -8.93
N ILE A 26 -0.35 1.42 -8.30
CA ILE A 26 -1.02 2.17 -7.27
C ILE A 26 -0.95 3.65 -7.63
N ILE A 27 -2.04 4.36 -7.45
CA ILE A 27 -2.08 5.76 -7.82
C ILE A 27 -2.79 6.60 -6.78
N ASN A 28 -2.75 7.91 -6.97
CA ASN A 28 -3.31 8.85 -6.04
C ASN A 28 -2.68 8.64 -4.68
N ILE A 29 -1.36 8.48 -4.70
CA ILE A 29 -0.60 8.16 -3.51
C ILE A 29 -0.53 9.32 -2.55
N GLU A 30 -1.66 9.73 -2.01
CA GLU A 30 -1.61 10.82 -1.04
C GLU A 30 -0.76 10.45 0.15
N PHE A 31 -0.39 11.43 0.96
CA PHE A 31 0.45 11.13 2.11
C PHE A 31 -0.28 11.35 3.43
N VAL A 32 -1.37 10.62 3.58
CA VAL A 32 -2.16 10.67 4.79
C VAL A 32 -1.26 10.43 6.00
N ASP A 33 -0.26 9.57 5.85
CA ASP A 33 0.69 9.31 6.93
C ASP A 33 2.12 9.28 6.36
N ASP A 34 3.13 9.40 7.22
CA ASP A 34 4.52 9.35 6.78
C ASP A 34 4.85 7.95 6.24
N ASP A 35 4.51 6.95 7.05
CA ASP A 35 4.84 5.55 6.75
C ASP A 35 3.81 4.82 5.89
N TRP A 36 2.54 5.10 6.09
CA TRP A 36 1.53 4.49 5.22
C TRP A 36 0.85 5.59 4.42
N TRP A 37 0.98 5.59 3.09
CA TRP A 37 0.36 6.58 2.22
C TRP A 37 -0.91 5.96 1.69
N LEU A 38 -1.76 6.76 1.08
CA LEU A 38 -3.02 6.26 0.58
C LEU A 38 -3.00 6.10 -0.93
N GLY A 39 -3.79 5.16 -1.41
CA GLY A 39 -3.74 4.94 -2.84
C GLY A 39 -5.04 4.83 -3.60
N GLU A 40 -4.85 4.33 -4.80
CA GLU A 40 -5.90 4.05 -5.77
C GLU A 40 -5.26 3.13 -6.80
N LEU A 41 -5.71 1.92 -6.95
CA LEU A 41 -5.06 1.07 -7.94
C LEU A 41 -5.52 1.42 -9.34
N GLU A 42 -4.61 1.90 -10.18
CA GLU A 42 -4.96 2.26 -11.54
C GLU A 42 -5.79 1.14 -12.17
N LYS A 43 -5.42 -0.08 -11.80
CA LYS A 43 -6.10 -1.26 -12.32
C LYS A 43 -7.54 -1.41 -11.81
N ASP A 44 -7.79 -1.21 -10.51
CA ASP A 44 -9.15 -1.41 -9.97
C ASP A 44 -9.73 -0.21 -9.20
N GLY A 45 -8.92 0.80 -8.97
CA GLY A 45 -9.39 1.96 -8.24
C GLY A 45 -9.63 1.69 -6.76
N SER A 46 -8.84 0.79 -6.17
CA SER A 46 -9.02 0.48 -4.75
C SER A 46 -8.24 1.46 -3.88
N LYS A 47 -8.87 1.88 -2.77
CA LYS A 47 -8.26 2.80 -1.83
C LYS A 47 -8.21 2.18 -0.45
N GLY A 48 -7.57 2.85 0.51
CA GLY A 48 -7.54 2.38 1.88
C GLY A 48 -6.36 2.88 2.67
N LEU A 49 -5.17 2.48 2.24
CA LEU A 49 -3.89 2.88 2.81
C LEU A 49 -2.84 1.90 2.34
N PHE A 50 -1.58 2.12 2.64
CA PHE A 50 -0.59 1.16 2.20
C PHE A 50 0.80 1.39 2.74
N PRO A 51 1.55 0.28 2.88
CA PRO A 51 2.91 0.28 3.37
C PRO A 51 3.85 0.98 2.42
N SER A 52 5.10 0.93 2.82
CA SER A 52 6.08 1.52 1.92
C SER A 52 7.24 0.64 1.57
N ASN A 53 7.45 -0.41 2.37
CA ASN A 53 8.49 -1.37 2.11
C ASN A 53 7.96 -2.51 1.24
N TYR A 54 6.63 -2.71 1.22
CA TYR A 54 6.00 -3.76 0.40
C TYR A 54 5.83 -3.23 -1.05
N VAL A 55 6.01 -1.90 -1.23
CA VAL A 55 5.83 -1.26 -2.55
C VAL A 55 6.85 -0.16 -2.82
N SER A 56 7.06 0.12 -4.10
CA SER A 56 7.98 1.18 -4.54
C SER A 56 7.19 2.30 -5.23
N LEU A 57 7.56 3.56 -4.96
CA LEU A 57 6.87 4.70 -5.56
C LEU A 57 7.37 4.96 -6.97
N GLY A 58 6.43 5.09 -7.90
CA GLY A 58 6.78 5.34 -9.28
C GLY A 58 7.05 6.80 -9.56
N ASN A 59 7.11 7.62 -8.52
CA ASN A 59 7.35 9.04 -8.68
C ASN A 59 7.72 9.69 -7.34
N ALA B 1 8.04 -15.03 -9.70
CA ALA B 1 7.73 -15.91 -8.54
C ALA B 1 8.74 -15.71 -7.43
N LYS B 2 8.28 -15.11 -6.32
CA LYS B 2 9.16 -14.85 -5.19
C LYS B 2 8.70 -15.59 -3.94
N LYS B 3 9.54 -15.73 -2.91
CA LYS B 3 9.02 -16.36 -1.71
C LYS B 3 9.42 -15.67 -0.41
N THR B 4 9.78 -14.40 -0.55
CA THR B 4 10.10 -13.58 0.63
C THR B 4 9.58 -12.16 0.44
N LYS B 5 8.92 -11.64 1.46
CA LYS B 5 8.43 -10.27 1.43
C LYS B 5 8.56 -9.63 2.79
N PRO B 6 8.99 -8.37 2.85
CA PRO B 6 9.13 -7.64 4.11
C PRO B 6 7.93 -7.84 5.01
N THR B 7 8.03 -7.40 6.24
CA THR B 7 6.91 -7.48 7.16
C THR B 7 6.26 -6.09 7.21
N PRO B 8 4.96 -5.97 6.89
CA PRO B 8 4.30 -4.65 6.89
C PRO B 8 4.69 -3.85 8.11
N PRO B 9 5.47 -2.78 7.92
CA PRO B 9 5.98 -1.95 9.02
C PRO B 9 4.87 -1.42 9.89
N PRO B 10 5.21 -0.95 11.10
CA PRO B 10 4.25 -0.36 12.03
C PRO B 10 3.23 0.48 11.28
N LYS B 11 2.10 0.76 11.88
CA LYS B 11 1.08 1.55 11.23
C LYS B 11 0.47 2.51 12.22
N PRO B 12 0.27 3.78 11.83
CA PRO B 12 -0.29 4.74 12.76
C PRO B 12 -1.71 4.35 13.09
N SER B 13 -1.91 4.06 14.37
CA SER B 13 -3.16 3.53 14.91
C SER B 13 -4.43 4.33 14.63
N HIS B 14 -4.26 5.52 14.08
CA HIS B 14 -5.40 6.36 13.71
C HIS B 14 -5.97 5.94 12.34
N LEU B 15 -5.33 4.93 11.71
CA LEU B 15 -5.78 4.47 10.40
C LEU B 15 -6.34 3.04 10.45
N LYS B 16 -7.15 2.77 11.46
CA LYS B 16 -7.81 1.48 11.61
C LYS B 16 -9.31 1.63 11.37
N PRO B 17 -9.97 0.60 10.84
CA PRO B 17 -11.41 0.64 10.55
C PRO B 17 -12.22 1.00 11.80
N LYS B 18 -13.43 1.52 11.62
CA LYS B 18 -14.27 1.87 12.76
C LYS B 18 -15.48 0.93 12.85
N ALA A 1 -2.84 12.38 -8.22
CA ALA A 1 -1.79 12.20 -7.19
C ALA A 1 -0.71 11.24 -7.66
N PRO A 2 0.44 11.21 -6.97
CA PRO A 2 1.57 10.32 -7.30
C PRO A 2 1.11 8.87 -7.42
N TRP A 3 1.96 8.03 -7.99
CA TRP A 3 1.62 6.63 -8.20
C TRP A 3 2.77 5.72 -7.78
N ALA A 4 2.41 4.48 -7.48
CA ALA A 4 3.40 3.51 -7.04
C ALA A 4 3.13 2.10 -7.51
N THR A 5 4.15 1.28 -7.50
CA THR A 5 4.03 -0.12 -7.89
C THR A 5 4.27 -1.03 -6.71
N ALA A 6 3.66 -2.21 -6.75
CA ALA A 6 3.81 -3.18 -5.68
C ALA A 6 5.01 -4.07 -5.97
N GLU A 7 5.76 -4.34 -4.92
CA GLU A 7 6.93 -5.19 -5.04
C GLU A 7 6.76 -6.50 -4.28
N TYR A 8 5.67 -6.61 -3.51
CA TYR A 8 5.37 -7.79 -2.70
C TYR A 8 3.87 -7.99 -2.56
N ASP A 9 3.43 -9.24 -2.58
CA ASP A 9 2.01 -9.61 -2.47
C ASP A 9 1.47 -9.27 -1.08
N TYR A 10 0.95 -8.05 -0.94
CA TYR A 10 0.44 -7.62 0.36
C TYR A 10 -1.01 -8.06 0.60
N ASP A 11 -1.24 -8.60 1.78
CA ASP A 11 -2.58 -8.97 2.19
C ASP A 11 -3.05 -8.07 3.37
N ALA A 12 -3.16 -6.74 3.12
CA ALA A 12 -3.64 -5.74 4.10
C ALA A 12 -3.66 -6.23 5.55
N ALA A 13 -2.63 -5.89 6.32
CA ALA A 13 -2.50 -6.32 7.70
C ALA A 13 -3.51 -5.65 8.68
N GLU A 14 -4.03 -4.47 8.35
CA GLU A 14 -4.91 -3.72 9.29
C GLU A 14 -6.41 -3.56 8.98
N ASP A 15 -6.90 -4.12 7.88
CA ASP A 15 -8.33 -4.05 7.51
C ASP A 15 -8.47 -2.85 6.60
N ASN A 16 -8.24 -1.62 7.12
CA ASN A 16 -8.34 -0.52 6.18
C ASN A 16 -6.95 -0.23 5.65
N GLU A 17 -6.38 -1.24 5.04
CA GLU A 17 -5.19 -1.15 4.26
C GLU A 17 -5.60 -1.45 2.83
N LEU A 18 -4.74 -1.21 1.88
CA LEU A 18 -5.01 -1.59 0.51
C LEU A 18 -4.37 -2.96 0.37
N THR A 19 -4.56 -3.58 -0.77
CA THR A 19 -4.07 -4.93 -0.95
C THR A 19 -3.68 -5.14 -2.37
N PHE A 20 -2.48 -5.63 -2.59
CA PHE A 20 -2.02 -5.82 -3.94
C PHE A 20 -1.02 -6.96 -4.07
N VAL A 21 -0.77 -7.31 -5.31
CA VAL A 21 0.16 -8.36 -5.65
C VAL A 21 1.25 -7.78 -6.50
N GLU A 22 2.50 -8.11 -6.19
CA GLU A 22 3.68 -7.61 -6.89
C GLU A 22 3.39 -7.13 -8.32
N ASN A 23 4.13 -6.12 -8.70
CA ASN A 23 3.95 -5.55 -10.04
C ASN A 23 2.56 -4.89 -10.17
N ASP A 24 1.79 -4.84 -9.08
CA ASP A 24 0.46 -4.22 -9.11
C ASP A 24 0.63 -2.72 -9.04
N LYS A 25 -0.09 -2.05 -9.92
CA LYS A 25 -0.01 -0.62 -10.01
C LYS A 25 -0.85 0.10 -8.96
N ILE A 26 -0.32 1.22 -8.49
CA ILE A 26 -1.00 2.07 -7.51
C ILE A 26 -0.93 3.52 -7.99
N ILE A 27 -2.01 4.26 -7.77
CA ILE A 27 -2.08 5.65 -8.24
C ILE A 27 -2.86 6.52 -7.28
N ASN A 28 -2.83 7.82 -7.56
CA ASN A 28 -3.52 8.78 -6.76
C ASN A 28 -3.05 8.66 -5.33
N ILE A 29 -1.73 8.57 -5.20
CA ILE A 29 -1.10 8.43 -3.93
C ILE A 29 -1.14 9.74 -3.17
N GLU A 30 -1.32 9.62 -1.88
CA GLU A 30 -1.32 10.79 -1.04
C GLU A 30 -0.53 10.51 0.22
N PHE A 31 -0.21 11.54 0.96
CA PHE A 31 0.59 11.32 2.16
C PHE A 31 -0.20 11.56 3.44
N VAL A 32 -1.07 10.60 3.70
CA VAL A 32 -1.91 10.60 4.88
C VAL A 32 -1.04 10.39 6.11
N ASP A 33 -0.02 9.54 6.00
CA ASP A 33 0.92 9.30 7.08
C ASP A 33 2.35 9.26 6.52
N ASP A 34 3.34 9.60 7.35
CA ASP A 34 4.73 9.58 6.91
C ASP A 34 5.11 8.19 6.38
N ASP A 35 4.75 7.19 7.18
CA ASP A 35 5.12 5.80 6.90
C ASP A 35 4.13 5.04 6.02
N TRP A 36 2.85 5.32 6.18
CA TRP A 36 1.85 4.69 5.34
C TRP A 36 1.10 5.74 4.55
N TRP A 37 1.23 5.78 3.22
CA TRP A 37 0.56 6.75 2.36
C TRP A 37 -0.73 6.12 1.86
N LEU A 38 -1.57 6.91 1.18
CA LEU A 38 -2.83 6.39 0.69
C LEU A 38 -2.79 6.22 -0.82
N GLY A 39 -3.58 5.29 -1.30
CA GLY A 39 -3.56 5.06 -2.73
C GLY A 39 -4.90 4.97 -3.43
N GLU A 40 -4.78 4.52 -4.66
CA GLU A 40 -5.87 4.27 -5.59
C GLU A 40 -5.25 3.39 -6.68
N LEU A 41 -5.70 2.16 -6.86
CA LEU A 41 -5.05 1.32 -7.87
C LEU A 41 -5.47 1.64 -9.28
N GLU A 42 -4.50 1.97 -10.11
CA GLU A 42 -4.77 2.29 -11.50
C GLU A 42 -5.42 1.09 -12.19
N LYS A 43 -4.97 -0.11 -11.85
CA LYS A 43 -5.48 -1.31 -12.49
C LYS A 43 -6.95 -1.60 -12.16
N ASP A 44 -7.36 -1.44 -10.90
CA ASP A 44 -8.76 -1.75 -10.53
C ASP A 44 -9.47 -0.58 -9.83
N GLY A 45 -8.73 0.47 -9.55
CA GLY A 45 -9.32 1.63 -8.88
C GLY A 45 -9.59 1.42 -7.40
N SER A 46 -8.77 0.60 -6.75
CA SER A 46 -8.97 0.35 -5.33
C SER A 46 -8.22 1.40 -4.52
N LYS A 47 -8.85 1.90 -3.46
CA LYS A 47 -8.23 2.91 -2.61
C LYS A 47 -8.08 2.41 -1.19
N GLY A 48 -7.04 2.87 -0.51
CA GLY A 48 -6.79 2.49 0.85
C GLY A 48 -5.40 2.87 1.31
N LEU A 49 -5.19 2.94 2.61
CA LEU A 49 -3.88 3.29 3.11
C LEU A 49 -2.98 2.12 2.89
N PHE A 50 -1.86 2.36 2.22
CA PHE A 50 -0.94 1.30 1.90
C PHE A 50 0.42 1.58 2.53
N PRO A 51 1.29 0.57 2.53
CA PRO A 51 2.61 0.62 3.11
C PRO A 51 3.62 1.36 2.26
N SER A 52 4.82 1.33 2.80
CA SER A 52 5.88 1.98 2.03
C SER A 52 7.08 1.10 1.77
N ASN A 53 7.25 0.08 2.59
CA ASN A 53 8.30 -0.89 2.43
C ASN A 53 7.83 -2.03 1.51
N TYR A 54 6.50 -2.24 1.45
CA TYR A 54 5.91 -3.29 0.62
C TYR A 54 5.78 -2.83 -0.84
N VAL A 55 5.95 -1.51 -1.07
CA VAL A 55 5.79 -0.94 -2.41
C VAL A 55 6.79 0.18 -2.71
N SER A 56 7.01 0.43 -3.98
CA SER A 56 7.90 1.49 -4.45
C SER A 56 7.11 2.58 -5.19
N LEU A 57 7.45 3.85 -4.94
CA LEU A 57 6.73 4.96 -5.59
C LEU A 57 7.25 5.21 -6.99
N GLY A 58 6.32 5.30 -7.94
CA GLY A 58 6.69 5.53 -9.32
C GLY A 58 6.95 7.01 -9.59
N ASN A 59 6.92 7.83 -8.54
CA ASN A 59 7.14 9.26 -8.69
C ASN A 59 7.86 9.84 -7.48
N ALA B 1 2.73 -18.48 2.42
CA ALA B 1 2.58 -17.11 3.01
C ALA B 1 3.06 -16.02 2.06
N LYS B 2 3.79 -16.43 1.00
CA LYS B 2 4.39 -15.51 0.00
C LYS B 2 5.89 -15.74 -0.13
N LYS B 3 6.54 -15.67 1.04
CA LYS B 3 7.99 -15.87 1.18
C LYS B 3 8.74 -14.88 0.30
N THR B 4 8.82 -13.62 0.78
CA THR B 4 9.51 -12.52 0.09
C THR B 4 8.73 -11.20 0.15
N LYS B 5 7.94 -10.99 1.20
CA LYS B 5 7.23 -9.71 1.34
C LYS B 5 7.58 -9.05 2.67
N PRO B 6 8.41 -8.00 2.65
CA PRO B 6 8.81 -7.27 3.85
C PRO B 6 7.72 -7.20 4.95
N THR B 7 7.61 -8.23 5.83
CA THR B 7 6.64 -8.10 6.98
C THR B 7 6.32 -6.64 7.34
N PRO B 8 5.04 -6.23 7.15
CA PRO B 8 4.59 -4.83 7.37
C PRO B 8 5.12 -4.21 8.65
N PRO B 9 5.57 -2.94 8.57
CA PRO B 9 6.14 -2.23 9.73
C PRO B 9 5.11 -1.73 10.72
N PRO B 10 5.60 -1.12 11.82
CA PRO B 10 4.76 -0.53 12.88
C PRO B 10 3.77 0.52 12.34
N LYS B 11 2.87 0.19 11.44
CA LYS B 11 1.93 1.15 10.86
C LYS B 11 1.20 1.91 11.96
N PRO B 12 0.85 3.19 11.69
CA PRO B 12 0.17 4.02 12.68
C PRO B 12 -1.25 3.58 12.94
N SER B 13 -1.54 3.34 14.21
CA SER B 13 -2.81 2.77 14.65
C SER B 13 -4.05 3.63 14.43
N HIS B 14 -3.83 4.88 14.02
CA HIS B 14 -4.98 5.76 13.71
C HIS B 14 -5.58 5.37 12.36
N LEU B 15 -4.94 4.40 11.70
CA LEU B 15 -5.43 3.96 10.40
C LEU B 15 -6.00 2.55 10.43
N LYS B 16 -6.87 2.32 11.41
CA LYS B 16 -7.59 1.06 11.56
C LYS B 16 -9.09 1.35 11.48
N PRO B 17 -9.87 0.50 10.80
CA PRO B 17 -11.30 0.74 10.67
C PRO B 17 -12.09 0.28 11.89
N LYS B 18 -12.96 1.18 12.34
CA LYS B 18 -13.83 0.92 13.48
C LYS B 18 -15.22 1.50 13.27
N ALA A 1 -2.64 12.45 -8.37
CA ALA A 1 -1.61 12.26 -7.32
C ALA A 1 -0.56 11.24 -7.74
N PRO A 2 0.57 11.17 -7.02
CA PRO A 2 1.67 10.24 -7.32
C PRO A 2 1.20 8.80 -7.44
N TRP A 3 2.05 7.96 -8.01
CA TRP A 3 1.71 6.57 -8.25
C TRP A 3 2.85 5.65 -7.79
N ALA A 4 2.48 4.41 -7.45
CA ALA A 4 3.48 3.45 -6.97
C ALA A 4 3.24 2.04 -7.49
N THR A 5 4.29 1.25 -7.44
CA THR A 5 4.23 -0.14 -7.86
C THR A 5 4.49 -1.06 -6.69
N ALA A 6 3.95 -2.28 -6.77
CA ALA A 6 4.13 -3.27 -5.72
C ALA A 6 5.35 -4.13 -6.01
N GLU A 7 6.11 -4.39 -4.96
CA GLU A 7 7.30 -5.22 -5.07
C GLU A 7 7.13 -6.55 -4.32
N TYR A 8 6.00 -6.69 -3.64
CA TYR A 8 5.66 -7.90 -2.89
C TYR A 8 4.15 -8.08 -2.85
N ASP A 9 3.69 -9.31 -2.88
CA ASP A 9 2.27 -9.61 -2.84
C ASP A 9 1.76 -9.17 -1.47
N TYR A 10 1.34 -7.91 -1.38
CA TYR A 10 0.91 -7.34 -0.11
C TYR A 10 -0.51 -7.75 0.23
N ASP A 11 -0.70 -8.24 1.45
CA ASP A 11 -2.03 -8.65 1.86
C ASP A 11 -2.58 -7.84 3.08
N ALA A 12 -2.79 -6.50 2.91
CA ALA A 12 -3.37 -5.60 3.96
C ALA A 12 -3.56 -6.32 5.30
N ALA A 13 -2.67 -6.12 6.23
CA ALA A 13 -2.82 -6.78 7.51
C ALA A 13 -4.17 -6.45 8.23
N GLU A 14 -4.80 -5.28 8.05
CA GLU A 14 -6.04 -4.98 8.83
C GLU A 14 -7.40 -4.77 8.08
N ASP A 15 -7.47 -4.71 6.74
CA ASP A 15 -8.76 -4.40 6.00
C ASP A 15 -8.74 -2.91 5.63
N ASN A 16 -8.16 -2.22 6.61
CA ASN A 16 -7.74 -0.84 6.62
C ASN A 16 -6.93 -0.75 5.31
N GLU A 17 -5.63 -0.76 5.52
CA GLU A 17 -4.67 -0.77 4.44
C GLU A 17 -5.19 -1.40 3.13
N LEU A 18 -4.45 -1.15 2.08
CA LEU A 18 -4.77 -1.63 0.75
C LEU A 18 -4.13 -2.98 0.58
N THR A 19 -4.38 -3.57 -0.58
CA THR A 19 -3.90 -4.91 -0.83
C THR A 19 -3.60 -5.09 -2.30
N PHE A 20 -2.43 -5.59 -2.62
CA PHE A 20 -2.04 -5.76 -4.00
C PHE A 20 -1.06 -6.89 -4.20
N VAL A 21 -0.79 -7.16 -5.47
CA VAL A 21 0.14 -8.19 -5.86
C VAL A 21 1.21 -7.61 -6.74
N GLU A 22 2.48 -7.90 -6.42
CA GLU A 22 3.65 -7.39 -7.16
C GLU A 22 3.35 -6.90 -8.56
N ASN A 23 4.11 -5.89 -8.95
CA ASN A 23 3.93 -5.32 -10.27
C ASN A 23 2.57 -4.61 -10.37
N ASP A 24 1.84 -4.51 -9.24
CA ASP A 24 0.55 -3.83 -9.25
C ASP A 24 0.78 -2.34 -9.35
N LYS A 25 0.00 -1.71 -10.19
CA LYS A 25 0.10 -0.29 -10.39
C LYS A 25 -0.77 0.42 -9.35
N ILE A 26 -0.23 1.44 -8.70
CA ILE A 26 -0.97 2.22 -7.70
C ILE A 26 -0.96 3.68 -8.11
N ILE A 27 -2.09 4.34 -8.01
CA ILE A 27 -2.21 5.74 -8.44
C ILE A 27 -3.01 6.58 -7.46
N ASN A 28 -2.99 7.88 -7.71
CA ASN A 28 -3.66 8.84 -6.85
C ASN A 28 -3.11 8.71 -5.46
N ILE A 29 -1.79 8.62 -5.39
CA ILE A 29 -1.12 8.47 -4.13
C ILE A 29 -1.21 9.75 -3.32
N GLU A 30 -1.41 9.57 -2.05
CA GLU A 30 -1.46 10.70 -1.16
C GLU A 30 -0.71 10.36 0.10
N PHE A 31 -0.42 11.36 0.91
CA PHE A 31 0.36 11.08 2.11
C PHE A 31 -0.44 11.22 3.40
N VAL A 32 -1.39 10.31 3.54
CA VAL A 32 -2.24 10.23 4.72
C VAL A 32 -1.33 10.08 5.95
N ASP A 33 -0.28 9.30 5.85
CA ASP A 33 0.68 9.16 6.96
C ASP A 33 2.10 9.12 6.42
N ASP A 34 3.09 9.51 7.23
CA ASP A 34 4.49 9.48 6.80
C ASP A 34 4.85 8.09 6.27
N ASP A 35 4.50 7.09 7.06
CA ASP A 35 4.85 5.70 6.76
C ASP A 35 3.86 4.97 5.88
N TRP A 36 2.58 5.24 6.06
CA TRP A 36 1.57 4.67 5.19
C TRP A 36 0.91 5.78 4.37
N TRP A 37 1.04 5.76 3.04
CA TRP A 37 0.43 6.77 2.17
C TRP A 37 -0.82 6.14 1.59
N LEU A 38 -1.68 6.93 0.94
CA LEU A 38 -2.91 6.38 0.41
C LEU A 38 -2.85 6.26 -1.10
N GLY A 39 -3.64 5.33 -1.60
CA GLY A 39 -3.63 5.13 -3.04
C GLY A 39 -4.97 5.03 -3.73
N GLU A 40 -4.86 4.52 -4.93
CA GLU A 40 -5.96 4.23 -5.85
C GLU A 40 -5.36 3.30 -6.88
N LEU A 41 -5.83 2.08 -7.01
CA LEU A 41 -5.20 1.20 -7.98
C LEU A 41 -5.65 1.51 -9.40
N GLU A 42 -4.70 1.83 -10.26
CA GLU A 42 -5.02 2.10 -11.64
C GLU A 42 -5.73 0.90 -12.26
N LYS A 43 -5.28 -0.29 -11.87
CA LYS A 43 -5.86 -1.52 -12.42
C LYS A 43 -7.29 -1.79 -11.91
N ASP A 44 -7.55 -1.58 -10.62
CA ASP A 44 -8.91 -1.85 -10.09
C ASP A 44 -9.56 -0.67 -9.37
N GLY A 45 -8.78 0.36 -9.10
CA GLY A 45 -9.32 1.54 -8.42
C GLY A 45 -9.51 1.37 -6.92
N SER A 46 -8.68 0.57 -6.27
CA SER A 46 -8.81 0.39 -4.82
C SER A 46 -8.03 1.47 -4.07
N LYS A 47 -8.61 1.98 -2.98
CA LYS A 47 -7.97 3.04 -2.20
C LYS A 47 -7.76 2.61 -0.74
N GLY A 48 -6.65 3.06 -0.16
CA GLY A 48 -6.36 2.77 1.24
C GLY A 48 -4.93 3.13 1.59
N LEU A 49 -4.63 3.29 2.87
CA LEU A 49 -3.27 3.61 3.25
C LEU A 49 -2.45 2.36 3.08
N PHE A 50 -1.41 2.44 2.30
CA PHE A 50 -0.62 1.28 2.00
C PHE A 50 0.77 1.39 2.58
N PRO A 51 1.43 0.26 2.78
CA PRO A 51 2.76 0.23 3.33
C PRO A 51 3.74 0.94 2.44
N SER A 52 4.97 0.91 2.91
CA SER A 52 5.99 1.52 2.05
C SER A 52 7.14 0.61 1.73
N ASN A 53 7.31 -0.40 2.56
CA ASN A 53 8.31 -1.41 2.37
C ASN A 53 7.81 -2.46 1.38
N TYR A 54 6.46 -2.68 1.34
CA TYR A 54 5.85 -3.67 0.45
C TYR A 54 5.76 -3.11 -0.98
N VAL A 55 5.89 -1.78 -1.13
CA VAL A 55 5.76 -1.11 -2.44
C VAL A 55 6.76 0.04 -2.64
N SER A 56 7.00 0.37 -3.89
CA SER A 56 7.88 1.47 -4.28
C SER A 56 7.09 2.55 -5.03
N LEU A 57 7.45 3.82 -4.81
CA LEU A 57 6.75 4.93 -5.47
C LEU A 57 7.31 5.18 -6.86
N GLY A 58 6.41 5.27 -7.83
CA GLY A 58 6.81 5.52 -9.20
C GLY A 58 7.05 6.99 -9.47
N ASN A 59 7.02 7.82 -8.41
CA ASN A 59 7.22 9.25 -8.55
C ASN A 59 7.43 9.90 -7.18
N ALA B 1 2.01 -16.13 -0.14
CA ALA B 1 2.37 -17.38 -0.86
C ALA B 1 3.87 -17.42 -1.16
N LYS B 2 4.28 -16.96 -2.36
CA LYS B 2 5.70 -16.91 -2.74
C LYS B 2 6.65 -16.77 -1.54
N LYS B 3 7.92 -17.08 -1.76
CA LYS B 3 8.91 -17.04 -0.69
C LYS B 3 9.08 -15.66 -0.06
N THR B 4 8.73 -15.61 1.22
CA THR B 4 8.84 -14.43 2.07
C THR B 4 8.36 -13.11 1.46
N LYS B 5 7.98 -12.22 2.36
CA LYS B 5 7.54 -10.87 2.01
C LYS B 5 7.87 -9.96 3.18
N PRO B 6 8.23 -8.71 2.92
CA PRO B 6 8.51 -7.77 4.01
C PRO B 6 7.38 -7.84 5.02
N THR B 7 7.59 -7.36 6.23
CA THR B 7 6.53 -7.36 7.21
C THR B 7 5.88 -5.99 7.22
N PRO B 8 4.55 -5.86 6.94
CA PRO B 8 3.91 -4.55 6.92
C PRO B 8 4.28 -3.77 8.18
N PRO B 9 5.15 -2.76 8.03
CA PRO B 9 5.64 -1.99 9.17
C PRO B 9 4.51 -1.49 10.03
N PRO B 10 4.84 -1.04 11.26
CA PRO B 10 3.87 -0.49 12.18
C PRO B 10 2.84 0.36 11.45
N LYS B 11 1.72 0.63 12.07
CA LYS B 11 0.67 1.43 11.48
C LYS B 11 0.29 2.50 12.47
N PRO B 12 0.28 3.77 12.08
CA PRO B 12 -0.08 4.82 13.01
C PRO B 12 -1.49 4.53 13.52
N SER B 13 -1.56 4.26 14.83
CA SER B 13 -2.77 3.81 15.50
C SER B 13 -4.04 4.59 15.20
N HIS B 14 -3.88 5.79 14.65
CA HIS B 14 -5.02 6.60 14.26
C HIS B 14 -5.57 6.12 12.90
N LEU B 15 -4.90 5.12 12.32
CA LEU B 15 -5.34 4.59 11.03
C LEU B 15 -5.78 3.13 11.11
N LYS B 16 -6.50 2.79 12.17
CA LYS B 16 -6.98 1.44 12.36
C LYS B 16 -8.49 1.40 12.13
N PRO B 17 -9.02 0.27 11.62
CA PRO B 17 -10.44 0.17 11.34
C PRO B 17 -11.29 0.55 12.56
N LYS B 18 -12.51 1.03 12.34
CA LYS B 18 -13.38 1.38 13.45
C LYS B 18 -13.85 0.14 14.20
N ALA A 1 -2.63 12.51 -7.61
CA ALA A 1 -1.56 12.24 -6.61
C ALA A 1 -0.53 11.28 -7.16
N PRO A 2 0.62 11.12 -6.48
CA PRO A 2 1.69 10.22 -6.91
C PRO A 2 1.21 8.78 -7.04
N TRP A 3 2.01 7.97 -7.71
CA TRP A 3 1.67 6.58 -7.96
C TRP A 3 2.84 5.66 -7.62
N ALA A 4 2.52 4.39 -7.35
CA ALA A 4 3.54 3.43 -7.01
C ALA A 4 3.28 2.06 -7.63
N THR A 5 4.33 1.28 -7.68
CA THR A 5 4.27 -0.06 -8.20
C THR A 5 4.58 -1.04 -7.09
N ALA A 6 4.00 -2.23 -7.19
CA ALA A 6 4.22 -3.26 -6.19
C ALA A 6 5.51 -4.03 -6.46
N GLU A 7 6.19 -4.38 -5.39
CA GLU A 7 7.43 -5.14 -5.45
C GLU A 7 7.29 -6.53 -4.84
N TYR A 8 6.21 -6.72 -4.06
CA TYR A 8 5.91 -8.01 -3.43
C TYR A 8 4.40 -8.23 -3.55
N ASP A 9 3.85 -9.18 -2.79
CA ASP A 9 2.42 -9.47 -2.70
C ASP A 9 1.98 -8.97 -1.34
N TYR A 10 0.80 -8.39 -1.24
CA TYR A 10 0.37 -7.82 0.04
C TYR A 10 -1.05 -8.23 0.41
N ASP A 11 -1.19 -8.77 1.62
CA ASP A 11 -2.50 -9.15 2.10
C ASP A 11 -2.89 -8.35 3.36
N ALA A 12 -3.03 -7.01 3.19
CA ALA A 12 -3.44 -6.07 4.26
C ALA A 12 -3.40 -6.69 5.67
N ALA A 13 -2.29 -6.52 6.36
CA ALA A 13 -2.09 -7.09 7.69
C ALA A 13 -3.10 -6.62 8.78
N GLU A 14 -3.65 -5.41 8.73
CA GLU A 14 -4.55 -4.97 9.83
C GLU A 14 -6.05 -4.81 9.53
N ASP A 15 -6.42 -4.46 8.30
CA ASP A 15 -7.83 -4.26 7.89
C ASP A 15 -7.94 -3.03 7.01
N ASN A 16 -7.60 -1.85 7.52
CA ASN A 16 -7.70 -0.73 6.60
C ASN A 16 -6.34 -0.47 5.99
N GLU A 17 -5.83 -1.48 5.33
CA GLU A 17 -4.71 -1.39 4.45
C GLU A 17 -5.25 -1.71 3.07
N LEU A 18 -4.48 -1.50 2.05
CA LEU A 18 -4.91 -1.90 0.73
C LEU A 18 -4.34 -3.28 0.56
N THR A 19 -4.72 -3.93 -0.52
CA THR A 19 -4.26 -5.28 -0.76
C THR A 19 -3.96 -5.43 -2.22
N PHE A 20 -2.76 -5.86 -2.52
CA PHE A 20 -2.36 -5.93 -3.90
C PHE A 20 -1.35 -7.04 -4.15
N VAL A 21 -0.90 -7.14 -5.39
CA VAL A 21 0.08 -8.12 -5.80
C VAL A 21 1.08 -7.51 -6.74
N GLU A 22 2.36 -7.88 -6.61
CA GLU A 22 3.44 -7.37 -7.44
C GLU A 22 3.00 -6.91 -8.82
N ASN A 23 3.73 -5.95 -9.32
CA ASN A 23 3.41 -5.40 -10.63
C ASN A 23 2.03 -4.72 -10.62
N ASP A 24 1.36 -4.68 -9.46
CA ASP A 24 0.06 -4.04 -9.36
C ASP A 24 0.28 -2.56 -9.25
N LYS A 25 -0.43 -1.83 -10.09
CA LYS A 25 -0.31 -0.42 -10.13
C LYS A 25 -1.08 0.26 -9.00
N ILE A 26 -0.48 1.30 -8.43
CA ILE A 26 -1.13 2.07 -7.37
C ILE A 26 -1.09 3.56 -7.74
N ILE A 27 -2.14 4.30 -7.42
CA ILE A 27 -2.19 5.71 -7.78
C ILE A 27 -2.88 6.52 -6.70
N ASN A 28 -2.85 7.82 -6.85
CA ASN A 28 -3.42 8.72 -5.89
C ASN A 28 -2.76 8.50 -4.53
N ILE A 29 -1.44 8.39 -4.57
CA ILE A 29 -0.66 8.10 -3.38
C ILE A 29 -0.58 9.28 -2.43
N GLU A 30 -1.71 9.69 -1.88
CA GLU A 30 -1.64 10.78 -0.93
C GLU A 30 -0.77 10.41 0.26
N PHE A 31 -0.40 11.40 1.05
CA PHE A 31 0.46 11.12 2.19
C PHE A 31 -0.27 11.32 3.51
N VAL A 32 -1.27 10.48 3.73
CA VAL A 32 -2.04 10.48 4.97
C VAL A 32 -1.10 10.23 6.14
N ASP A 33 -0.10 9.39 5.93
CA ASP A 33 0.91 9.11 6.95
C ASP A 33 2.30 9.15 6.31
N ASP A 34 3.33 9.21 7.14
CA ASP A 34 4.70 9.20 6.63
C ASP A 34 4.99 7.82 6.04
N ASP A 35 4.67 6.81 6.85
CA ASP A 35 4.96 5.42 6.51
C ASP A 35 3.90 4.71 5.69
N TRP A 36 2.61 4.98 5.95
CA TRP A 36 1.56 4.38 5.11
C TRP A 36 0.87 5.49 4.34
N TRP A 37 1.02 5.54 3.02
CA TRP A 37 0.38 6.54 2.20
C TRP A 37 -0.91 5.95 1.71
N LEU A 38 -1.79 6.78 1.18
CA LEU A 38 -3.07 6.29 0.72
C LEU A 38 -3.10 6.19 -0.78
N GLY A 39 -3.90 5.27 -1.26
CA GLY A 39 -3.93 5.09 -2.69
C GLY A 39 -5.27 5.01 -3.36
N GLU A 40 -5.15 4.54 -4.59
CA GLU A 40 -6.22 4.28 -5.52
C GLU A 40 -5.57 3.40 -6.58
N LEU A 41 -6.08 2.23 -6.89
CA LEU A 41 -5.39 1.42 -7.89
C LEU A 41 -5.77 1.85 -9.29
N GLU A 42 -4.76 2.23 -10.06
CA GLU A 42 -4.99 2.64 -11.42
C GLU A 42 -5.68 1.51 -12.18
N LYS A 43 -5.24 0.28 -11.90
CA LYS A 43 -5.77 -0.87 -12.61
C LYS A 43 -7.24 -1.18 -12.25
N ASP A 44 -7.63 -1.10 -10.97
CA ASP A 44 -9.02 -1.45 -10.58
C ASP A 44 -9.72 -0.35 -9.79
N GLY A 45 -8.98 0.70 -9.46
CA GLY A 45 -9.56 1.80 -8.71
C GLY A 45 -9.78 1.51 -7.24
N SER A 46 -8.97 0.65 -6.64
CA SER A 46 -9.13 0.33 -5.23
C SER A 46 -8.34 1.31 -4.38
N LYS A 47 -8.92 1.74 -3.26
CA LYS A 47 -8.26 2.70 -2.38
C LYS A 47 -8.05 2.12 -0.99
N GLY A 48 -6.99 2.58 -0.33
CA GLY A 48 -6.67 2.16 1.01
C GLY A 48 -5.24 2.49 1.36
N LEU A 49 -4.91 2.51 2.65
CA LEU A 49 -3.55 2.83 3.03
C LEU A 49 -2.66 1.68 2.68
N PHE A 50 -1.38 1.93 2.59
CA PHE A 50 -0.45 0.90 2.21
C PHE A 50 0.96 1.15 2.72
N PRO A 51 1.71 0.06 2.89
CA PRO A 51 3.09 0.09 3.37
C PRO A 51 3.99 0.95 2.51
N SER A 52 5.23 0.92 2.96
CA SER A 52 6.22 1.66 2.17
C SER A 52 7.43 0.86 1.79
N ASN A 53 7.71 -0.18 2.57
CA ASN A 53 8.82 -1.06 2.27
C ASN A 53 8.35 -2.21 1.39
N TYR A 54 7.02 -2.45 1.35
CA TYR A 54 6.44 -3.50 0.52
C TYR A 54 6.26 -3.00 -0.95
N VAL A 55 6.38 -1.66 -1.17
CA VAL A 55 6.15 -1.06 -2.51
C VAL A 55 7.14 0.03 -2.88
N SER A 56 7.25 0.28 -4.17
CA SER A 56 8.11 1.32 -4.71
C SER A 56 7.27 2.44 -5.33
N LEU A 57 7.64 3.69 -5.05
CA LEU A 57 6.89 4.82 -5.59
C LEU A 57 7.37 5.16 -7.01
N GLY A 58 6.42 5.31 -7.92
CA GLY A 58 6.76 5.61 -9.29
C GLY A 58 7.01 7.10 -9.53
N ASN A 59 7.09 7.88 -8.45
CA ASN A 59 7.33 9.31 -8.55
C ASN A 59 8.22 9.80 -7.42
N ALA B 1 14.00 -10.76 -7.56
CA ALA B 1 13.92 -11.82 -6.53
C ALA B 1 12.63 -11.75 -5.74
N LYS B 2 11.48 -11.79 -6.41
CA LYS B 2 10.21 -11.83 -5.72
C LYS B 2 10.01 -13.09 -4.89
N LYS B 3 10.13 -12.98 -3.59
CA LYS B 3 9.98 -14.10 -2.66
C LYS B 3 10.64 -13.70 -1.35
N THR B 4 9.76 -13.41 -0.40
CA THR B 4 10.10 -12.89 0.90
C THR B 4 9.50 -11.52 0.93
N LYS B 5 8.45 -11.35 1.71
CA LYS B 5 7.77 -10.09 1.78
C LYS B 5 8.06 -9.40 3.10
N PRO B 6 8.49 -8.14 3.07
CA PRO B 6 8.77 -7.39 4.29
C PRO B 6 7.68 -7.59 5.34
N THR B 7 7.92 -7.12 6.54
CA THR B 7 6.89 -7.18 7.57
C THR B 7 6.20 -5.83 7.62
N PRO B 8 4.93 -5.74 7.18
CA PRO B 8 4.21 -4.45 7.17
C PRO B 8 4.47 -3.66 8.45
N PRO B 9 5.25 -2.55 8.33
CA PRO B 9 5.66 -1.75 9.49
C PRO B 9 4.52 -1.18 10.32
N PRO B 10 4.83 -0.89 11.60
CA PRO B 10 3.90 -0.30 12.58
C PRO B 10 2.97 0.78 11.99
N LYS B 11 1.95 0.48 11.20
CA LYS B 11 1.08 1.49 10.62
C LYS B 11 0.48 2.34 11.74
N PRO B 12 0.35 3.66 11.51
CA PRO B 12 -0.17 4.57 12.52
C PRO B 12 -1.59 4.21 12.92
N SER B 13 -1.77 4.05 14.23
CA SER B 13 -3.02 3.60 14.83
C SER B 13 -4.24 4.51 14.66
N HIS B 14 -4.04 5.67 14.02
CA HIS B 14 -5.15 6.58 13.75
C HIS B 14 -5.79 6.25 12.39
N LEU B 15 -5.15 5.34 11.65
CA LEU B 15 -5.67 4.98 10.35
C LEU B 15 -6.23 3.58 10.31
N LYS B 16 -7.05 3.27 11.31
CA LYS B 16 -7.75 2.01 11.39
C LYS B 16 -9.21 2.23 11.02
N PRO B 17 -9.96 1.16 10.72
CA PRO B 17 -11.37 1.28 10.34
C PRO B 17 -12.28 1.40 11.55
N LYS B 18 -13.51 1.87 11.35
CA LYS B 18 -14.45 2.00 12.46
C LYS B 18 -15.47 0.87 12.44
N ALA A 1 -2.24 12.93 -7.43
CA ALA A 1 -1.28 12.40 -6.41
C ALA A 1 -0.22 11.51 -7.05
N PRO A 2 0.79 11.11 -6.27
CA PRO A 2 1.87 10.24 -6.75
C PRO A 2 1.39 8.80 -6.94
N TRP A 3 2.24 8.00 -7.55
CA TRP A 3 1.90 6.61 -7.82
C TRP A 3 3.08 5.70 -7.50
N ALA A 4 2.77 4.42 -7.45
CA ALA A 4 3.78 3.44 -7.14
C ALA A 4 3.47 2.06 -7.71
N THR A 5 4.50 1.24 -7.78
CA THR A 5 4.35 -0.13 -8.24
C THR A 5 4.64 -1.02 -7.08
N ALA A 6 4.03 -2.17 -7.09
CA ALA A 6 4.21 -3.09 -6.02
C ALA A 6 5.54 -3.81 -6.09
N GLU A 7 5.90 -4.38 -4.95
CA GLU A 7 7.13 -5.13 -4.80
C GLU A 7 6.91 -6.52 -4.19
N TYR A 8 5.77 -6.70 -3.52
CA TYR A 8 5.41 -7.98 -2.91
C TYR A 8 3.92 -8.23 -3.16
N ASP A 9 3.36 -9.31 -2.61
CA ASP A 9 1.94 -9.67 -2.73
C ASP A 9 1.27 -9.41 -1.39
N TYR A 10 0.78 -8.20 -1.26
CA TYR A 10 0.21 -7.69 -0.02
C TYR A 10 -1.22 -8.09 0.20
N ASP A 11 -1.46 -8.72 1.34
CA ASP A 11 -2.81 -9.10 1.70
C ASP A 11 -3.31 -8.30 2.90
N ALA A 12 -3.41 -6.98 2.73
CA ALA A 12 -3.89 -6.04 3.74
C ALA A 12 -3.88 -6.59 5.18
N ALA A 13 -2.74 -6.43 5.85
CA ALA A 13 -2.56 -6.91 7.22
C ALA A 13 -3.52 -6.29 8.27
N GLU A 14 -3.99 -5.06 8.10
CA GLU A 14 -4.85 -4.43 9.12
C GLU A 14 -6.34 -4.19 8.78
N ASP A 15 -6.78 -4.60 7.60
CA ASP A 15 -8.19 -4.46 7.18
C ASP A 15 -8.27 -3.23 6.31
N ASN A 16 -7.94 -2.04 6.85
CA ASN A 16 -8.00 -0.91 5.94
C ASN A 16 -6.61 -0.67 5.38
N GLU A 17 -6.10 -1.68 4.73
CA GLU A 17 -4.95 -1.61 3.88
C GLU A 17 -5.50 -1.93 2.50
N LEU A 18 -4.73 -1.73 1.47
CA LEU A 18 -5.17 -2.13 0.15
C LEU A 18 -4.62 -3.53 -0.06
N THR A 19 -5.07 -4.17 -1.12
CA THR A 19 -4.59 -5.50 -1.41
C THR A 19 -4.08 -5.52 -2.82
N PHE A 20 -2.83 -5.87 -2.96
CA PHE A 20 -2.21 -5.80 -4.26
C PHE A 20 -1.09 -6.83 -4.43
N VAL A 21 -0.47 -6.77 -5.59
CA VAL A 21 0.64 -7.65 -5.93
C VAL A 21 1.73 -6.87 -6.66
N GLU A 22 2.99 -7.24 -6.43
CA GLU A 22 4.19 -6.60 -7.00
C GLU A 22 4.01 -5.81 -8.33
N ASN A 23 3.17 -6.36 -9.13
CA ASN A 23 2.90 -5.76 -10.44
C ASN A 23 1.58 -4.99 -10.48
N ASP A 24 1.13 -4.56 -9.30
CA ASP A 24 -0.10 -3.79 -9.17
C ASP A 24 0.21 -2.30 -9.15
N LYS A 25 -0.46 -1.58 -10.02
CA LYS A 25 -0.30 -0.16 -10.10
C LYS A 25 -1.04 0.52 -8.96
N ILE A 26 -0.31 1.29 -8.18
CA ILE A 26 -0.91 1.99 -7.07
C ILE A 26 -0.85 3.46 -7.42
N ILE A 27 -2.00 4.06 -7.55
CA ILE A 27 -2.07 5.44 -7.93
C ILE A 27 -2.82 6.26 -6.91
N ASN A 28 -2.74 7.57 -7.08
CA ASN A 28 -3.35 8.49 -6.15
C ASN A 28 -2.77 8.26 -4.76
N ILE A 29 -1.45 8.13 -4.73
CA ILE A 29 -0.74 7.82 -3.50
C ILE A 29 -0.69 9.02 -2.56
N GLU A 30 -1.81 9.46 -2.04
CA GLU A 30 -1.75 10.59 -1.11
C GLU A 30 -0.92 10.27 0.13
N PHE A 31 -0.59 11.33 0.85
CA PHE A 31 0.21 11.17 2.05
C PHE A 31 -0.62 11.35 3.31
N VAL A 32 -1.44 10.35 3.58
CA VAL A 32 -2.30 10.33 4.76
C VAL A 32 -1.44 10.09 6.01
N ASP A 33 -0.40 9.27 5.89
CA ASP A 33 0.51 9.02 7.00
C ASP A 33 1.94 9.04 6.50
N ASP A 34 2.91 9.14 7.41
CA ASP A 34 4.31 9.13 7.02
C ASP A 34 4.65 7.75 6.46
N ASP A 35 4.28 6.74 7.24
CA ASP A 35 4.60 5.35 6.95
C ASP A 35 3.60 4.63 6.06
N TRP A 36 2.31 4.91 6.23
CA TRP A 36 1.32 4.28 5.36
C TRP A 36 0.58 5.32 4.52
N TRP A 37 0.79 5.34 3.21
CA TRP A 37 0.12 6.29 2.31
C TRP A 37 -1.13 5.64 1.79
N LEU A 38 -1.97 6.43 1.15
CA LEU A 38 -3.20 5.92 0.63
C LEU A 38 -3.14 5.77 -0.87
N GLY A 39 -3.95 4.86 -1.37
CA GLY A 39 -3.89 4.66 -2.80
C GLY A 39 -5.20 4.63 -3.55
N GLU A 40 -5.03 4.19 -4.79
CA GLU A 40 -6.07 3.98 -5.77
C GLU A 40 -5.42 3.10 -6.83
N LEU A 41 -5.95 1.93 -7.12
CA LEU A 41 -5.28 1.09 -8.11
C LEU A 41 -5.67 1.48 -9.53
N GLU A 42 -4.68 1.84 -10.34
CA GLU A 42 -4.93 2.23 -11.70
C GLU A 42 -5.66 1.10 -12.45
N LYS A 43 -5.25 -0.14 -12.19
CA LYS A 43 -5.84 -1.28 -12.90
C LYS A 43 -7.33 -1.52 -12.54
N ASP A 44 -7.71 -1.41 -11.27
CA ASP A 44 -9.10 -1.68 -10.88
C ASP A 44 -9.76 -0.52 -10.12
N GLY A 45 -8.96 0.49 -9.82
CA GLY A 45 -9.47 1.64 -9.09
C GLY A 45 -9.74 1.35 -7.62
N SER A 46 -8.93 0.50 -7.00
CA SER A 46 -9.15 0.17 -5.59
C SER A 46 -8.35 1.13 -4.72
N LYS A 47 -8.94 1.57 -3.61
CA LYS A 47 -8.27 2.49 -2.72
C LYS A 47 -8.10 1.88 -1.33
N GLY A 48 -6.98 2.25 -0.69
CA GLY A 48 -6.68 1.78 0.64
C GLY A 48 -5.25 2.08 1.02
N LEU A 49 -4.95 2.13 2.30
CA LEU A 49 -3.61 2.44 2.73
C LEU A 49 -2.68 1.27 2.46
N PHE A 50 -1.40 1.50 2.71
CA PHE A 50 -0.38 0.48 2.47
C PHE A 50 0.93 0.85 3.13
N PRO A 51 1.80 -0.14 3.42
CA PRO A 51 3.07 0.18 4.05
C PRO A 51 4.08 0.52 2.97
N SER A 52 4.23 1.82 2.87
CA SER A 52 5.11 2.41 1.86
C SER A 52 6.40 1.59 1.56
N ASN A 53 6.88 0.77 2.53
CA ASN A 53 8.09 -0.03 2.34
C ASN A 53 7.80 -1.34 1.56
N TYR A 54 6.53 -1.66 1.44
CA TYR A 54 6.11 -2.84 0.70
C TYR A 54 5.98 -2.47 -0.79
N VAL A 55 6.20 -1.18 -1.12
CA VAL A 55 6.03 -0.70 -2.50
C VAL A 55 7.11 0.30 -2.91
N SER A 56 7.28 0.44 -4.22
CA SER A 56 8.21 1.39 -4.78
C SER A 56 7.43 2.54 -5.42
N LEU A 57 7.76 3.77 -5.04
CA LEU A 57 7.05 4.92 -5.59
C LEU A 57 7.52 5.23 -7.01
N GLY A 58 6.55 5.37 -7.89
CA GLY A 58 6.84 5.63 -9.28
C GLY A 58 7.16 7.09 -9.56
N ASN A 59 7.20 7.91 -8.52
CA ASN A 59 7.49 9.34 -8.67
C ASN A 59 7.51 10.04 -7.31
N ALA B 1 0.82 -17.48 6.24
CA ALA B 1 2.24 -17.62 5.79
C ALA B 1 2.66 -16.42 4.93
N LYS B 2 3.42 -16.68 3.84
CA LYS B 2 3.92 -15.61 2.94
C LYS B 2 5.35 -15.90 2.47
N LYS B 3 6.26 -15.91 3.44
CA LYS B 3 7.67 -16.20 3.18
C LYS B 3 8.26 -15.40 2.02
N THR B 4 8.51 -14.08 2.22
CA THR B 4 9.12 -13.21 1.18
C THR B 4 8.54 -11.80 1.07
N LYS B 5 8.02 -11.25 2.16
CA LYS B 5 7.58 -9.85 2.14
C LYS B 5 7.81 -9.20 3.50
N PRO B 6 8.32 -7.96 3.50
CA PRO B 6 8.56 -7.21 4.74
C PRO B 6 7.38 -7.36 5.69
N THR B 7 7.55 -6.97 6.94
CA THR B 7 6.43 -7.01 7.86
C THR B 7 5.75 -5.65 7.82
N PRO B 8 4.52 -5.55 7.26
CA PRO B 8 3.81 -4.26 7.14
C PRO B 8 4.08 -3.36 8.35
N PRO B 9 5.05 -2.43 8.19
CA PRO B 9 5.50 -1.52 9.24
C PRO B 9 4.46 -1.14 10.28
N PRO B 10 4.93 -0.81 11.50
CA PRO B 10 4.08 -0.37 12.62
C PRO B 10 3.11 0.74 12.19
N LYS B 11 2.09 0.48 11.37
CA LYS B 11 1.19 1.49 10.88
C LYS B 11 0.60 2.29 12.05
N PRO B 12 0.80 3.62 12.03
CA PRO B 12 0.36 4.52 13.08
C PRO B 12 -1.03 4.18 13.61
N SER B 13 -1.10 4.02 14.93
CA SER B 13 -2.31 3.60 15.64
C SER B 13 -3.55 4.44 15.37
N HIS B 14 -3.33 5.71 15.02
CA HIS B 14 -4.43 6.59 14.63
C HIS B 14 -4.86 6.27 13.19
N LEU B 15 -4.12 5.36 12.56
CA LEU B 15 -4.37 5.00 11.18
C LEU B 15 -4.93 3.58 11.04
N LYS B 16 -5.82 3.22 11.97
CA LYS B 16 -6.51 1.94 11.97
C LYS B 16 -7.95 2.13 11.48
N PRO B 17 -8.61 1.07 11.03
CA PRO B 17 -10.00 1.15 10.55
C PRO B 17 -10.97 1.34 11.71
N LYS B 18 -12.18 1.83 11.42
CA LYS B 18 -13.18 2.02 12.46
C LYS B 18 -12.64 2.92 13.57
#